data_6ETI
#
_entry.id   6ETI
#
_cell.length_a   1.000
_cell.length_b   1.000
_cell.length_c   1.000
_cell.angle_alpha   90.00
_cell.angle_beta   90.00
_cell.angle_gamma   90.00
#
_symmetry.space_group_name_H-M   'P 1'
#
loop_
_entity.id
_entity.type
_entity.pdbx_description
1 polymer 'ATP-binding cassette sub-family G member 2'
2 polymer '5D3(Fab) light chain variable domain'
3 polymer '5D3(Fab) heavy chain variable domain'
4 branched 2-acetamido-2-deoxy-beta-D-glucopyranose-(1-4)-2-acetamido-2-deoxy-beta-D-glucopyranose
5 non-polymer '~{tert}-butyl 3-[(2~{S},5~{S},8~{S})-14-cyclopentyloxy-2-(2-methylpropyl)-4,7-bis(oxidanylidene)-3,6,17-triazatetracyclo[8.7.0.0^{3,8}.0^{11,16}]heptadeca-1(10),11,13,15-tetraen-5-yl]propanoate'
#
loop_
_entity_poly.entity_id
_entity_poly.type
_entity_poly.pdbx_seq_one_letter_code
_entity_poly.pdbx_strand_id
1 'polypeptide(L)'
;MSSSNVEVFIPVSQGNTNGFPATASNDLKAFTEGAVLSFHNICYRVKLKSGFLPCRKPVEKEILSNINGIMKPGLNAILG
PTGGGKSSLLDVLAARKDPSGLSGDVLINGAPRPANFKCNSGYVVQDDVVMGTLTVRENLQFSAALRLATTMTNHEKNER
INRVIQELGLDKVADSKVGTQFIRGVSGGERKRTSIGMELITDPSILFLDEPTTGLDSSTANAVLLLLKRMSKQGRTIIF
SIHQPRYSIFKLFDSLTLLASGRLMFHGPAQEALGYFESAGYHCEAYNNPADFFLDIINGDSTAVALNREEDFKATEIIE
PSKQDKPLIEKLAEIYVNSSFYKETKAELHQLSGGEKKKKITVFKEISYTTSFCHQLRWVSKRSFKNLLGNPQASIAQII
VTVVLGLVIGAIYFGLKNDSTGIQNRAGVLFFLTTNQCFSSVSAVELFVVEKKLFIHEYISGYYRVSSYFLGKLLSDLLP
MRMLPSIIFTCIVYFMLGLKPKADAFFVMMFTLMMVAYSASSMALAIAAGQSVVSVATLLMTICFVFMMIFSGLLVNLTT
IASWLSWLQYFSIPRYGFTALQHNEFLGQNFCPGLNATGNNPCNYATCTGEEYLVKQGIDLSPWGLWKNHVALACMIVIF
LTIAYLKLLFLKKYS
;
A,B
2 'polypeptide(L)'
;DIVLTQSPSSFSVSLGDRVTISCKASGYILNRLAWYQQKPGNAPRLLISGATSLETGFPSRFSGTGSGKDYTLSISSLQT
EDVGTYYCQQYWSTPWTFGGGTKLEIRRADAAPTVSIFPPSSEQLTSGGASVVCFLNNFYPKDINVKWKIDGSERQNGVL
NSWTDQDSKDSTYSMSSTLTLTKDEYERHNSYTCEATHKTSTSPIVKSFNRNEC
;
C,E
3 'polypeptide(L)'
;QVQLQESGPGLVKPSQSLSLTCTVTGFSITSDYAWNWIRQFPGKKLEWMGYINFDGGTTYNPSLRGRISITRDTSKNQFF
LQLRSVTPEDTATYYCATFYGAKGTLDYWGQGTSVTVSSAKTTPPSVYPLAPVCGDTSGSSVTLGCLVKGYFPEPVTLTW
NSGSLSSGVHTFPAVLQSDLYTLSSSVTVTSSTWPSQSITCNVAHPASSTKVDKKIEPRGP
;
D,F
#
# COMPACT_ATOMS: atom_id res chain seq x y z
N ALA A 35 52.51 -15.29 -20.73
CA ALA A 35 52.08 -14.91 -19.39
C ALA A 35 52.09 -16.11 -18.46
N VAL A 36 52.68 -15.95 -17.27
CA VAL A 36 52.65 -16.99 -16.25
C VAL A 36 52.30 -16.35 -14.91
N LEU A 37 51.19 -16.77 -14.32
CA LEU A 37 50.96 -16.44 -12.92
C LEU A 37 51.88 -17.29 -12.06
N SER A 38 52.25 -16.76 -10.90
CA SER A 38 53.06 -17.53 -9.96
C SER A 38 52.77 -16.97 -8.58
N PHE A 39 51.91 -17.65 -7.85
CA PHE A 39 51.48 -17.24 -6.52
C PHE A 39 52.22 -18.05 -5.46
N HIS A 40 52.34 -17.46 -4.27
CA HIS A 40 53.22 -18.03 -3.24
C HIS A 40 52.74 -17.63 -1.86
N ASN A 41 52.33 -18.62 -1.06
CA ASN A 41 52.12 -18.51 0.38
C ASN A 41 51.04 -17.50 0.74
N ILE A 42 49.84 -17.76 0.25
CA ILE A 42 48.71 -16.86 0.45
C ILE A 42 47.99 -17.24 1.73
N CYS A 43 47.83 -16.27 2.63
CA CYS A 43 47.08 -16.45 3.87
C CYS A 43 46.00 -15.39 3.90
N TYR A 44 44.84 -15.68 3.30
CA TYR A 44 43.76 -14.71 3.29
C TYR A 44 42.90 -14.88 4.54
N ARG A 45 42.45 -13.75 5.09
CA ARG A 45 41.57 -13.75 6.26
C ARG A 45 40.46 -12.75 6.05
N VAL A 46 39.37 -12.95 6.81
CA VAL A 46 38.22 -12.07 6.72
C VAL A 46 38.45 -10.85 7.60
N LYS A 61 39.20 -15.20 10.61
CA LYS A 61 39.02 -16.52 10.02
C LYS A 61 39.87 -16.68 8.77
N GLU A 62 40.80 -17.63 8.83
CA GLU A 62 41.76 -17.86 7.75
C GLU A 62 41.20 -18.94 6.82
N ILE A 63 40.34 -18.54 5.88
CA ILE A 63 39.90 -19.55 4.92
C ILE A 63 40.74 -19.54 3.66
N LEU A 64 42.03 -19.76 3.82
CA LEU A 64 43.05 -20.19 2.87
C LEU A 64 44.28 -20.32 3.77
N SER A 65 45.17 -21.28 3.54
CA SER A 65 46.27 -21.51 4.47
C SER A 65 47.62 -21.16 3.84
N ASN A 66 48.03 -21.90 2.80
CA ASN A 66 49.27 -21.60 2.07
C ASN A 66 49.22 -22.36 0.76
N ILE A 67 49.11 -21.63 -0.34
CA ILE A 67 48.88 -22.22 -1.64
C ILE A 67 49.97 -21.74 -2.59
N ASN A 68 50.63 -22.69 -3.25
CA ASN A 68 51.75 -22.39 -4.13
C ASN A 68 51.48 -22.98 -5.50
N GLY A 69 52.08 -22.41 -6.52
CA GLY A 69 51.98 -22.99 -7.84
C GLY A 69 52.05 -21.94 -8.92
N ILE A 70 52.58 -22.34 -10.07
CA ILE A 70 52.62 -21.47 -11.23
C ILE A 70 51.52 -21.91 -12.18
N MET A 71 51.13 -21.01 -13.08
CA MET A 71 50.09 -21.27 -14.07
C MET A 71 50.59 -20.85 -15.45
N LYS A 72 51.14 -21.82 -16.18
CA LYS A 72 51.69 -21.60 -17.49
C LYS A 72 50.57 -21.35 -18.51
N PRO A 73 50.89 -20.84 -19.70
CA PRO A 73 49.83 -20.64 -20.71
C PRO A 73 49.27 -21.95 -21.23
N GLY A 74 47.97 -22.15 -20.99
CA GLY A 74 47.29 -23.36 -21.36
C GLY A 74 45.84 -23.28 -20.91
N LEU A 75 45.34 -24.33 -20.27
CA LEU A 75 43.94 -24.40 -19.85
C LEU A 75 43.95 -24.90 -18.40
N ASN A 76 44.02 -23.96 -17.46
CA ASN A 76 44.21 -24.29 -16.04
C ASN A 76 42.86 -24.40 -15.35
N ALA A 77 42.77 -25.31 -14.39
CA ALA A 77 41.49 -25.59 -13.74
C ALA A 77 41.66 -25.72 -12.23
N ILE A 78 40.64 -25.31 -11.50
CA ILE A 78 40.67 -25.28 -10.03
C ILE A 78 39.47 -26.06 -9.54
N LEU A 79 39.68 -27.32 -9.12
CA LEU A 79 38.60 -28.19 -8.68
C LEU A 79 38.56 -28.30 -7.17
N GLY A 80 37.53 -28.98 -6.68
CA GLY A 80 37.36 -29.22 -5.27
C GLY A 80 35.91 -29.05 -4.83
N PRO A 81 35.65 -29.26 -3.54
CA PRO A 81 34.30 -29.03 -3.02
C PRO A 81 34.01 -27.54 -2.93
N THR A 82 32.73 -27.25 -2.64
CA THR A 82 32.23 -25.89 -2.79
C THR A 82 32.76 -24.96 -1.72
N GLY A 83 32.74 -25.39 -0.46
CA GLY A 83 33.19 -24.54 0.62
C GLY A 83 34.69 -24.38 0.75
N GLY A 84 35.48 -25.01 -0.12
CA GLY A 84 36.92 -24.94 -0.04
C GLY A 84 37.47 -23.66 -0.59
N GLY A 85 38.56 -23.77 -1.35
CA GLY A 85 39.21 -22.61 -1.93
C GLY A 85 39.06 -22.46 -3.42
N LYS A 86 38.13 -23.17 -4.05
CA LYS A 86 38.02 -23.10 -5.51
C LYS A 86 37.44 -21.77 -5.96
N SER A 87 36.68 -21.10 -5.11
CA SER A 87 36.11 -19.80 -5.46
C SER A 87 36.86 -18.64 -4.83
N SER A 88 37.68 -18.92 -3.82
CA SER A 88 38.42 -17.87 -3.14
C SER A 88 39.80 -17.67 -3.72
N LEU A 89 40.44 -18.72 -4.23
CA LEU A 89 41.74 -18.53 -4.86
C LEU A 89 41.60 -17.79 -6.18
N LEU A 90 40.48 -17.98 -6.88
CA LEU A 90 40.28 -17.33 -8.17
C LEU A 90 40.05 -15.83 -8.00
N ASP A 91 39.40 -15.42 -6.91
CA ASP A 91 39.20 -14.00 -6.64
C ASP A 91 40.44 -13.34 -6.07
N VAL A 92 41.37 -14.12 -5.53
CA VAL A 92 42.67 -13.59 -5.13
C VAL A 92 43.59 -13.43 -6.33
N LEU A 93 43.61 -14.42 -7.20
CA LEU A 93 44.42 -14.36 -8.42
C LEU A 93 43.93 -13.32 -9.42
N ALA A 94 42.68 -12.86 -9.31
CA ALA A 94 42.14 -11.85 -10.21
C ALA A 94 41.92 -10.51 -9.51
N ALA A 95 42.45 -10.35 -8.30
CA ALA A 95 42.35 -9.14 -7.47
C ALA A 95 40.91 -8.75 -7.18
N ARG A 96 40.00 -9.71 -7.11
CA ARG A 96 38.61 -9.40 -6.79
C ARG A 96 38.31 -9.50 -5.31
N LYS A 97 39.33 -9.64 -4.47
CA LYS A 97 39.17 -9.64 -3.02
C LYS A 97 39.99 -8.52 -2.40
N ASP A 98 39.68 -8.24 -1.14
CA ASP A 98 40.28 -7.12 -0.42
C ASP A 98 41.73 -7.43 -0.08
N PRO A 99 42.68 -6.57 -0.44
CA PRO A 99 44.09 -6.83 -0.10
C PRO A 99 44.43 -6.66 1.38
N SER A 100 43.47 -6.30 2.23
CA SER A 100 43.76 -6.22 3.67
C SER A 100 43.94 -7.60 4.27
N GLY A 101 43.33 -8.62 3.68
CA GLY A 101 43.48 -9.96 4.19
C GLY A 101 44.60 -10.73 3.53
N LEU A 102 45.04 -10.27 2.36
CA LEU A 102 46.03 -10.99 1.58
C LEU A 102 47.41 -10.90 2.23
N SER A 103 48.14 -12.02 2.22
CA SER A 103 49.45 -12.09 2.84
C SER A 103 50.58 -12.27 1.84
N GLY A 104 50.53 -13.31 1.02
CA GLY A 104 51.64 -13.61 0.13
C GLY A 104 51.61 -12.77 -1.13
N ASP A 105 52.53 -13.10 -2.03
CA ASP A 105 52.69 -12.36 -3.27
C ASP A 105 52.13 -13.13 -4.46
N VAL A 106 51.67 -12.38 -5.46
CA VAL A 106 51.24 -12.94 -6.74
C VAL A 106 52.02 -12.22 -7.81
N LEU A 107 52.74 -12.98 -8.64
CA LEU A 107 53.74 -12.43 -9.53
C LEU A 107 53.39 -12.81 -10.96
N ILE A 108 53.66 -11.92 -11.91
CA ILE A 108 53.45 -12.19 -13.32
C ILE A 108 54.75 -11.92 -14.05
N ASN A 109 55.37 -12.97 -14.60
CA ASN A 109 56.60 -12.90 -15.40
C ASN A 109 57.77 -12.29 -14.66
N GLY A 110 57.77 -12.32 -13.32
CA GLY A 110 58.78 -11.65 -12.54
C GLY A 110 58.42 -10.25 -12.09
N ALA A 111 57.28 -9.72 -12.51
CA ALA A 111 56.82 -8.41 -12.10
C ALA A 111 55.52 -8.51 -11.32
N PRO A 112 55.36 -7.75 -10.24
CA PRO A 112 54.12 -7.83 -9.44
C PRO A 112 52.94 -7.29 -10.21
N ARG A 113 51.75 -7.59 -9.69
CA ARG A 113 50.52 -7.13 -10.33
C ARG A 113 50.33 -5.64 -10.11
N PRO A 114 50.26 -4.83 -11.17
CA PRO A 114 50.05 -3.39 -10.98
C PRO A 114 48.59 -3.05 -10.74
N ALA A 115 48.28 -1.75 -10.70
CA ALA A 115 46.89 -1.30 -10.66
C ALA A 115 46.21 -1.39 -12.01
N ASN A 116 46.97 -1.63 -13.07
CA ASN A 116 46.46 -1.82 -14.42
C ASN A 116 46.07 -3.26 -14.69
N PHE A 117 46.10 -4.12 -13.66
CA PHE A 117 45.86 -5.55 -13.89
C PHE A 117 44.39 -5.84 -14.12
N LYS A 118 43.50 -5.12 -13.42
CA LYS A 118 42.07 -5.34 -13.59
C LYS A 118 41.57 -4.86 -14.93
N CYS A 119 42.32 -3.98 -15.61
CA CYS A 119 41.93 -3.52 -16.93
C CYS A 119 42.55 -4.35 -18.04
N ASN A 120 43.63 -5.06 -17.76
CA ASN A 120 44.32 -5.84 -18.77
C ASN A 120 44.04 -7.33 -18.68
N SER A 121 43.21 -7.77 -17.75
CA SER A 121 42.78 -9.15 -17.65
C SER A 121 41.27 -9.19 -17.62
N GLY A 122 40.70 -10.20 -18.26
CA GLY A 122 39.25 -10.35 -18.33
C GLY A 122 38.76 -11.35 -17.28
N TYR A 123 37.77 -10.92 -16.51
CA TYR A 123 37.09 -11.79 -15.56
C TYR A 123 35.66 -11.96 -16.01
N VAL A 124 35.16 -13.18 -15.96
CA VAL A 124 33.84 -13.52 -16.47
C VAL A 124 33.00 -14.04 -15.31
N VAL A 125 31.85 -13.40 -15.09
CA VAL A 125 30.97 -13.76 -13.97
C VAL A 125 30.31 -15.11 -14.25
N GLN A 126 29.90 -15.79 -13.18
CA GLN A 126 29.18 -17.06 -13.31
C GLN A 126 27.85 -16.87 -14.00
N ASP A 127 26.93 -16.14 -13.37
CA ASP A 127 25.67 -15.85 -14.04
C ASP A 127 25.84 -14.69 -15.01
N ASP A 128 24.99 -14.67 -16.04
CA ASP A 128 25.16 -13.73 -17.13
C ASP A 128 24.83 -12.32 -16.71
N VAL A 129 25.79 -11.42 -16.92
CA VAL A 129 25.59 -10.00 -16.67
C VAL A 129 25.32 -9.25 -17.98
N VAL A 130 24.99 -9.97 -19.03
CA VAL A 130 24.70 -9.34 -20.31
C VAL A 130 23.33 -8.69 -20.24
N MET A 131 23.18 -7.60 -20.98
CA MET A 131 21.90 -6.92 -21.09
C MET A 131 21.03 -7.73 -22.03
N GLY A 132 20.02 -8.39 -21.48
CA GLY A 132 19.16 -9.25 -22.27
C GLY A 132 18.23 -8.53 -23.20
N THR A 133 18.08 -7.22 -23.03
CA THR A 133 17.22 -6.41 -23.90
C THR A 133 17.99 -5.73 -25.02
N LEU A 134 19.30 -5.79 -25.01
CA LEU A 134 20.12 -5.35 -26.13
C LEU A 134 20.53 -6.57 -26.93
N THR A 135 21.06 -6.33 -28.12
CA THR A 135 21.49 -7.44 -28.96
C THR A 135 22.96 -7.74 -28.73
N VAL A 136 23.45 -8.79 -29.41
CA VAL A 136 24.83 -9.23 -29.25
C VAL A 136 25.79 -8.22 -29.88
N ARG A 137 25.36 -7.54 -30.94
CA ARG A 137 26.14 -6.46 -31.51
C ARG A 137 26.23 -5.28 -30.56
N GLU A 138 25.13 -4.94 -29.90
CA GLU A 138 25.08 -3.75 -29.06
C GLU A 138 25.80 -3.94 -27.73
N ASN A 139 25.81 -5.17 -27.19
CA ASN A 139 26.50 -5.42 -25.93
C ASN A 139 28.00 -5.34 -26.10
N LEU A 140 28.53 -5.73 -27.25
CA LEU A 140 29.95 -5.63 -27.49
C LEU A 140 30.38 -4.21 -27.85
N GLN A 141 29.46 -3.39 -28.35
CA GLN A 141 29.78 -2.00 -28.62
C GLN A 141 29.86 -1.17 -27.35
N PHE A 142 29.04 -1.48 -26.35
CA PHE A 142 29.12 -0.80 -25.06
C PHE A 142 30.43 -1.14 -24.36
N SER A 143 30.85 -2.39 -24.43
CA SER A 143 32.11 -2.79 -23.82
C SER A 143 33.30 -2.24 -24.57
N ALA A 144 33.18 -2.05 -25.88
CA ALA A 144 34.29 -1.49 -26.64
C ALA A 144 34.42 0.00 -26.46
N ALA A 145 33.32 0.68 -26.17
CA ALA A 145 33.34 2.14 -26.09
C ALA A 145 33.95 2.64 -24.79
N LEU A 146 33.83 1.86 -23.72
CA LEU A 146 34.27 2.32 -22.41
C LEU A 146 35.56 1.66 -21.93
N ARG A 147 36.12 0.73 -22.70
CA ARG A 147 37.37 0.09 -22.33
C ARG A 147 38.51 0.41 -23.27
N LEU A 148 38.25 0.49 -24.56
CA LEU A 148 39.27 0.91 -25.51
C LEU A 148 39.47 2.42 -25.40
N ALA A 149 40.59 2.89 -25.92
CA ALA A 149 40.91 4.30 -25.81
C ALA A 149 40.07 5.13 -26.76
N THR A 150 40.04 6.44 -26.52
CA THR A 150 39.31 7.38 -27.36
C THR A 150 40.05 7.76 -28.62
N THR A 151 41.30 7.32 -28.76
CA THR A 151 42.07 7.57 -29.98
C THR A 151 41.53 6.75 -31.16
N MET A 152 41.02 5.55 -30.90
CA MET A 152 40.61 4.64 -31.95
C MET A 152 39.36 5.13 -32.65
N THR A 153 39.35 4.98 -33.97
CA THR A 153 38.23 5.38 -34.81
C THR A 153 37.10 4.36 -34.64
N ASN A 154 35.87 4.80 -34.91
CA ASN A 154 34.73 3.89 -34.92
C ASN A 154 34.87 2.84 -36.01
N HIS A 155 35.58 3.16 -37.10
CA HIS A 155 35.94 2.14 -38.08
C HIS A 155 36.92 1.14 -37.50
N GLU A 156 37.79 1.57 -36.59
CA GLU A 156 38.76 0.67 -35.98
C GLU A 156 38.10 -0.23 -34.93
N LYS A 157 37.14 0.32 -34.18
CA LYS A 157 36.50 -0.45 -33.12
C LYS A 157 35.53 -1.47 -33.67
N ASN A 158 34.84 -1.15 -34.77
CA ASN A 158 33.88 -2.09 -35.32
C ASN A 158 34.55 -3.28 -35.99
N GLU A 159 35.80 -3.12 -36.44
CA GLU A 159 36.54 -4.27 -36.92
C GLU A 159 37.03 -5.15 -35.79
N ARG A 160 37.33 -4.56 -34.63
CA ARG A 160 37.69 -5.34 -33.45
C ARG A 160 36.52 -6.16 -32.94
N ILE A 161 35.31 -5.64 -33.08
CA ILE A 161 34.13 -6.43 -32.69
C ILE A 161 33.86 -7.52 -33.70
N ASN A 162 34.12 -7.26 -34.98
CA ASN A 162 33.89 -8.27 -36.00
C ASN A 162 34.91 -9.40 -35.93
N ARG A 163 36.10 -9.13 -35.37
CA ARG A 163 37.05 -10.20 -35.12
C ARG A 163 36.59 -11.07 -33.95
N VAL A 164 35.97 -10.47 -32.94
CA VAL A 164 35.54 -11.22 -31.78
C VAL A 164 34.31 -12.05 -32.08
N ILE A 165 33.30 -11.44 -32.72
CA ILE A 165 32.04 -12.11 -32.95
C ILE A 165 32.14 -13.19 -34.01
N GLN A 166 33.18 -13.14 -34.85
CA GLN A 166 33.45 -14.24 -35.78
C GLN A 166 34.23 -15.36 -35.10
N GLU A 167 35.12 -15.02 -34.17
CA GLU A 167 35.88 -16.02 -33.44
C GLU A 167 34.99 -16.84 -32.51
N LEU A 168 33.99 -16.22 -31.90
CA LEU A 168 33.10 -16.94 -31.00
C LEU A 168 32.05 -17.76 -31.73
N GLY A 169 31.79 -17.46 -32.99
CA GLY A 169 30.76 -18.17 -33.71
C GLY A 169 29.36 -17.64 -33.49
N LEU A 170 29.22 -16.34 -33.25
CA LEU A 170 27.92 -15.72 -33.03
C LEU A 170 27.41 -15.01 -34.27
N ASP A 171 27.71 -15.53 -35.46
CA ASP A 171 27.37 -14.83 -36.70
C ASP A 171 25.88 -14.89 -36.99
N LYS A 172 25.23 -16.01 -36.70
CA LYS A 172 23.80 -16.15 -36.96
C LYS A 172 22.94 -15.42 -35.94
N VAL A 173 23.49 -15.11 -34.78
CA VAL A 173 22.76 -14.42 -33.72
C VAL A 173 23.37 -13.05 -33.43
N ALA A 174 24.08 -12.48 -34.41
CA ALA A 174 24.80 -11.21 -34.19
C ALA A 174 23.86 -10.03 -34.02
N ASP A 175 22.63 -10.12 -34.50
CA ASP A 175 21.69 -9.01 -34.44
C ASP A 175 20.37 -9.45 -33.85
N SER A 176 20.42 -10.41 -32.93
CA SER A 176 19.25 -10.89 -32.23
C SER A 176 19.33 -10.47 -30.76
N LYS A 177 18.18 -10.21 -30.16
CA LYS A 177 18.15 -9.84 -28.76
C LYS A 177 18.53 -11.02 -27.90
N VAL A 178 19.27 -10.73 -26.82
CA VAL A 178 19.80 -11.77 -25.95
C VAL A 178 18.68 -12.45 -25.17
N GLY A 179 17.73 -11.67 -24.68
CA GLY A 179 16.52 -12.28 -24.16
C GLY A 179 16.18 -11.92 -22.74
N THR A 180 14.89 -11.70 -22.48
CA THR A 180 14.41 -11.30 -21.17
C THR A 180 13.21 -12.19 -20.84
N GLN A 181 12.47 -11.89 -19.76
CA GLN A 181 11.23 -12.59 -19.47
C GLN A 181 10.18 -12.34 -20.55
N PHE A 182 10.12 -11.11 -21.06
CA PHE A 182 9.09 -10.68 -21.99
C PHE A 182 9.52 -10.80 -23.45
N ILE A 183 10.75 -11.22 -23.71
CA ILE A 183 11.31 -11.28 -25.05
C ILE A 183 11.88 -12.67 -25.28
N ARG A 184 11.44 -13.32 -26.36
CA ARG A 184 12.11 -14.52 -26.84
C ARG A 184 13.49 -14.13 -27.35
N GLY A 185 14.54 -14.76 -26.82
CA GLY A 185 15.89 -14.35 -27.11
C GLY A 185 16.79 -15.53 -27.40
N VAL A 186 18.09 -15.21 -27.50
CA VAL A 186 19.11 -16.20 -27.75
C VAL A 186 19.24 -17.13 -26.54
N SER A 187 19.44 -18.42 -26.81
CA SER A 187 19.46 -19.45 -25.78
C SER A 187 20.63 -19.26 -24.82
N GLY A 188 20.55 -19.97 -23.69
CA GLY A 188 21.53 -19.82 -22.61
C GLY A 188 22.90 -20.34 -22.94
N GLY A 189 23.04 -21.13 -24.00
CA GLY A 189 24.36 -21.57 -24.41
C GLY A 189 25.16 -20.52 -25.13
N GLU A 190 24.51 -19.47 -25.63
CA GLU A 190 25.20 -18.38 -26.32
C GLU A 190 25.10 -17.06 -25.58
N ARG A 191 24.38 -17.00 -24.45
CA ARG A 191 24.60 -15.92 -23.51
C ARG A 191 25.95 -16.05 -22.84
N LYS A 192 26.40 -17.29 -22.64
CA LYS A 192 27.73 -17.50 -22.07
C LYS A 192 28.82 -17.21 -23.08
N ARG A 193 28.56 -17.48 -24.37
CA ARG A 193 29.53 -17.10 -25.39
C ARG A 193 29.60 -15.60 -25.59
N THR A 194 28.50 -14.89 -25.30
CA THR A 194 28.50 -13.45 -25.45
C THR A 194 29.35 -12.79 -24.38
N SER A 195 29.21 -13.25 -23.13
CA SER A 195 29.88 -12.61 -22.01
C SER A 195 31.38 -12.86 -22.01
N ILE A 196 31.84 -13.92 -22.68
CA ILE A 196 33.27 -14.08 -22.90
C ILE A 196 33.77 -13.03 -23.87
N GLY A 197 32.96 -12.68 -24.87
CA GLY A 197 33.35 -11.69 -25.85
C GLY A 197 33.37 -10.27 -25.32
N MET A 198 32.59 -9.99 -24.26
CA MET A 198 32.64 -8.67 -23.65
C MET A 198 33.93 -8.44 -22.89
N GLU A 199 34.67 -9.51 -22.59
CA GLU A 199 35.95 -9.42 -21.90
C GLU A 199 37.14 -9.59 -22.82
N LEU A 200 36.94 -10.00 -24.08
CA LEU A 200 38.00 -10.16 -25.05
C LEU A 200 38.17 -8.95 -25.96
N ILE A 201 37.53 -7.83 -25.63
CA ILE A 201 37.60 -6.66 -26.50
C ILE A 201 38.97 -6.02 -26.44
N THR A 202 39.52 -5.87 -25.24
CA THR A 202 40.83 -5.29 -25.07
C THR A 202 41.97 -6.28 -25.33
N ASP A 203 41.65 -7.49 -25.79
CA ASP A 203 42.55 -8.62 -26.02
C ASP A 203 43.40 -8.92 -24.79
N PRO A 204 42.83 -9.47 -23.73
CA PRO A 204 43.63 -9.72 -22.52
C PRO A 204 44.51 -10.93 -22.71
N SER A 205 45.64 -10.93 -22.02
CA SER A 205 46.54 -12.08 -22.05
C SER A 205 46.12 -13.16 -21.07
N ILE A 206 45.30 -12.80 -20.07
CA ILE A 206 44.92 -13.70 -19.00
C ILE A 206 43.40 -13.63 -18.87
N LEU A 207 42.72 -14.77 -19.00
CA LEU A 207 41.29 -14.83 -18.78
C LEU A 207 41.00 -15.56 -17.48
N PHE A 208 40.06 -15.04 -16.72
CA PHE A 208 39.60 -15.66 -15.48
C PHE A 208 38.12 -15.98 -15.66
N LEU A 209 37.78 -17.26 -15.67
CA LEU A 209 36.40 -17.68 -15.78
C LEU A 209 35.92 -18.21 -14.45
N ASP A 210 34.71 -17.82 -14.06
CA ASP A 210 34.13 -18.26 -12.80
C ASP A 210 32.99 -19.19 -13.13
N GLU A 211 33.19 -20.51 -12.93
CA GLU A 211 32.24 -21.58 -13.21
C GLU A 211 31.70 -21.51 -14.63
N PRO A 212 32.49 -21.82 -15.66
CA PRO A 212 32.01 -21.61 -17.03
C PRO A 212 30.98 -22.63 -17.50
N THR A 213 30.69 -23.66 -16.70
CA THR A 213 29.76 -24.70 -17.10
C THR A 213 28.58 -24.87 -16.16
N THR A 214 28.60 -24.24 -14.99
CA THR A 214 27.49 -24.35 -14.05
C THR A 214 26.29 -23.58 -14.57
N GLY A 215 25.17 -24.26 -14.73
CA GLY A 215 23.97 -23.67 -15.28
C GLY A 215 23.68 -24.07 -16.71
N LEU A 216 24.61 -24.76 -17.37
CA LEU A 216 24.46 -25.21 -18.73
C LEU A 216 24.19 -26.71 -18.76
N ASP A 217 23.71 -27.18 -19.91
CA ASP A 217 23.43 -28.59 -20.07
C ASP A 217 24.73 -29.34 -20.42
N SER A 218 24.63 -30.67 -20.50
CA SER A 218 25.83 -31.47 -20.72
C SER A 218 26.34 -31.35 -22.15
N SER A 219 25.43 -31.28 -23.13
CA SER A 219 25.86 -31.09 -24.51
C SER A 219 26.32 -29.66 -24.76
N THR A 220 25.80 -28.70 -23.99
CA THR A 220 26.22 -27.31 -24.14
C THR A 220 27.62 -27.09 -23.59
N ALA A 221 27.90 -27.68 -22.43
CA ALA A 221 29.15 -27.42 -21.70
C ALA A 221 30.38 -27.92 -22.43
N ASN A 222 30.23 -28.92 -23.30
CA ASN A 222 31.36 -29.31 -24.13
C ASN A 222 31.61 -28.31 -25.25
N ALA A 223 30.56 -27.62 -25.70
CA ALA A 223 30.75 -26.64 -26.78
C ALA A 223 31.44 -25.39 -26.28
N VAL A 224 31.26 -25.06 -24.99
CA VAL A 224 31.95 -23.91 -24.41
C VAL A 224 33.43 -24.23 -24.17
N LEU A 225 33.71 -25.44 -23.67
CA LEU A 225 35.09 -25.79 -23.34
C LEU A 225 35.93 -26.15 -24.56
N LEU A 226 35.31 -26.62 -25.63
CA LEU A 226 36.07 -26.80 -26.87
C LEU A 226 36.37 -25.47 -27.52
N LEU A 227 35.57 -24.45 -27.23
CA LEU A 227 35.91 -23.09 -27.64
C LEU A 227 37.11 -22.57 -26.86
N LEU A 228 37.18 -22.90 -25.57
CA LEU A 228 38.25 -22.39 -24.73
C LEU A 228 39.58 -23.06 -25.04
N LYS A 229 39.56 -24.33 -25.46
CA LYS A 229 40.80 -25.00 -25.80
C LYS A 229 41.40 -24.44 -27.08
N ARG A 230 40.55 -23.98 -28.01
CA ARG A 230 41.06 -23.27 -29.17
C ARG A 230 41.61 -21.89 -28.80
N MET A 231 41.05 -21.27 -27.76
CA MET A 231 41.60 -20.02 -27.26
C MET A 231 42.94 -20.23 -26.58
N SER A 232 43.12 -21.37 -25.92
CA SER A 232 44.35 -21.64 -25.17
C SER A 232 45.54 -21.89 -26.08
N LYS A 233 45.32 -22.23 -27.35
CA LYS A 233 46.43 -22.41 -28.28
C LYS A 233 46.89 -21.10 -28.87
N GLN A 234 46.10 -20.04 -28.74
CA GLN A 234 46.52 -18.72 -29.20
C GLN A 234 47.51 -18.06 -28.25
N GLY A 235 47.64 -18.56 -27.04
CA GLY A 235 48.51 -17.99 -26.04
C GLY A 235 47.82 -17.32 -24.88
N ARG A 236 46.53 -17.55 -24.69
CA ARG A 236 45.76 -16.92 -23.62
C ARG A 236 45.66 -17.88 -22.44
N THR A 237 46.21 -17.50 -21.30
CA THR A 237 46.20 -18.34 -20.11
C THR A 237 44.82 -18.32 -19.50
N ILE A 238 44.11 -19.44 -19.57
CA ILE A 238 42.73 -19.52 -19.11
C ILE A 238 42.69 -20.20 -17.76
N ILE A 239 42.09 -19.52 -16.78
CA ILE A 239 42.10 -19.97 -15.39
C ILE A 239 40.65 -20.01 -14.92
N PHE A 240 40.13 -21.22 -14.67
CA PHE A 240 38.73 -21.36 -14.33
C PHE A 240 38.55 -22.37 -13.20
N SER A 241 37.29 -22.58 -12.81
CA SER A 241 36.96 -23.39 -11.65
C SER A 241 35.62 -24.06 -11.89
N ILE A 242 35.61 -25.38 -12.12
CA ILE A 242 34.40 -26.10 -12.53
C ILE A 242 33.83 -26.84 -11.33
N HIS A 243 32.52 -26.77 -11.15
CA HIS A 243 31.78 -27.60 -10.21
C HIS A 243 31.51 -28.95 -10.87
N GLN A 244 32.10 -30.02 -10.31
CA GLN A 244 32.01 -31.45 -10.64
C GLN A 244 32.04 -31.74 -12.14
N PRO A 245 33.22 -31.68 -12.78
CA PRO A 245 33.30 -31.95 -14.21
C PRO A 245 33.13 -33.42 -14.58
N ARG A 246 33.21 -33.71 -15.86
CA ARG A 246 33.04 -35.04 -16.42
C ARG A 246 34.35 -35.40 -17.12
N TYR A 247 34.54 -36.68 -17.47
CA TYR A 247 35.78 -37.08 -18.12
C TYR A 247 35.93 -36.51 -19.52
N SER A 248 34.82 -36.21 -20.20
CA SER A 248 34.92 -35.49 -21.47
C SER A 248 35.41 -34.07 -21.26
N ILE A 249 35.17 -33.50 -20.09
CA ILE A 249 35.74 -32.22 -19.71
C ILE A 249 37.16 -32.37 -19.22
N PHE A 250 37.40 -33.37 -18.35
CA PHE A 250 38.69 -33.54 -17.68
C PHE A 250 39.82 -33.92 -18.63
N LYS A 251 39.49 -34.48 -19.79
CA LYS A 251 40.52 -34.91 -20.73
C LYS A 251 41.18 -33.75 -21.46
N LEU A 252 40.69 -32.54 -21.30
CA LEU A 252 41.12 -31.40 -22.09
C LEU A 252 42.07 -30.46 -21.34
N PHE A 253 42.23 -30.65 -20.03
CA PHE A 253 42.93 -29.70 -19.18
C PHE A 253 44.44 -29.75 -19.44
N ASP A 254 45.14 -28.73 -18.94
CA ASP A 254 46.59 -28.69 -18.97
C ASP A 254 47.22 -28.56 -17.60
N SER A 255 46.47 -28.18 -16.58
CA SER A 255 46.96 -28.11 -15.21
C SER A 255 45.77 -28.22 -14.27
N LEU A 256 46.04 -28.63 -13.04
CA LEU A 256 44.99 -28.89 -12.06
C LEU A 256 45.43 -28.42 -10.69
N THR A 257 44.57 -27.68 -10.02
CA THR A 257 44.83 -27.19 -8.67
C THR A 257 43.64 -27.62 -7.80
N LEU A 258 43.83 -28.67 -7.01
CA LEU A 258 42.76 -29.26 -6.21
C LEU A 258 42.80 -28.67 -4.81
N LEU A 259 41.68 -28.12 -4.36
CA LEU A 259 41.62 -27.42 -3.08
C LEU A 259 40.43 -27.93 -2.29
N ALA A 260 40.61 -28.07 -0.98
CA ALA A 260 39.50 -28.41 -0.09
C ALA A 260 39.79 -27.87 1.30
N SER A 261 38.85 -27.08 1.82
CA SER A 261 38.91 -26.44 3.14
C SER A 261 40.17 -25.60 3.30
N GLY A 262 40.49 -24.82 2.27
CA GLY A 262 41.59 -23.89 2.34
C GLY A 262 42.96 -24.51 2.33
N ARG A 263 43.10 -25.75 1.89
CA ARG A 263 44.38 -26.44 1.87
C ARG A 263 44.70 -26.89 0.46
N LEU A 264 45.94 -26.68 0.03
CA LEU A 264 46.38 -27.17 -1.27
C LEU A 264 46.60 -28.68 -1.21
N MET A 265 45.82 -29.43 -1.98
CA MET A 265 45.90 -30.88 -1.95
C MET A 265 46.44 -31.49 -3.22
N PHE A 266 46.46 -30.76 -4.32
CA PHE A 266 47.22 -31.13 -5.50
C PHE A 266 47.44 -29.88 -6.36
N HIS A 267 48.63 -29.79 -6.94
CA HIS A 267 48.91 -28.82 -8.00
C HIS A 267 49.96 -29.41 -8.93
N GLY A 268 49.63 -29.50 -10.21
CA GLY A 268 50.52 -30.03 -11.21
C GLY A 268 49.79 -30.23 -12.51
N PRO A 269 50.34 -31.04 -13.41
CA PRO A 269 49.59 -31.40 -14.62
C PRO A 269 48.38 -32.26 -14.28
N ALA A 270 47.30 -32.05 -15.03
CA ALA A 270 46.05 -32.73 -14.73
C ALA A 270 46.06 -34.19 -15.15
N GLN A 271 46.96 -34.58 -16.03
CA GLN A 271 47.08 -35.98 -16.40
C GLN A 271 47.70 -36.79 -15.27
N GLU A 272 48.62 -36.20 -14.52
CA GLU A 272 49.33 -36.89 -13.46
C GLU A 272 48.58 -36.88 -12.13
N ALA A 273 47.36 -36.35 -12.10
CA ALA A 273 46.60 -36.34 -10.85
C ALA A 273 46.09 -37.73 -10.51
N LEU A 274 45.80 -38.55 -11.52
CA LEU A 274 45.34 -39.91 -11.27
C LEU A 274 46.47 -40.80 -10.78
N GLY A 275 47.64 -40.72 -11.42
CA GLY A 275 48.79 -41.50 -10.98
C GLY A 275 49.37 -41.06 -9.65
N TYR A 276 49.04 -39.84 -9.21
CA TYR A 276 49.51 -39.39 -7.91
C TYR A 276 48.73 -40.04 -6.77
N PHE A 277 47.41 -40.12 -6.90
CA PHE A 277 46.58 -40.71 -5.85
C PHE A 277 46.61 -42.23 -5.85
N GLU A 278 47.00 -42.85 -6.97
CA GLU A 278 47.28 -44.28 -6.95
C GLU A 278 48.53 -44.59 -6.13
N SER A 279 49.53 -43.73 -6.22
CA SER A 279 50.76 -43.89 -5.46
C SER A 279 50.66 -43.34 -4.04
N ALA A 280 49.54 -42.72 -3.69
CA ALA A 280 49.33 -42.28 -2.32
C ALA A 280 48.72 -43.37 -1.44
N GLY A 281 48.11 -44.38 -2.04
CA GLY A 281 47.54 -45.47 -1.28
C GLY A 281 46.09 -45.78 -1.64
N TYR A 282 45.58 -45.09 -2.65
CA TYR A 282 44.20 -45.23 -3.09
C TYR A 282 44.15 -45.96 -4.42
N HIS A 283 42.96 -46.41 -4.79
CA HIS A 283 42.76 -47.15 -6.02
C HIS A 283 41.47 -46.70 -6.69
N CYS A 284 41.57 -46.44 -7.99
CA CYS A 284 40.42 -46.06 -8.81
C CYS A 284 39.94 -47.29 -9.55
N GLU A 285 38.66 -47.62 -9.39
CA GLU A 285 38.08 -48.74 -10.12
C GLU A 285 37.89 -48.39 -11.58
N ALA A 286 37.55 -49.40 -12.37
CA ALA A 286 37.25 -49.18 -13.77
C ALA A 286 35.92 -48.44 -13.90
N TYR A 287 35.75 -47.74 -15.02
CA TYR A 287 34.55 -46.99 -15.39
C TYR A 287 34.17 -45.92 -14.38
N ASN A 288 35.15 -45.33 -13.72
CA ASN A 288 34.91 -44.26 -12.76
C ASN A 288 35.50 -42.96 -13.30
N ASN A 289 34.74 -41.88 -13.16
CA ASN A 289 35.21 -40.54 -13.50
C ASN A 289 36.33 -40.15 -12.55
N PRO A 290 37.52 -39.81 -13.04
CA PRO A 290 38.60 -39.39 -12.12
C PRO A 290 38.30 -38.11 -11.38
N ALA A 291 37.51 -37.21 -11.96
CA ALA A 291 37.15 -35.99 -11.26
C ALA A 291 36.13 -36.28 -10.16
N ASP A 292 35.31 -37.31 -10.35
CA ASP A 292 34.45 -37.77 -9.26
C ASP A 292 35.26 -38.56 -8.24
N PHE A 293 36.38 -39.12 -8.67
CA PHE A 293 37.22 -39.91 -7.78
C PHE A 293 37.98 -39.02 -6.82
N PHE A 294 38.25 -37.77 -7.21
CA PHE A 294 39.10 -36.90 -6.40
C PHE A 294 38.32 -36.31 -5.23
N LEU A 295 37.06 -35.92 -5.47
CA LEU A 295 36.20 -35.44 -4.40
C LEU A 295 35.61 -36.58 -3.58
N ASP A 296 35.72 -37.82 -4.07
CA ASP A 296 35.36 -38.97 -3.25
C ASP A 296 36.38 -39.18 -2.14
N ILE A 297 37.66 -38.90 -2.44
CA ILE A 297 38.72 -38.99 -1.44
C ILE A 297 38.57 -37.92 -0.37
N ILE A 298 38.02 -36.76 -0.75
CA ILE A 298 37.83 -35.67 0.21
C ILE A 298 36.80 -36.04 1.27
N ASN A 299 35.75 -36.72 0.86
CA ASN A 299 34.65 -37.05 1.74
C ASN A 299 34.86 -38.35 2.51
N GLY A 300 35.93 -39.08 2.22
CA GLY A 300 36.22 -40.30 2.94
C GLY A 300 35.76 -41.56 2.21
N ASP A 301 36.00 -41.61 0.91
CA ASP A 301 35.66 -42.73 0.02
C ASP A 301 34.19 -43.12 0.07
N LEU A 328 41.14 -36.22 8.31
CA LEU A 328 41.41 -36.70 6.96
C LEU A 328 42.09 -35.63 6.12
N ILE A 329 41.63 -34.39 6.30
CA ILE A 329 42.15 -33.27 5.52
C ILE A 329 43.60 -32.98 5.90
N GLU A 330 43.89 -32.93 7.20
CA GLU A 330 45.26 -32.77 7.65
C GLU A 330 46.10 -34.00 7.37
N LYS A 331 45.48 -35.17 7.20
CA LYS A 331 46.21 -36.36 6.81
C LYS A 331 46.64 -36.31 5.35
N LEU A 332 45.74 -35.86 4.47
CA LEU A 332 45.99 -35.87 3.04
C LEU A 332 46.74 -34.64 2.55
N ALA A 333 46.70 -33.53 3.29
CA ALA A 333 47.47 -32.36 2.89
C ALA A 333 48.96 -32.55 3.17
N GLU A 334 49.30 -33.33 4.19
CA GLU A 334 50.69 -33.62 4.50
C GLU A 334 51.32 -34.60 3.52
N ILE A 335 50.51 -35.37 2.79
CA ILE A 335 51.04 -36.24 1.76
C ILE A 335 51.54 -35.42 0.58
N TYR A 336 50.90 -34.27 0.33
CA TYR A 336 51.32 -33.44 -0.80
C TYR A 336 52.63 -32.72 -0.52
N VAL A 337 52.93 -32.45 0.76
CA VAL A 337 54.18 -31.79 1.11
C VAL A 337 55.37 -32.71 0.83
N ASN A 338 55.18 -34.02 1.01
CA ASN A 338 56.22 -35.01 0.79
C ASN A 338 56.23 -35.56 -0.64
N SER A 339 55.83 -34.76 -1.62
CA SER A 339 55.70 -35.22 -3.00
C SER A 339 56.89 -34.80 -3.84
N SER A 340 56.93 -35.35 -5.06
CA SER A 340 57.85 -34.89 -6.09
C SER A 340 57.27 -33.77 -6.93
N PHE A 341 55.99 -33.44 -6.71
CA PHE A 341 55.32 -32.33 -7.37
C PHE A 341 55.42 -31.03 -6.59
N TYR A 342 55.43 -31.11 -5.26
CA TYR A 342 55.56 -29.91 -4.44
C TYR A 342 56.98 -29.36 -4.48
N LYS A 343 57.98 -30.25 -4.50
CA LYS A 343 59.35 -29.81 -4.53
C LYS A 343 59.73 -29.26 -5.90
N GLU A 344 59.10 -29.76 -6.96
CA GLU A 344 59.33 -29.19 -8.29
C GLU A 344 58.68 -27.82 -8.43
N THR A 345 57.53 -27.61 -7.78
CA THR A 345 56.93 -26.29 -7.73
C THR A 345 57.76 -25.34 -6.86
N LYS A 346 58.26 -25.84 -5.73
CA LYS A 346 59.06 -25.02 -4.82
C LYS A 346 60.38 -24.61 -5.46
N ALA A 347 60.93 -25.44 -6.34
CA ALA A 347 62.15 -25.12 -7.06
C ALA A 347 61.91 -24.26 -8.30
N GLU A 348 60.68 -23.81 -8.51
CA GLU A 348 60.35 -22.88 -9.60
C GLU A 348 60.02 -21.49 -9.09
N LEU A 349 59.36 -21.39 -7.93
CA LEU A 349 58.99 -20.09 -7.38
C LEU A 349 60.20 -19.30 -6.92
N HIS A 350 61.24 -19.98 -6.44
CA HIS A 350 62.47 -19.30 -6.04
C HIS A 350 63.36 -18.94 -7.21
N GLN A 351 63.07 -19.46 -8.40
CA GLN A 351 63.77 -19.00 -9.59
C GLN A 351 63.30 -17.61 -10.00
N LEU A 352 62.01 -17.34 -9.87
CA LEU A 352 61.44 -16.05 -10.26
C LEU A 352 61.56 -15.00 -9.17
N SER A 353 61.28 -15.36 -7.92
CA SER A 353 61.35 -14.40 -6.83
C SER A 353 62.80 -14.09 -6.45
N GLY A 354 63.55 -15.11 -6.05
CA GLY A 354 64.93 -14.92 -5.68
C GLY A 354 65.87 -14.89 -6.87
N TYR A 369 39.89 8.79 -15.49
CA TYR A 369 40.35 7.43 -15.73
C TYR A 369 40.98 7.32 -17.12
N THR A 370 40.72 6.19 -17.77
CA THR A 370 41.02 6.04 -19.18
C THR A 370 40.14 6.95 -20.03
N THR A 371 38.90 7.14 -19.60
CA THR A 371 37.85 7.78 -20.39
C THR A 371 37.39 9.03 -19.65
N SER A 372 36.98 10.06 -20.41
CA SER A 372 36.50 11.29 -19.82
C SER A 372 35.13 11.09 -19.19
N PHE A 373 34.69 12.10 -18.44
CA PHE A 373 33.41 12.01 -17.73
C PHE A 373 32.24 12.09 -18.69
N CYS A 374 32.31 12.97 -19.69
CA CYS A 374 31.19 13.15 -20.60
C CYS A 374 31.03 11.98 -21.56
N HIS A 375 32.08 11.19 -21.77
CA HIS A 375 31.95 10.01 -22.62
C HIS A 375 31.40 8.83 -21.85
N GLN A 376 31.64 8.79 -20.53
CA GLN A 376 31.05 7.74 -19.70
C GLN A 376 29.57 8.04 -19.46
N LEU A 377 29.22 9.31 -19.28
CA LEU A 377 27.82 9.66 -19.08
C LEU A 377 27.03 9.57 -20.37
N ARG A 378 27.70 9.60 -21.53
CA ARG A 378 27.00 9.45 -22.79
C ARG A 378 26.56 8.01 -23.02
N TRP A 379 27.43 7.05 -22.70
CA TRP A 379 27.16 5.65 -23.00
C TRP A 379 26.40 4.93 -21.90
N VAL A 380 26.52 5.38 -20.65
CA VAL A 380 25.67 4.81 -19.60
C VAL A 380 24.22 5.23 -19.81
N SER A 381 24.01 6.49 -20.18
CA SER A 381 22.66 6.98 -20.44
C SER A 381 22.07 6.44 -21.74
N LYS A 382 22.91 6.03 -22.68
CA LYS A 382 22.42 5.47 -23.94
C LYS A 382 21.92 4.05 -23.77
N ARG A 383 22.68 3.22 -23.05
CA ARG A 383 22.27 1.85 -22.79
C ARG A 383 21.09 1.78 -21.84
N SER A 384 21.03 2.69 -20.87
CA SER A 384 19.92 2.69 -19.92
C SER A 384 18.62 3.15 -20.55
N PHE A 385 18.67 3.80 -21.70
CA PHE A 385 17.48 4.23 -22.40
C PHE A 385 16.97 3.18 -23.37
N LYS A 386 17.86 2.45 -24.04
CA LYS A 386 17.48 1.30 -24.83
C LYS A 386 16.83 0.20 -24.00
N ASN A 387 17.27 0.03 -22.76
CA ASN A 387 16.64 -0.87 -21.80
C ASN A 387 15.23 -0.41 -21.46
N LEU A 388 15.03 0.90 -21.34
CA LEU A 388 13.72 1.44 -21.04
C LEU A 388 12.75 1.28 -22.21
N LEU A 389 13.24 1.33 -23.44
CA LEU A 389 12.44 1.05 -24.62
C LEU A 389 12.28 -0.44 -24.89
N GLY A 390 13.33 -1.22 -24.69
CA GLY A 390 13.26 -2.65 -24.92
C GLY A 390 12.49 -3.42 -23.89
N ASN A 391 12.10 -2.78 -22.79
CA ASN A 391 11.16 -3.35 -21.82
C ASN A 391 9.91 -2.49 -21.82
N PRO A 392 8.99 -2.66 -22.76
CA PRO A 392 7.79 -1.81 -22.77
C PRO A 392 6.82 -2.14 -21.65
N GLN A 393 6.72 -3.40 -21.23
CA GLN A 393 5.66 -3.79 -20.32
C GLN A 393 5.88 -3.37 -18.88
N ALA A 394 6.96 -2.66 -18.58
CA ALA A 394 7.07 -1.98 -17.30
C ALA A 394 7.14 -0.47 -17.47
N SER A 395 7.12 0.00 -18.72
CA SER A 395 7.12 1.42 -19.03
C SER A 395 5.80 1.86 -19.68
N ILE A 396 5.30 1.07 -20.63
CA ILE A 396 3.98 1.34 -21.20
C ILE A 396 2.89 1.08 -20.16
N ALA A 397 3.11 0.08 -19.29
CA ALA A 397 2.11 -0.29 -18.30
C ALA A 397 1.91 0.77 -17.23
N GLN A 398 2.87 1.66 -17.00
CA GLN A 398 2.66 2.75 -16.08
C GLN A 398 2.01 3.96 -16.74
N ILE A 399 1.99 4.00 -18.07
CA ILE A 399 1.28 5.06 -18.76
C ILE A 399 -0.18 4.68 -18.95
N ILE A 400 -0.45 3.38 -19.14
CA ILE A 400 -1.83 2.90 -19.24
C ILE A 400 -2.57 3.07 -17.92
N VAL A 401 -1.89 2.79 -16.80
CA VAL A 401 -2.48 2.96 -15.48
C VAL A 401 -2.71 4.43 -15.18
N THR A 402 -1.85 5.32 -15.65
CA THR A 402 -2.02 6.75 -15.41
C THR A 402 -3.22 7.30 -16.18
N VAL A 403 -3.41 6.86 -17.42
CA VAL A 403 -4.53 7.34 -18.23
C VAL A 403 -5.86 6.78 -17.71
N VAL A 404 -5.87 5.50 -17.34
CA VAL A 404 -7.11 4.87 -16.89
C VAL A 404 -7.53 5.41 -15.53
N LEU A 405 -6.60 5.54 -14.59
CA LEU A 405 -6.94 6.13 -13.30
C LEU A 405 -7.20 7.61 -13.41
N GLY A 406 -6.60 8.29 -14.40
CA GLY A 406 -6.92 9.69 -14.60
C GLY A 406 -8.32 9.92 -15.13
N LEU A 407 -8.88 8.93 -15.82
CA LEU A 407 -10.25 9.02 -16.30
C LEU A 407 -11.27 8.54 -15.28
N VAL A 408 -10.87 7.63 -14.38
CA VAL A 408 -11.75 7.19 -13.31
C VAL A 408 -11.91 8.30 -12.26
N ILE A 409 -10.81 8.98 -11.94
CA ILE A 409 -10.88 10.11 -11.01
C ILE A 409 -11.65 11.27 -11.63
N GLY A 410 -11.51 11.47 -12.94
CA GLY A 410 -12.25 12.54 -13.60
C GLY A 410 -13.73 12.28 -13.72
N ALA A 411 -14.16 11.02 -13.64
CA ALA A 411 -15.58 10.69 -13.73
C ALA A 411 -16.27 10.70 -12.38
N ILE A 412 -15.58 10.30 -11.32
CA ILE A 412 -16.13 10.34 -9.97
C ILE A 412 -16.25 11.78 -9.50
N TYR A 413 -15.24 12.59 -9.79
CA TYR A 413 -15.20 13.99 -9.38
C TYR A 413 -15.57 14.93 -10.50
N PHE A 414 -16.46 14.52 -11.40
CA PHE A 414 -16.85 15.38 -12.51
C PHE A 414 -17.59 16.60 -11.99
N GLY A 415 -17.59 17.68 -12.77
CA GLY A 415 -17.39 19.05 -12.35
C GLY A 415 -17.81 19.47 -10.96
N LEU A 416 -16.84 20.02 -10.23
CA LEU A 416 -16.98 20.33 -8.82
C LEU A 416 -17.90 21.53 -8.62
N LYS A 417 -18.66 21.51 -7.53
CA LYS A 417 -19.62 22.54 -7.22
C LYS A 417 -19.11 23.42 -6.10
N ASN A 418 -19.59 24.66 -6.08
CA ASN A 418 -19.29 25.58 -4.98
C ASN A 418 -20.43 25.59 -3.96
N ASP A 419 -20.64 24.42 -3.36
CA ASP A 419 -21.67 24.24 -2.36
C ASP A 419 -21.07 23.64 -1.09
N SER A 420 -21.92 23.12 -0.21
CA SER A 420 -21.44 22.60 1.07
C SER A 420 -20.54 21.38 0.91
N THR A 421 -20.70 20.63 -0.16
CA THR A 421 -19.85 19.48 -0.45
C THR A 421 -18.61 19.85 -1.21
N GLY A 422 -18.43 21.12 -1.55
CA GLY A 422 -17.33 21.51 -2.42
C GLY A 422 -15.98 21.52 -1.75
N ILE A 423 -15.94 21.78 -0.45
CA ILE A 423 -14.66 21.72 0.28
C ILE A 423 -14.21 20.28 0.42
N GLN A 424 -15.14 19.35 0.66
CA GLN A 424 -14.80 17.95 0.85
C GLN A 424 -14.25 17.30 -0.42
N ASN A 425 -14.84 17.63 -1.56
CA ASN A 425 -14.40 17.00 -2.79
C ASN A 425 -13.09 17.57 -3.32
N ARG A 426 -12.82 18.85 -3.08
CA ARG A 426 -11.54 19.41 -3.50
C ARG A 426 -10.42 18.95 -2.58
N ALA A 427 -10.67 18.87 -1.28
CA ALA A 427 -9.64 18.39 -0.37
C ALA A 427 -9.43 16.90 -0.47
N GLY A 428 -10.35 16.17 -1.07
CA GLY A 428 -10.20 14.73 -1.21
C GLY A 428 -9.57 14.32 -2.51
N VAL A 429 -9.77 15.09 -3.58
CA VAL A 429 -9.10 14.72 -4.82
C VAL A 429 -7.65 15.18 -4.78
N LEU A 430 -7.37 16.30 -4.11
CA LEU A 430 -5.99 16.75 -4.01
C LEU A 430 -5.20 15.93 -3.03
N PHE A 431 -5.86 15.26 -2.08
CA PHE A 431 -5.19 14.32 -1.22
C PHE A 431 -4.93 13.00 -1.94
N PHE A 432 -5.83 12.60 -2.84
CA PHE A 432 -5.59 11.38 -3.60
C PHE A 432 -4.47 11.58 -4.61
N LEU A 433 -4.33 12.78 -5.18
CA LEU A 433 -3.34 12.98 -6.22
C LEU A 433 -1.93 13.05 -5.66
N THR A 434 -1.74 13.53 -4.43
CA THR A 434 -0.39 13.59 -3.88
C THR A 434 0.04 12.28 -3.28
N THR A 435 -0.88 11.53 -2.70
CA THR A 435 -0.53 10.24 -2.14
C THR A 435 -0.54 9.13 -3.17
N ASN A 436 -0.98 9.41 -4.39
CA ASN A 436 -0.77 8.48 -5.49
C ASN A 436 0.63 8.63 -6.06
N GLN A 437 1.13 9.86 -6.14
CA GLN A 437 2.48 10.11 -6.61
C GLN A 437 3.54 9.59 -5.66
N CYS A 438 3.19 9.39 -4.39
CA CYS A 438 4.13 8.82 -3.44
C CYS A 438 4.14 7.30 -3.53
N PHE A 439 2.99 6.65 -3.49
CA PHE A 439 2.95 5.20 -3.52
C PHE A 439 3.27 4.61 -4.88
N SER A 440 3.09 5.36 -5.97
CA SER A 440 3.50 4.84 -7.25
C SER A 440 4.98 5.06 -7.52
N SER A 441 5.68 5.75 -6.62
CA SER A 441 7.12 5.94 -6.69
C SER A 441 7.88 4.92 -5.84
N VAL A 442 7.26 3.78 -5.57
CA VAL A 442 7.93 2.66 -4.92
C VAL A 442 8.64 1.79 -5.96
N SER A 443 8.26 1.91 -7.24
CA SER A 443 8.98 1.21 -8.30
C SER A 443 10.39 1.74 -8.54
N ALA A 444 10.76 2.88 -7.93
CA ALA A 444 12.13 3.38 -7.98
C ALA A 444 13.08 2.58 -7.11
N VAL A 445 12.56 1.69 -6.26
CA VAL A 445 13.42 0.76 -5.52
C VAL A 445 14.15 -0.16 -6.46
N GLU A 446 13.50 -0.57 -7.54
CA GLU A 446 13.99 -1.51 -8.53
C GLU A 446 15.15 -0.96 -9.37
N LEU A 447 15.45 0.34 -9.27
CA LEU A 447 16.42 0.97 -10.17
C LEU A 447 17.85 0.54 -9.87
N PHE A 448 18.30 0.72 -8.63
CA PHE A 448 19.65 0.38 -8.25
C PHE A 448 19.79 -1.01 -7.63
N VAL A 449 18.70 -1.79 -7.56
CA VAL A 449 18.77 -3.09 -6.92
C VAL A 449 18.97 -4.20 -7.94
N VAL A 450 18.24 -4.13 -9.06
CA VAL A 450 18.35 -5.15 -10.09
C VAL A 450 19.70 -5.09 -10.80
N GLU A 451 20.27 -3.90 -10.93
CA GLU A 451 21.53 -3.70 -11.61
C GLU A 451 22.73 -3.76 -10.68
N LYS A 452 22.62 -4.42 -9.53
CA LYS A 452 23.69 -4.34 -8.53
C LYS A 452 24.91 -5.14 -8.95
N LYS A 453 24.71 -6.39 -9.36
CA LYS A 453 25.85 -7.24 -9.72
C LYS A 453 26.50 -6.79 -11.03
N LEU A 454 25.78 -6.06 -11.86
CA LEU A 454 26.37 -5.47 -13.06
C LEU A 454 27.06 -4.15 -12.76
N PHE A 455 26.64 -3.43 -11.72
CA PHE A 455 27.39 -2.26 -11.31
C PHE A 455 28.71 -2.65 -10.67
N ILE A 456 28.71 -3.68 -9.83
CA ILE A 456 29.92 -4.05 -9.10
C ILE A 456 30.96 -4.66 -10.03
N HIS A 457 30.52 -5.47 -11.00
CA HIS A 457 31.46 -6.08 -11.94
C HIS A 457 32.06 -5.03 -12.88
N GLU A 458 31.26 -4.09 -13.34
CA GLU A 458 31.77 -3.12 -14.28
C GLU A 458 32.54 -1.99 -13.63
N TYR A 459 32.36 -1.76 -12.34
CA TYR A 459 33.17 -0.76 -11.66
C TYR A 459 34.58 -1.27 -11.39
N ILE A 460 34.70 -2.53 -10.96
CA ILE A 460 36.02 -3.12 -10.71
C ILE A 460 36.80 -3.28 -12.02
N SER A 461 36.10 -3.68 -13.09
CA SER A 461 36.73 -3.80 -14.40
C SER A 461 37.14 -2.46 -14.97
N GLY A 462 36.59 -1.37 -14.45
CA GLY A 462 37.05 -0.05 -14.84
C GLY A 462 36.37 0.49 -16.06
N TYR A 463 35.04 0.43 -16.11
CA TYR A 463 34.35 1.07 -17.23
C TYR A 463 34.12 2.54 -16.92
N TYR A 464 33.44 2.81 -15.82
CA TYR A 464 32.97 4.14 -15.46
C TYR A 464 33.27 4.43 -14.00
N ARG A 465 33.04 5.67 -13.61
CA ARG A 465 33.09 6.10 -12.23
C ARG A 465 31.74 5.82 -11.57
N VAL A 466 31.70 6.00 -10.25
CA VAL A 466 30.41 5.93 -9.57
C VAL A 466 29.61 7.18 -9.91
N SER A 467 30.29 8.30 -10.17
CA SER A 467 29.60 9.57 -10.40
C SER A 467 28.89 9.59 -11.75
N SER A 468 29.51 9.03 -12.78
CA SER A 468 28.88 8.99 -14.09
C SER A 468 27.91 7.84 -14.24
N TYR A 469 28.04 6.78 -13.43
CA TYR A 469 27.00 5.76 -13.41
C TYR A 469 25.76 6.27 -12.69
N PHE A 470 25.94 7.08 -11.65
CA PHE A 470 24.80 7.60 -10.90
C PHE A 470 24.05 8.64 -11.72
N LEU A 471 24.77 9.62 -12.28
CA LEU A 471 24.11 10.68 -13.03
C LEU A 471 23.56 10.18 -14.36
N GLY A 472 24.17 9.17 -14.96
CA GLY A 472 23.71 8.71 -16.25
C GLY A 472 22.47 7.85 -16.17
N LYS A 473 22.17 7.35 -14.99
CA LYS A 473 20.97 6.54 -14.78
C LYS A 473 19.83 7.35 -14.17
N LEU A 474 20.13 8.44 -13.48
CA LEU A 474 19.08 9.40 -13.13
C LEU A 474 18.58 10.13 -14.37
N LEU A 475 19.48 10.40 -15.31
CA LEU A 475 19.13 11.18 -16.49
C LEU A 475 18.28 10.37 -17.45
N SER A 476 18.45 9.06 -17.46
CA SER A 476 17.82 8.22 -18.46
C SER A 476 16.60 7.46 -17.96
N ASP A 477 16.60 7.01 -16.71
CA ASP A 477 15.47 6.25 -16.17
C ASP A 477 14.56 7.09 -15.28
N LEU A 478 15.14 7.77 -14.29
CA LEU A 478 14.32 8.43 -13.29
C LEU A 478 13.70 9.71 -13.85
N LEU A 479 14.40 10.40 -14.74
CA LEU A 479 13.92 11.70 -15.19
C LEU A 479 12.72 11.62 -16.13
N PRO A 480 12.73 10.86 -17.25
CA PRO A 480 11.53 10.89 -18.10
C PRO A 480 10.36 10.06 -17.59
N MET A 481 10.58 9.07 -16.74
CA MET A 481 9.47 8.25 -16.26
C MET A 481 8.71 8.87 -15.10
N ARG A 482 9.21 9.97 -14.54
CA ARG A 482 8.50 10.70 -13.51
C ARG A 482 7.99 12.05 -13.98
N MET A 483 8.37 12.50 -15.18
CA MET A 483 7.73 13.65 -15.76
C MET A 483 6.39 13.30 -16.39
N LEU A 484 6.32 12.11 -17.00
CA LEU A 484 5.16 11.82 -17.85
C LEU A 484 3.86 11.60 -17.10
N PRO A 485 3.78 10.81 -16.01
CA PRO A 485 2.49 10.74 -15.31
C PRO A 485 2.07 12.03 -14.62
N SER A 486 3.01 12.91 -14.29
CA SER A 486 2.65 14.19 -13.70
C SER A 486 2.04 15.14 -14.71
N ILE A 487 2.31 14.93 -15.99
CA ILE A 487 1.68 15.70 -17.07
C ILE A 487 0.33 15.09 -17.46
N ILE A 488 0.25 13.77 -17.50
CA ILE A 488 -0.96 13.09 -17.96
C ILE A 488 -2.09 13.21 -16.94
N PHE A 489 -1.77 13.13 -15.64
CA PHE A 489 -2.79 13.38 -14.62
C PHE A 489 -3.32 14.80 -14.71
N THR A 490 -2.43 15.78 -14.85
CA THR A 490 -2.85 17.17 -14.84
C THR A 490 -3.61 17.55 -16.11
N CYS A 491 -3.26 16.98 -17.27
CA CYS A 491 -3.97 17.35 -18.49
C CYS A 491 -5.38 16.73 -18.52
N ILE A 492 -5.54 15.54 -17.96
CA ILE A 492 -6.85 14.89 -17.99
C ILE A 492 -7.80 15.49 -16.96
N VAL A 493 -7.40 15.47 -15.69
CA VAL A 493 -8.36 15.73 -14.63
C VAL A 493 -8.63 17.21 -14.38
N TYR A 494 -7.87 18.12 -14.96
CA TYR A 494 -8.00 19.52 -14.55
C TYR A 494 -9.27 20.15 -15.09
N PHE A 495 -9.66 19.77 -16.31
CA PHE A 495 -10.81 20.38 -16.94
C PHE A 495 -12.06 19.51 -16.90
N MET A 496 -11.92 18.24 -16.51
CA MET A 496 -13.10 17.44 -16.18
C MET A 496 -13.64 17.84 -14.82
N LEU A 497 -12.75 17.94 -13.83
CA LEU A 497 -13.14 18.38 -12.49
C LEU A 497 -13.52 19.84 -12.46
N GLY A 498 -12.92 20.66 -13.30
CA GLY A 498 -13.22 22.07 -13.27
C GLY A 498 -12.51 22.75 -12.13
N LEU A 499 -11.19 22.63 -12.08
CA LEU A 499 -10.38 23.33 -11.10
C LEU A 499 -10.20 24.77 -11.57
N LYS A 500 -9.38 25.55 -10.86
CA LYS A 500 -9.27 27.01 -11.02
C LYS A 500 -8.83 27.39 -12.42
N PRO A 501 -9.73 27.97 -13.23
CA PRO A 501 -9.50 28.08 -14.68
C PRO A 501 -8.58 29.24 -15.06
N LYS A 502 -7.35 29.18 -14.57
CA LYS A 502 -6.33 30.15 -14.90
C LYS A 502 -5.14 29.40 -15.48
N ALA A 503 -4.29 30.12 -16.21
CA ALA A 503 -3.17 29.47 -16.88
C ALA A 503 -2.02 29.20 -15.92
N ASP A 504 -1.79 30.08 -14.95
CA ASP A 504 -0.71 29.84 -14.00
C ASP A 504 -1.08 28.79 -12.97
N ALA A 505 -2.36 28.66 -12.61
CA ALA A 505 -2.78 27.59 -11.71
C ALA A 505 -2.70 26.23 -12.36
N PHE A 506 -2.75 26.15 -13.69
CA PHE A 506 -2.60 24.89 -14.37
C PHE A 506 -1.17 24.37 -14.27
N PHE A 507 -0.19 25.26 -14.36
CA PHE A 507 1.21 24.85 -14.38
C PHE A 507 1.83 24.77 -13.00
N VAL A 508 1.28 25.44 -11.99
CA VAL A 508 1.75 25.21 -10.63
C VAL A 508 1.34 23.82 -10.16
N MET A 509 0.15 23.37 -10.55
CA MET A 509 -0.29 22.03 -10.21
C MET A 509 0.54 20.97 -10.91
N MET A 510 0.91 21.21 -12.17
CA MET A 510 1.76 20.28 -12.90
C MET A 510 3.16 20.21 -12.30
N PHE A 511 3.67 21.34 -11.83
CA PHE A 511 4.98 21.41 -11.22
C PHE A 511 4.98 20.88 -9.79
N THR A 512 3.86 20.99 -9.06
CA THR A 512 3.80 20.49 -7.69
C THR A 512 3.69 18.97 -7.68
N LEU A 513 2.91 18.39 -8.59
CA LEU A 513 2.87 16.95 -8.75
C LEU A 513 4.19 16.38 -9.24
N MET A 514 5.01 17.18 -9.89
CA MET A 514 6.28 16.72 -10.42
C MET A 514 7.38 16.74 -9.37
N MET A 515 7.32 17.70 -8.44
CA MET A 515 8.30 17.75 -7.36
C MET A 515 8.03 16.68 -6.30
N VAL A 516 6.77 16.30 -6.11
CA VAL A 516 6.45 15.27 -5.12
C VAL A 516 6.72 13.88 -5.69
N ALA A 517 6.83 13.75 -7.01
CA ALA A 517 7.22 12.49 -7.62
C ALA A 517 8.72 12.28 -7.60
N TYR A 518 9.49 13.35 -7.70
CA TYR A 518 10.95 13.27 -7.58
C TYR A 518 11.38 13.06 -6.14
N SER A 519 10.72 13.74 -5.21
CA SER A 519 11.13 13.68 -3.82
C SER A 519 10.83 12.32 -3.21
N ALA A 520 9.75 11.68 -3.64
CA ALA A 520 9.45 10.34 -3.17
C ALA A 520 10.31 9.29 -3.87
N SER A 521 10.79 9.59 -5.07
CA SER A 521 11.65 8.65 -5.79
C SER A 521 13.08 8.72 -5.29
N SER A 522 13.52 9.93 -4.94
CA SER A 522 14.84 10.11 -4.34
C SER A 522 14.93 9.46 -2.98
N MET A 523 13.83 9.49 -2.22
CA MET A 523 13.77 8.79 -0.95
C MET A 523 13.82 7.28 -1.14
N ALA A 524 13.21 6.77 -2.22
CA ALA A 524 13.26 5.36 -2.52
C ALA A 524 14.66 4.92 -2.94
N LEU A 525 15.40 5.78 -3.63
CA LEU A 525 16.77 5.46 -3.98
C LEU A 525 17.70 5.60 -2.79
N ALA A 526 17.39 6.47 -1.84
CA ALA A 526 18.24 6.64 -0.67
C ALA A 526 18.15 5.45 0.27
N ILE A 527 17.13 4.62 0.14
CA ILE A 527 16.98 3.42 0.95
C ILE A 527 17.43 2.18 0.20
N ALA A 528 17.14 2.11 -1.10
CA ALA A 528 17.41 0.90 -1.87
C ALA A 528 18.82 0.81 -2.41
N ALA A 529 19.59 1.91 -2.43
CA ALA A 529 20.92 1.87 -3.00
C ALA A 529 21.86 1.09 -2.10
N GLY A 530 22.51 0.06 -2.66
CA GLY A 530 23.40 -0.80 -1.93
C GLY A 530 22.79 -2.14 -1.56
N GLN A 531 21.48 -2.18 -1.34
CA GLN A 531 20.83 -3.43 -0.98
C GLN A 531 20.70 -4.33 -2.20
N SER A 532 20.41 -5.60 -1.95
CA SER A 532 20.28 -6.57 -3.01
C SER A 532 18.94 -7.28 -3.04
N VAL A 533 18.06 -7.05 -2.06
CA VAL A 533 16.71 -7.58 -2.10
C VAL A 533 15.73 -6.43 -2.23
N VAL A 534 14.60 -6.72 -2.86
CA VAL A 534 13.59 -5.69 -3.12
C VAL A 534 12.60 -5.60 -1.97
N SER A 535 12.26 -6.75 -1.39
CA SER A 535 11.10 -6.87 -0.52
C SER A 535 11.28 -6.19 0.84
N VAL A 536 12.51 -5.98 1.29
CA VAL A 536 12.68 -5.30 2.57
C VAL A 536 12.64 -3.79 2.37
N ALA A 537 13.23 -3.30 1.28
CA ALA A 537 13.18 -1.87 1.01
C ALA A 537 11.80 -1.43 0.55
N THR A 538 11.04 -2.33 -0.09
CA THR A 538 9.68 -2.00 -0.50
C THR A 538 8.77 -1.85 0.70
N LEU A 539 8.97 -2.68 1.72
CA LEU A 539 8.17 -2.57 2.94
C LEU A 539 8.55 -1.34 3.74
N LEU A 540 9.84 -1.01 3.80
CA LEU A 540 10.29 0.14 4.57
C LEU A 540 9.87 1.46 3.93
N MET A 541 9.69 1.48 2.61
CA MET A 541 9.10 2.64 1.96
C MET A 541 7.64 2.81 2.33
N THR A 542 6.92 1.70 2.42
CA THR A 542 5.48 1.77 2.66
C THR A 542 5.18 2.14 4.10
N ILE A 543 6.01 1.69 5.06
CA ILE A 543 5.83 2.08 6.45
C ILE A 543 6.09 3.57 6.63
N CYS A 544 7.11 4.10 5.96
CA CYS A 544 7.42 5.52 6.10
C CYS A 544 6.38 6.40 5.44
N PHE A 545 5.70 5.91 4.41
CA PHE A 545 4.68 6.72 3.74
C PHE A 545 3.43 6.84 4.59
N VAL A 546 3.02 5.78 5.28
CA VAL A 546 1.78 5.87 6.05
C VAL A 546 1.93 6.68 7.32
N PHE A 547 3.16 6.96 7.74
CA PHE A 547 3.38 7.93 8.81
C PHE A 547 3.53 9.34 8.28
N MET A 548 4.08 9.50 7.08
CA MET A 548 4.10 10.81 6.44
C MET A 548 2.71 11.28 6.03
N MET A 549 1.76 10.37 5.90
CA MET A 549 0.45 10.66 5.36
C MET A 549 -0.59 10.91 6.44
N ILE A 550 -0.29 10.54 7.70
CA ILE A 550 -1.07 11.04 8.81
C ILE A 550 -0.77 12.52 9.05
N PHE A 551 0.49 12.91 8.90
CA PHE A 551 0.94 14.27 9.12
C PHE A 551 0.81 15.15 7.89
N SER A 552 -0.10 14.83 6.98
CA SER A 552 -0.25 15.61 5.75
C SER A 552 -1.29 16.69 5.85
N GLY A 553 -2.28 16.55 6.72
CA GLY A 553 -3.26 17.60 6.96
C GLY A 553 -4.69 17.25 6.61
N LEU A 554 -5.01 16.02 6.22
CA LEU A 554 -6.41 15.69 6.02
C LEU A 554 -6.98 14.89 7.18
N LEU A 555 -6.21 13.95 7.71
CA LEU A 555 -6.74 13.05 8.73
C LEU A 555 -6.73 13.70 10.10
N VAL A 556 -5.61 14.28 10.50
CA VAL A 556 -5.51 15.02 11.75
C VAL A 556 -5.26 16.48 11.41
N ASN A 557 -5.90 17.38 12.15
CA ASN A 557 -5.63 18.79 11.98
C ASN A 557 -4.30 19.13 12.63
N LEU A 558 -3.40 19.71 11.86
CA LEU A 558 -2.02 19.90 12.30
C LEU A 558 -1.86 21.01 13.31
N THR A 559 -2.87 21.82 13.53
CA THR A 559 -2.81 22.84 14.57
C THR A 559 -3.20 22.30 15.95
N THR A 560 -3.68 21.07 16.02
CA THR A 560 -4.16 20.50 17.28
C THR A 560 -3.21 19.50 17.89
N ILE A 561 -2.14 19.09 17.19
CA ILE A 561 -1.24 18.09 17.71
C ILE A 561 -0.39 18.71 18.81
N ALA A 562 -0.03 17.92 19.82
CA ALA A 562 0.80 18.37 20.92
C ALA A 562 2.17 18.80 20.41
N SER A 563 2.79 19.72 21.16
CA SER A 563 3.98 20.40 20.67
C SER A 563 5.20 19.49 20.61
N TRP A 564 5.18 18.36 21.30
CA TRP A 564 6.29 17.43 21.22
C TRP A 564 6.13 16.39 20.13
N LEU A 565 4.98 16.34 19.45
CA LEU A 565 4.86 15.58 18.21
C LEU A 565 4.86 16.46 16.97
N SER A 566 4.48 17.73 17.10
CA SER A 566 4.20 18.59 15.96
C SER A 566 5.42 18.99 15.16
N TRP A 567 6.61 18.66 15.62
CA TRP A 567 7.81 18.87 14.82
C TRP A 567 8.02 17.78 13.80
N LEU A 568 7.25 16.69 13.88
CA LEU A 568 7.37 15.59 12.92
C LEU A 568 6.65 15.87 11.62
N GLN A 569 5.89 16.96 11.52
CA GLN A 569 5.21 17.30 10.29
C GLN A 569 6.16 17.89 9.25
N TYR A 570 7.38 18.22 9.64
CA TYR A 570 8.41 18.76 8.77
C TYR A 570 9.15 17.67 8.00
N PHE A 571 8.97 16.42 8.39
CA PHE A 571 9.66 15.29 7.79
C PHE A 571 8.79 14.51 6.82
N SER A 572 7.79 15.15 6.23
CA SER A 572 6.80 14.42 5.44
C SER A 572 6.58 15.06 4.09
N ILE A 573 6.84 14.29 3.04
CA ILE A 573 6.69 14.69 1.64
C ILE A 573 5.24 14.93 1.23
N PRO A 574 4.23 14.12 1.60
CA PRO A 574 2.85 14.49 1.22
C PRO A 574 2.31 15.72 1.91
N ARG A 575 2.94 16.23 2.97
CA ARG A 575 2.48 17.48 3.57
C ARG A 575 2.79 18.65 2.66
N TYR A 576 3.98 18.67 2.06
CA TYR A 576 4.40 19.82 1.26
C TYR A 576 3.72 19.85 -0.10
N GLY A 577 3.39 18.69 -0.65
CA GLY A 577 2.68 18.65 -1.91
C GLY A 577 1.21 18.98 -1.78
N PHE A 578 0.59 18.58 -0.69
CA PHE A 578 -0.83 18.80 -0.46
C PHE A 578 -1.12 20.18 0.10
N THR A 579 -0.13 20.82 0.72
CA THR A 579 -0.28 22.20 1.12
C THR A 579 -0.17 23.14 -0.07
N ALA A 580 0.69 22.80 -1.03
CA ALA A 580 0.88 23.63 -2.21
C ALA A 580 -0.20 23.45 -3.24
N LEU A 581 -0.93 22.33 -3.23
CA LEU A 581 -2.08 22.21 -4.11
C LEU A 581 -3.33 22.82 -3.50
N GLN A 582 -3.48 22.72 -2.19
CA GLN A 582 -4.58 23.39 -1.51
C GLN A 582 -4.41 24.90 -1.53
N HIS A 583 -3.18 25.40 -1.43
CA HIS A 583 -2.97 26.85 -1.53
C HIS A 583 -3.28 27.34 -2.92
N ASN A 584 -3.01 26.52 -3.93
CA ASN A 584 -3.19 26.92 -5.32
C ASN A 584 -4.65 27.03 -5.70
N GLU A 585 -5.51 26.24 -5.06
CA GLU A 585 -6.85 26.00 -5.55
C GLU A 585 -7.94 26.63 -4.72
N PHE A 586 -7.71 26.83 -3.42
CA PHE A 586 -8.72 27.35 -2.52
C PHE A 586 -8.67 28.86 -2.33
N LEU A 587 -8.01 29.63 -3.18
CA LEU A 587 -7.84 31.04 -2.85
C LEU A 587 -9.09 31.89 -3.11
N GLY A 588 -9.52 32.00 -4.35
CA GLY A 588 -10.62 32.91 -4.61
C GLY A 588 -12.00 32.27 -4.56
N GLN A 589 -12.16 31.27 -3.72
CA GLN A 589 -13.34 30.40 -3.77
C GLN A 589 -14.37 30.79 -2.74
N ASN A 590 -15.64 30.70 -3.11
CA ASN A 590 -16.75 30.81 -2.18
C ASN A 590 -17.49 29.48 -2.16
N PHE A 591 -18.02 29.11 -0.99
CA PHE A 591 -18.62 27.80 -0.82
C PHE A 591 -19.97 27.82 -0.14
N CYS A 592 -20.52 28.99 0.14
CA CYS A 592 -21.85 29.12 0.72
C CYS A 592 -22.72 29.88 -0.28
N PRO A 593 -23.58 29.19 -1.04
CA PRO A 593 -24.34 29.88 -2.08
C PRO A 593 -25.44 30.74 -1.50
N GLY A 594 -25.45 32.01 -1.90
CA GLY A 594 -26.39 32.98 -1.38
C GLY A 594 -25.85 33.79 -0.23
N LEU A 595 -24.61 33.56 0.16
CA LEU A 595 -24.02 34.25 1.32
C LEU A 595 -22.66 34.80 0.90
N ASN A 596 -22.60 36.12 0.73
CA ASN A 596 -21.33 36.80 0.51
C ASN A 596 -20.64 36.92 1.85
N ALA A 597 -19.60 36.10 2.06
CA ALA A 597 -18.91 36.04 3.33
C ALA A 597 -17.48 36.51 3.26
N THR A 598 -17.06 37.10 2.14
CA THR A 598 -15.68 37.56 2.01
C THR A 598 -15.50 39.00 2.49
N GLY A 599 -16.58 39.73 2.74
CA GLY A 599 -16.46 41.04 3.35
C GLY A 599 -16.65 40.95 4.85
N ASN A 600 -17.61 40.12 5.26
CA ASN A 600 -17.86 39.79 6.65
C ASN A 600 -18.58 38.45 6.65
N ASN A 601 -18.28 37.60 7.63
CA ASN A 601 -19.01 36.35 7.74
C ASN A 601 -20.05 36.49 8.85
N PRO A 602 -21.34 36.60 8.52
CA PRO A 602 -22.35 36.54 9.57
C PRO A 602 -22.50 35.11 10.05
N CYS A 603 -22.65 34.96 11.37
CA CYS A 603 -22.84 33.67 12.02
C CYS A 603 -21.70 32.72 11.73
N ASN A 604 -20.58 32.86 12.45
CA ASN A 604 -19.40 32.01 12.30
C ASN A 604 -19.65 30.55 12.64
N TYR A 605 -18.57 29.75 12.67
CA TYR A 605 -18.57 28.29 12.59
C TYR A 605 -19.10 27.81 11.25
N ALA A 606 -18.89 28.57 10.19
CA ALA A 606 -19.55 28.31 8.91
C ALA A 606 -18.62 27.80 7.82
N THR A 607 -17.41 28.37 7.68
CA THR A 607 -16.42 28.07 6.63
C THR A 607 -17.02 28.29 5.23
N CYS A 608 -17.26 29.56 4.93
CA CYS A 608 -17.93 29.95 3.71
C CYS A 608 -17.01 30.51 2.65
N THR A 609 -15.70 30.53 2.87
CA THR A 609 -14.79 30.96 1.83
C THR A 609 -13.51 30.16 1.96
N GLY A 610 -12.72 30.16 0.89
CA GLY A 610 -11.57 29.28 0.83
C GLY A 610 -10.39 29.74 1.62
N GLU A 611 -10.34 31.01 2.00
CA GLU A 611 -9.33 31.47 2.95
C GLU A 611 -9.64 31.01 4.38
N GLU A 612 -10.93 30.90 4.72
CA GLU A 612 -11.29 30.43 6.06
C GLU A 612 -10.96 28.96 6.23
N TYR A 613 -11.13 28.16 5.18
CA TYR A 613 -10.69 26.78 5.23
C TYR A 613 -9.19 26.69 5.36
N LEU A 614 -8.46 27.58 4.70
CA LEU A 614 -7.05 27.39 4.50
C LEU A 614 -6.26 27.85 5.71
N VAL A 615 -6.75 28.87 6.41
CA VAL A 615 -6.14 29.31 7.66
C VAL A 615 -6.46 28.33 8.78
N LYS A 616 -7.65 27.73 8.75
CA LYS A 616 -8.06 26.74 9.74
C LYS A 616 -7.22 25.48 9.69
N GLN A 617 -6.61 25.17 8.56
CA GLN A 617 -5.68 24.07 8.45
C GLN A 617 -4.27 24.44 8.87
N GLY A 618 -3.96 25.72 8.90
CA GLY A 618 -2.65 26.19 9.24
C GLY A 618 -1.78 26.60 8.08
N ILE A 619 -2.37 27.06 6.99
CA ILE A 619 -1.63 27.38 5.77
C ILE A 619 -1.53 28.89 5.64
N ASP A 620 -0.31 29.37 5.38
CA ASP A 620 -0.07 30.79 5.20
C ASP A 620 -0.73 31.27 3.91
N LEU A 621 -1.30 32.47 3.94
CA LEU A 621 -2.01 33.01 2.79
C LEU A 621 -1.14 33.90 1.92
N SER A 622 0.11 34.09 2.28
CA SER A 622 1.05 34.88 1.50
C SER A 622 1.56 34.07 0.31
N PRO A 623 2.11 34.72 -0.72
CA PRO A 623 2.71 33.95 -1.82
C PRO A 623 3.98 33.22 -1.46
N TRP A 624 4.61 33.52 -0.32
CA TRP A 624 5.66 32.64 0.17
C TRP A 624 5.09 31.38 0.78
N GLY A 625 3.84 31.40 1.25
CA GLY A 625 3.20 30.20 1.76
C GLY A 625 2.95 29.14 0.71
N LEU A 626 3.02 29.50 -0.56
CA LEU A 626 2.99 28.51 -1.64
C LEU A 626 4.36 27.96 -1.93
N TRP A 627 5.35 28.82 -2.12
CA TRP A 627 6.66 28.43 -2.61
C TRP A 627 7.61 28.03 -1.49
N LYS A 628 7.19 28.14 -0.24
CA LYS A 628 7.90 27.49 0.87
C LYS A 628 7.85 25.99 0.72
N ASN A 629 6.80 25.47 0.11
CA ASN A 629 6.58 24.05 -0.02
C ASN A 629 7.41 23.46 -1.15
N HIS A 630 7.84 24.27 -2.11
CA HIS A 630 8.64 23.81 -3.21
C HIS A 630 10.13 23.88 -2.94
N VAL A 631 10.58 24.84 -2.12
CA VAL A 631 11.98 24.86 -1.72
C VAL A 631 12.26 23.86 -0.62
N ALA A 632 11.23 23.29 0.00
CA ALA A 632 11.39 22.21 0.94
C ALA A 632 11.34 20.86 0.29
N LEU A 633 10.73 20.75 -0.88
CA LEU A 633 10.81 19.53 -1.67
C LEU A 633 12.08 19.49 -2.50
N ALA A 634 12.60 20.65 -2.90
CA ALA A 634 13.86 20.68 -3.65
C ALA A 634 15.05 20.40 -2.74
N CYS A 635 14.98 20.79 -1.47
CA CYS A 635 16.04 20.45 -0.54
C CYS A 635 16.01 18.99 -0.12
N MET A 636 14.88 18.32 -0.25
CA MET A 636 14.84 16.88 0.04
C MET A 636 15.25 16.04 -1.16
N ILE A 637 15.23 16.59 -2.37
CA ILE A 637 15.80 15.88 -3.49
C ILE A 637 17.33 15.86 -3.40
N VAL A 638 17.92 16.98 -3.00
CA VAL A 638 19.38 17.10 -2.93
C VAL A 638 19.95 16.28 -1.78
N ILE A 639 19.22 16.21 -0.66
CA ILE A 639 19.69 15.40 0.46
C ILE A 639 19.54 13.92 0.17
N PHE A 640 18.41 13.50 -0.39
CA PHE A 640 18.18 12.08 -0.64
C PHE A 640 18.98 11.55 -1.82
N LEU A 641 19.36 12.39 -2.77
CA LEU A 641 20.23 11.94 -3.85
C LEU A 641 21.71 12.07 -3.51
N THR A 642 22.04 12.59 -2.34
CA THR A 642 23.41 12.56 -1.85
C THR A 642 23.61 11.37 -0.93
N ILE A 643 22.60 11.02 -0.15
CA ILE A 643 22.62 9.78 0.61
C ILE A 643 22.64 8.58 -0.33
N ALA A 644 21.92 8.67 -1.45
CA ALA A 644 21.94 7.59 -2.43
C ALA A 644 23.25 7.53 -3.19
N TYR A 645 24.00 8.62 -3.26
CA TYR A 645 25.30 8.58 -3.91
C TYR A 645 26.37 8.02 -3.00
N LEU A 646 26.32 8.37 -1.71
CA LEU A 646 27.32 7.90 -0.77
C LEU A 646 27.13 6.45 -0.39
N LYS A 647 25.94 5.88 -0.62
CA LYS A 647 25.73 4.47 -0.36
C LYS A 647 26.23 3.61 -1.51
N LEU A 648 26.40 4.17 -2.70
CA LEU A 648 27.07 3.47 -3.79
C LEU A 648 28.57 3.69 -3.77
N LEU A 649 29.02 4.84 -3.28
CA LEU A 649 30.44 5.13 -3.23
C LEU A 649 31.15 4.35 -2.14
N PHE A 650 30.51 4.23 -0.97
CA PHE A 650 31.06 3.53 0.17
C PHE A 650 30.59 2.08 0.26
N LEU A 651 30.26 1.49 -0.88
CA LEU A 651 29.76 0.12 -0.91
C LEU A 651 30.92 -0.85 -0.84
N LYS A 652 30.64 -2.05 -0.33
CA LYS A 652 31.62 -3.13 -0.34
C LYS A 652 31.66 -3.71 -1.75
N LYS A 653 32.69 -3.35 -2.51
CA LYS A 653 32.79 -3.75 -3.90
C LYS A 653 33.41 -5.13 -4.08
N TYR A 654 33.95 -5.71 -3.01
CA TYR A 654 34.72 -6.94 -3.12
C TYR A 654 33.94 -8.19 -2.77
N ALA B 35 5.48 -57.95 -5.20
CA ALA B 35 4.84 -56.96 -6.05
C ALA B 35 5.62 -56.77 -7.33
N VAL B 36 4.94 -56.80 -8.47
CA VAL B 36 5.57 -56.51 -9.76
C VAL B 36 4.67 -55.55 -10.54
N LEU B 37 5.17 -54.38 -10.86
CA LEU B 37 4.50 -53.55 -11.86
C LEU B 37 4.73 -54.17 -13.23
N SER B 38 3.79 -53.95 -14.13
CA SER B 38 3.94 -54.41 -15.51
C SER B 38 3.09 -53.51 -16.38
N PHE B 39 3.72 -52.54 -17.00
CA PHE B 39 3.05 -51.55 -17.83
C PHE B 39 3.24 -51.90 -19.31
N HIS B 40 2.31 -51.45 -20.14
CA HIS B 40 2.24 -51.91 -21.53
C HIS B 40 1.58 -50.86 -22.39
N ASN B 41 2.33 -50.31 -23.34
CA ASN B 41 1.84 -49.52 -24.48
C ASN B 41 1.12 -48.25 -24.03
N ILE B 42 1.85 -47.40 -23.33
CA ILE B 42 1.30 -46.17 -22.78
C ILE B 42 1.44 -45.05 -23.80
N CYS B 43 0.32 -44.40 -24.13
CA CYS B 43 0.31 -43.26 -25.03
C CYS B 43 -0.35 -42.11 -24.28
N TYR B 44 0.43 -41.36 -23.51
CA TYR B 44 -0.14 -40.24 -22.78
C TYR B 44 -0.13 -38.98 -23.63
N ARG B 45 -1.20 -38.20 -23.51
CA ARG B 45 -1.31 -36.94 -24.23
C ARG B 45 -1.82 -35.86 -23.29
N VAL B 46 -1.57 -34.61 -23.68
CA VAL B 46 -2.01 -33.48 -22.88
C VAL B 46 -3.46 -33.14 -23.22
N LYS B 61 -0.69 -33.24 -27.78
CA LYS B 61 0.74 -33.50 -27.74
C LYS B 61 1.04 -34.80 -27.01
N GLU B 62 1.61 -35.76 -27.74
CA GLU B 62 1.90 -37.09 -27.22
C GLU B 62 3.32 -37.11 -26.68
N ILE B 63 3.50 -36.65 -25.44
CA ILE B 63 4.85 -36.79 -24.87
C ILE B 63 5.00 -38.06 -24.04
N LEU B 64 4.78 -39.20 -24.70
CA LEU B 64 5.16 -40.57 -24.39
C LEU B 64 4.65 -41.33 -25.60
N SER B 65 5.34 -42.36 -26.06
CA SER B 65 4.93 -43.01 -27.31
C SER B 65 4.44 -44.44 -27.06
N ASN B 66 5.30 -45.34 -26.60
CA ASN B 66 4.91 -46.70 -26.26
C ASN B 66 6.02 -47.30 -25.41
N ILE B 67 5.75 -47.54 -24.14
CA ILE B 67 6.76 -47.95 -23.19
C ILE B 67 6.32 -49.24 -22.53
N ASN B 68 7.19 -50.25 -22.55
CA ASN B 68 6.88 -51.57 -22.04
C ASN B 68 7.93 -51.96 -21.01
N GLY B 69 7.56 -52.83 -20.10
CA GLY B 69 8.53 -53.37 -19.17
C GLY B 69 7.90 -53.72 -17.84
N ILE B 70 8.47 -54.71 -17.19
CA ILE B 70 8.04 -55.08 -15.85
C ILE B 70 9.05 -54.55 -14.86
N MET B 71 8.63 -54.43 -13.60
CA MET B 71 9.48 -53.92 -12.52
C MET B 71 9.39 -54.88 -11.34
N LYS B 72 10.34 -55.80 -11.27
CA LYS B 72 10.41 -56.81 -10.24
C LYS B 72 10.81 -56.17 -8.91
N PRO B 73 10.64 -56.87 -7.77
CA PRO B 73 11.09 -56.29 -6.49
C PRO B 73 12.59 -56.18 -6.39
N GLY B 74 13.07 -54.95 -6.27
CA GLY B 74 14.48 -54.64 -6.21
C GLY B 74 14.67 -53.14 -6.11
N LEU B 75 15.57 -52.59 -6.91
CA LEU B 75 15.89 -51.17 -6.86
C LEU B 75 15.90 -50.65 -8.29
N ASN B 76 14.73 -50.21 -8.75
CA ASN B 76 14.51 -49.85 -10.15
C ASN B 76 14.79 -48.37 -10.36
N ALA B 77 15.32 -48.02 -11.53
CA ALA B 77 15.75 -46.65 -11.80
C ALA B 77 15.34 -46.22 -13.19
N ILE B 78 15.02 -44.93 -13.34
CA ILE B 78 14.53 -44.36 -14.59
C ILE B 78 15.43 -43.19 -14.94
N LEU B 79 16.36 -43.40 -15.86
CA LEU B 79 17.33 -42.38 -16.25
C LEU B 79 16.96 -41.73 -17.58
N GLY B 80 17.72 -40.71 -17.93
CA GLY B 80 17.53 -40.01 -19.19
C GLY B 80 17.65 -38.52 -19.03
N PRO B 81 17.52 -37.79 -20.14
CA PRO B 81 17.53 -36.33 -20.07
C PRO B 81 16.24 -35.80 -19.46
N THR B 82 16.25 -34.49 -19.18
CA THR B 82 15.22 -33.90 -18.34
C THR B 82 13.88 -33.82 -19.06
N GLY B 83 13.88 -33.35 -20.30
CA GLY B 83 12.63 -33.20 -21.04
C GLY B 83 12.01 -34.47 -21.56
N GLY B 84 12.64 -35.63 -21.33
CA GLY B 84 12.14 -36.89 -21.82
C GLY B 84 10.99 -37.42 -21.01
N GLY B 85 11.02 -38.72 -20.76
CA GLY B 85 9.98 -39.38 -20.01
C GLY B 85 10.35 -39.83 -18.62
N LYS B 86 11.45 -39.35 -18.06
CA LYS B 86 11.88 -39.83 -16.75
C LYS B 86 10.99 -39.30 -15.63
N SER B 87 10.33 -38.16 -15.85
CA SER B 87 9.44 -37.60 -14.86
C SER B 87 7.97 -37.87 -15.17
N SER B 88 7.67 -38.24 -16.41
CA SER B 88 6.29 -38.48 -16.82
C SER B 88 5.89 -39.94 -16.67
N LEU B 89 6.82 -40.87 -16.86
CA LEU B 89 6.49 -42.26 -16.66
C LEU B 89 6.27 -42.57 -15.18
N LEU B 90 6.98 -41.87 -14.30
CA LEU B 90 6.86 -42.12 -12.87
C LEU B 90 5.51 -41.62 -12.34
N ASP B 91 4.99 -40.53 -12.89
CA ASP B 91 3.68 -40.04 -12.50
C ASP B 91 2.54 -40.83 -13.12
N VAL B 92 2.81 -41.57 -14.19
CA VAL B 92 1.82 -42.49 -14.75
C VAL B 92 1.80 -43.79 -13.94
N LEU B 93 2.98 -44.31 -13.60
CA LEU B 93 3.07 -45.52 -12.79
C LEU B 93 2.58 -45.33 -11.36
N ALA B 94 2.49 -44.10 -10.87
CA ALA B 94 2.01 -43.82 -9.52
C ALA B 94 0.65 -43.16 -9.51
N ALA B 95 -0.03 -43.12 -10.65
CA ALA B 95 -1.36 -42.52 -10.85
C ALA B 95 -1.40 -41.04 -10.47
N ARG B 96 -0.29 -40.33 -10.63
CA ARG B 96 -0.27 -38.91 -10.33
C ARG B 96 -0.56 -38.05 -11.55
N LYS B 97 -0.99 -38.64 -12.66
CA LYS B 97 -1.41 -37.92 -13.84
C LYS B 97 -2.86 -38.24 -14.20
N ASP B 98 -3.42 -37.41 -15.07
CA ASP B 98 -4.83 -37.50 -15.43
C ASP B 98 -5.07 -38.72 -16.31
N PRO B 99 -6.01 -39.60 -15.95
CA PRO B 99 -6.28 -40.77 -16.81
C PRO B 99 -7.00 -40.46 -18.11
N SER B 100 -7.32 -39.20 -18.40
CA SER B 100 -7.93 -38.87 -19.69
C SER B 100 -6.92 -38.97 -20.82
N GLY B 101 -5.64 -38.82 -20.52
CA GLY B 101 -4.63 -38.94 -21.55
C GLY B 101 -4.04 -40.33 -21.65
N LEU B 102 -4.21 -41.13 -20.59
CA LEU B 102 -3.61 -42.46 -20.53
C LEU B 102 -4.28 -43.42 -21.50
N SER B 103 -3.47 -44.24 -22.17
CA SER B 103 -3.99 -45.19 -23.15
C SER B 103 -3.83 -46.64 -22.72
N GLY B 104 -2.62 -47.08 -22.43
CA GLY B 104 -2.37 -48.48 -22.14
C GLY B 104 -2.74 -48.85 -20.71
N ASP B 105 -2.41 -50.08 -20.36
CA ASP B 105 -2.74 -50.62 -19.05
C ASP B 105 -1.51 -50.71 -18.16
N VAL B 106 -1.73 -50.59 -16.86
CA VAL B 106 -0.70 -50.79 -15.85
C VAL B 106 -1.24 -51.84 -14.89
N LEU B 107 -0.50 -52.93 -14.71
CA LEU B 107 -0.99 -54.11 -14.05
C LEU B 107 -0.09 -54.43 -12.85
N ILE B 108 -0.68 -54.94 -11.78
CA ILE B 108 0.07 -55.35 -10.60
C ILE B 108 -0.32 -56.78 -10.29
N ASN B 109 0.62 -57.71 -10.43
CA ASN B 109 0.47 -59.14 -10.12
C ASN B 109 -0.66 -59.81 -10.88
N GLY B 110 -1.04 -59.28 -12.04
CA GLY B 110 -2.19 -59.77 -12.76
C GLY B 110 -3.49 -59.06 -12.47
N ALA B 111 -3.51 -58.12 -11.53
CA ALA B 111 -4.70 -57.35 -11.20
C ALA B 111 -4.48 -55.88 -11.51
N PRO B 112 -5.47 -55.19 -12.08
CA PRO B 112 -5.29 -53.76 -12.40
C PRO B 112 -5.20 -52.92 -11.14
N ARG B 113 -4.76 -51.68 -11.33
CA ARG B 113 -4.61 -50.77 -10.21
C ARG B 113 -5.98 -50.28 -9.73
N PRO B 114 -6.36 -50.53 -8.49
CA PRO B 114 -7.66 -50.06 -7.99
C PRO B 114 -7.64 -48.60 -7.59
N ALA B 115 -8.73 -48.11 -7.02
CA ALA B 115 -8.75 -46.77 -6.43
C ALA B 115 -8.04 -46.72 -5.08
N ASN B 116 -7.70 -47.87 -4.51
CA ASN B 116 -6.97 -47.98 -3.27
C ASN B 116 -5.45 -47.94 -3.49
N PHE B 117 -5.01 -47.69 -4.72
CA PHE B 117 -3.59 -47.76 -5.02
C PHE B 117 -2.83 -46.56 -4.47
N LYS B 118 -3.45 -45.39 -4.50
CA LYS B 118 -2.79 -44.19 -3.99
C LYS B 118 -2.66 -44.21 -2.47
N CYS B 119 -3.45 -45.03 -1.78
CA CYS B 119 -3.34 -45.14 -0.34
C CYS B 119 -2.41 -46.28 0.09
N ASN B 120 -2.17 -47.25 -0.79
CA ASN B 120 -1.34 -48.40 -0.46
C ASN B 120 0.06 -48.32 -1.03
N SER B 121 0.40 -47.25 -1.75
CA SER B 121 1.73 -47.02 -2.25
C SER B 121 2.20 -45.65 -1.82
N GLY B 122 3.48 -45.54 -1.49
CA GLY B 122 4.05 -44.29 -1.03
C GLY B 122 4.76 -43.57 -2.16
N TYR B 123 4.41 -42.30 -2.34
CA TYR B 123 5.09 -41.43 -3.28
C TYR B 123 5.79 -40.34 -2.51
N VAL B 124 7.04 -40.04 -2.88
CA VAL B 124 7.88 -39.11 -2.15
C VAL B 124 8.23 -37.95 -3.08
N VAL B 125 7.91 -36.73 -2.66
CA VAL B 125 8.12 -35.54 -3.48
C VAL B 125 9.62 -35.25 -3.57
N GLN B 126 10.02 -34.54 -4.63
CA GLN B 126 11.41 -34.13 -4.79
C GLN B 126 11.84 -33.17 -3.70
N ASP B 127 11.25 -31.99 -3.64
CA ASP B 127 11.56 -31.08 -2.56
C ASP B 127 10.76 -31.45 -1.31
N ASP B 128 11.32 -31.11 -0.16
CA ASP B 128 10.78 -31.56 1.11
C ASP B 128 9.44 -30.89 1.42
N VAL B 129 8.42 -31.71 1.65
CA VAL B 129 7.12 -31.23 2.07
C VAL B 129 6.94 -31.41 3.58
N VAL B 130 8.02 -31.64 4.30
CA VAL B 130 7.92 -31.80 5.74
C VAL B 130 7.70 -30.44 6.38
N MET B 131 7.00 -30.44 7.50
CA MET B 131 6.78 -29.24 8.28
C MET B 131 8.06 -28.94 9.04
N GLY B 132 8.78 -27.91 8.63
CA GLY B 132 10.05 -27.59 9.23
C GLY B 132 9.95 -27.01 10.63
N THR B 133 8.76 -26.61 11.05
CA THR B 133 8.55 -26.08 12.38
C THR B 133 8.07 -27.12 13.38
N LEU B 134 7.74 -28.32 12.93
CA LEU B 134 7.47 -29.44 13.81
C LEU B 134 8.70 -30.32 13.87
N THR B 135 8.71 -31.24 14.82
CA THR B 135 9.85 -32.12 14.96
C THR B 135 9.65 -33.40 14.17
N VAL B 136 10.66 -34.27 14.17
CA VAL B 136 10.61 -35.51 13.42
C VAL B 136 9.63 -36.49 14.06
N ARG B 137 9.46 -36.43 15.38
CA ARG B 137 8.44 -37.22 16.05
C ARG B 137 7.05 -36.75 15.68
N GLU B 138 6.85 -35.43 15.61
CA GLU B 138 5.52 -34.88 15.37
C GLU B 138 5.07 -35.01 13.92
N ASN B 139 6.00 -34.98 12.97
CA ASN B 139 5.63 -35.14 11.57
C ASN B 139 5.19 -36.55 11.26
N LEU B 140 5.76 -37.55 11.92
CA LEU B 140 5.33 -38.91 11.72
C LEU B 140 4.05 -39.24 12.45
N GLN B 141 3.71 -38.49 13.51
CA GLN B 141 2.45 -38.70 14.20
C GLN B 141 1.28 -38.13 13.41
N PHE B 142 1.48 -37.03 12.70
CA PHE B 142 0.44 -36.49 11.83
C PHE B 142 0.15 -37.43 10.67
N SER B 143 1.18 -38.01 10.09
CA SER B 143 0.99 -38.96 9.00
C SER B 143 0.39 -40.27 9.49
N ALA B 144 0.67 -40.65 10.73
CA ALA B 144 0.09 -41.89 11.25
C ALA B 144 -1.37 -41.72 11.66
N ALA B 145 -1.76 -40.50 12.04
CA ALA B 145 -3.11 -40.29 12.55
C ALA B 145 -4.14 -40.24 11.43
N LEU B 146 -3.74 -39.81 10.23
CA LEU B 146 -4.70 -39.62 9.15
C LEU B 146 -4.62 -40.67 8.07
N ARG B 147 -3.71 -41.63 8.18
CA ARG B 147 -3.59 -42.70 7.20
C ARG B 147 -3.91 -44.07 7.76
N LEU B 148 -3.50 -44.33 8.99
CA LEU B 148 -3.87 -45.58 9.65
C LEU B 148 -5.34 -45.51 10.09
N ALA B 149 -5.92 -46.66 10.38
CA ALA B 149 -7.32 -46.70 10.74
C ALA B 149 -7.51 -46.21 12.17
N THR B 150 -8.77 -45.89 12.50
CA THR B 150 -9.14 -45.42 13.83
C THR B 150 -9.31 -46.56 14.82
N THR B 151 -9.22 -47.81 14.37
CA THR B 151 -9.28 -48.95 15.26
C THR B 151 -8.02 -49.06 16.11
N MET B 152 -6.87 -48.67 15.57
CA MET B 152 -5.59 -48.85 16.25
C MET B 152 -5.46 -47.94 17.45
N THR B 153 -4.91 -48.49 18.53
CA THR B 153 -4.68 -47.75 19.75
C THR B 153 -3.49 -46.81 19.56
N ASN B 154 -3.45 -45.75 20.37
CA ASN B 154 -2.29 -44.85 20.37
C ASN B 154 -1.03 -45.58 20.86
N HIS B 155 -1.18 -46.61 21.68
CA HIS B 155 -0.06 -47.48 22.00
C HIS B 155 0.39 -48.28 20.78
N GLU B 156 -0.55 -48.63 19.90
CA GLU B 156 -0.19 -49.39 18.71
C GLU B 156 0.46 -48.49 17.66
N LYS B 157 0.01 -47.25 17.53
CA LYS B 157 0.56 -46.36 16.52
C LYS B 157 1.93 -45.84 16.89
N ASN B 158 2.18 -45.62 18.19
CA ASN B 158 3.49 -45.11 18.60
C ASN B 158 4.58 -46.16 18.48
N GLU B 159 4.21 -47.45 18.53
CA GLU B 159 5.20 -48.48 18.25
C GLU B 159 5.50 -48.58 16.76
N ARG B 160 4.51 -48.31 15.91
CA ARG B 160 4.74 -48.27 14.46
C ARG B 160 5.66 -47.13 14.07
N ILE B 161 5.58 -46.00 14.78
CA ILE B 161 6.50 -44.90 14.51
C ILE B 161 7.89 -45.23 15.03
N ASN B 162 7.99 -45.94 16.15
CA ASN B 162 9.29 -46.29 16.70
C ASN B 162 9.98 -47.35 15.86
N ARG B 163 9.23 -48.16 15.10
CA ARG B 163 9.85 -49.06 14.15
C ARG B 163 10.40 -48.31 12.96
N VAL B 164 9.71 -47.25 12.52
CA VAL B 164 10.14 -46.50 11.36
C VAL B 164 11.35 -45.63 11.69
N ILE B 165 11.29 -44.89 12.80
CA ILE B 165 12.33 -43.93 13.12
C ILE B 165 13.62 -44.61 13.58
N GLN B 166 13.54 -45.88 13.98
CA GLN B 166 14.74 -46.66 14.25
C GLN B 166 15.32 -47.25 12.97
N GLU B 167 14.46 -47.64 12.02
CA GLU B 167 14.92 -48.17 10.74
C GLU B 167 15.62 -47.11 9.91
N LEU B 168 15.15 -45.87 9.96
CA LEU B 168 15.77 -44.81 9.18
C LEU B 168 17.05 -44.28 9.81
N GLY B 169 17.25 -44.50 11.10
CA GLY B 169 18.42 -43.97 11.77
C GLY B 169 18.27 -42.54 12.24
N LEU B 170 17.06 -42.12 12.59
CA LEU B 170 16.79 -40.78 13.07
C LEU B 170 16.69 -40.71 14.59
N ASP B 171 17.45 -41.53 15.30
CA ASP B 171 17.31 -41.63 16.75
C ASP B 171 17.88 -40.41 17.46
N LYS B 172 18.98 -39.87 16.97
CA LYS B 172 19.60 -38.71 17.59
C LYS B 172 18.88 -37.41 17.28
N VAL B 173 18.06 -37.39 16.23
CA VAL B 173 17.31 -36.21 15.85
C VAL B 173 15.81 -36.44 15.95
N ALA B 174 15.39 -37.39 16.78
CA ALA B 174 13.98 -37.77 16.87
C ALA B 174 13.12 -36.69 17.50
N ASP B 175 13.70 -35.79 18.27
CA ASP B 175 12.95 -34.75 18.97
C ASP B 175 13.55 -33.39 18.70
N SER B 176 14.10 -33.20 17.52
CA SER B 176 14.65 -31.92 17.09
C SER B 176 13.79 -31.35 15.99
N LYS B 177 13.69 -30.02 15.94
CA LYS B 177 12.92 -29.37 14.90
C LYS B 177 13.61 -29.54 13.55
N VAL B 178 12.79 -29.73 12.51
CA VAL B 178 13.31 -30.01 11.18
C VAL B 178 14.00 -28.78 10.60
N GLY B 179 13.41 -27.61 10.80
CA GLY B 179 14.14 -26.40 10.48
C GLY B 179 13.47 -25.46 9.51
N THR B 180 13.55 -24.15 9.81
CA THR B 180 12.91 -23.13 8.99
C THR B 180 13.96 -22.05 8.74
N GLN B 181 13.56 -20.91 8.17
CA GLN B 181 14.45 -19.76 8.04
C GLN B 181 14.87 -19.22 9.40
N PHE B 182 13.93 -19.19 10.34
CA PHE B 182 14.14 -18.58 11.65
C PHE B 182 14.58 -19.57 12.71
N ILE B 183 14.68 -20.85 12.38
CA ILE B 183 15.01 -21.91 13.32
C ILE B 183 16.18 -22.71 12.78
N ARG B 184 17.24 -22.85 13.59
CA ARG B 184 18.27 -23.82 13.30
C ARG B 184 17.69 -25.21 13.45
N GLY B 185 17.78 -26.03 12.40
CA GLY B 185 17.12 -27.32 12.39
C GLY B 185 18.02 -28.42 11.88
N VAL B 186 17.39 -29.58 11.67
CA VAL B 186 18.08 -30.76 11.17
C VAL B 186 18.50 -30.50 9.73
N SER B 187 19.70 -30.99 9.36
CA SER B 187 20.30 -30.74 8.06
C SER B 187 19.49 -31.38 6.94
N GLY B 188 19.79 -30.95 5.71
CA GLY B 188 19.04 -31.37 4.53
C GLY B 188 19.22 -32.83 4.15
N GLY B 189 20.23 -33.50 4.71
CA GLY B 189 20.38 -34.92 4.48
C GLY B 189 19.42 -35.78 5.25
N GLU B 190 18.83 -35.25 6.31
CA GLU B 190 17.86 -35.98 7.11
C GLU B 190 16.46 -35.40 7.04
N ARG B 191 16.26 -34.30 6.32
CA ARG B 191 14.92 -33.95 5.89
C ARG B 191 14.44 -34.92 4.82
N LYS B 192 15.36 -35.44 4.00
CA LYS B 192 14.99 -36.42 3.01
C LYS B 192 14.74 -37.77 3.65
N ARG B 193 15.46 -38.10 4.73
CA ARG B 193 15.17 -39.34 5.45
C ARG B 193 13.86 -39.26 6.20
N THR B 194 13.44 -38.05 6.59
CA THR B 194 12.18 -37.90 7.29
C THR B 194 11.00 -38.14 6.37
N SER B 195 11.06 -37.57 5.16
CA SER B 195 9.94 -37.63 4.24
C SER B 195 9.73 -39.02 3.66
N ILE B 196 10.78 -39.86 3.65
CA ILE B 196 10.59 -41.27 3.32
C ILE B 196 9.79 -41.96 4.42
N GLY B 197 10.02 -41.58 5.67
CA GLY B 197 9.32 -42.19 6.78
C GLY B 197 7.87 -41.78 6.90
N MET B 198 7.50 -40.62 6.36
CA MET B 198 6.10 -40.23 6.34
C MET B 198 5.29 -41.05 5.35
N GLU B 199 5.95 -41.76 4.44
CA GLU B 199 5.28 -42.61 3.48
C GLU B 199 5.39 -44.09 3.81
N LEU B 200 6.22 -44.46 4.79
CA LEU B 200 6.37 -45.85 5.22
C LEU B 200 5.50 -46.19 6.43
N ILE B 201 4.57 -45.32 6.81
CA ILE B 201 3.77 -45.57 8.01
C ILE B 201 2.77 -46.69 7.77
N THR B 202 2.11 -46.67 6.62
CA THR B 202 1.15 -47.71 6.28
C THR B 202 1.80 -48.99 5.76
N ASP B 203 3.14 -49.06 5.76
CA ASP B 203 3.98 -50.12 5.21
C ASP B 203 3.61 -50.45 3.78
N PRO B 204 3.93 -49.57 2.81
CA PRO B 204 3.55 -49.84 1.43
C PRO B 204 4.46 -50.89 0.82
N SER B 205 3.91 -51.63 -0.13
CA SER B 205 4.71 -52.62 -0.85
C SER B 205 5.48 -52.00 -2.00
N ILE B 206 5.09 -50.81 -2.45
CA ILE B 206 5.67 -50.15 -3.60
C ILE B 206 6.00 -48.72 -3.20
N LEU B 207 7.26 -48.33 -3.32
CA LEU B 207 7.67 -46.95 -3.09
C LEU B 207 7.99 -46.28 -4.40
N PHE B 208 7.56 -45.04 -4.54
CA PHE B 208 7.86 -44.21 -5.71
C PHE B 208 8.63 -43.00 -5.21
N LEU B 209 9.87 -42.88 -5.61
CA LEU B 209 10.69 -41.74 -5.24
C LEU B 209 10.89 -40.84 -6.44
N ASP B 210 10.77 -39.54 -6.23
CA ASP B 210 10.92 -38.56 -7.30
C ASP B 210 12.21 -37.80 -7.02
N GLU B 211 13.26 -38.09 -7.78
CA GLU B 211 14.60 -37.50 -7.67
C GLU B 211 15.14 -37.58 -6.26
N PRO B 212 15.51 -38.75 -5.75
CA PRO B 212 15.89 -38.85 -4.33
C PRO B 212 17.25 -38.25 -4.01
N THR B 213 18.03 -37.81 -5.01
CA THR B 213 19.36 -37.28 -4.79
C THR B 213 19.56 -35.86 -5.29
N THR B 214 18.61 -35.32 -6.04
CA THR B 214 18.73 -33.95 -6.54
C THR B 214 18.53 -32.97 -5.39
N GLY B 215 19.52 -32.11 -5.19
CA GLY B 215 19.51 -31.17 -4.08
C GLY B 215 20.41 -31.56 -2.94
N LEU B 216 20.96 -32.76 -2.94
CA LEU B 216 21.84 -33.22 -1.89
C LEU B 216 23.29 -33.22 -2.39
N ASP B 217 24.22 -33.32 -1.44
CA ASP B 217 25.63 -33.34 -1.78
C ASP B 217 26.04 -34.75 -2.19
N SER B 218 27.30 -34.89 -2.62
CA SER B 218 27.77 -36.18 -3.14
C SER B 218 27.95 -37.19 -2.03
N SER B 219 28.45 -36.77 -0.87
CA SER B 219 28.60 -37.69 0.25
C SER B 219 27.25 -38.00 0.89
N THR B 220 26.29 -37.08 0.78
CA THR B 220 24.97 -37.31 1.34
C THR B 220 24.18 -38.32 0.50
N ALA B 221 24.27 -38.20 -0.82
CA ALA B 221 23.45 -38.98 -1.74
C ALA B 221 23.78 -40.47 -1.71
N ASN B 222 24.99 -40.83 -1.31
CA ASN B 222 25.30 -42.24 -1.12
C ASN B 222 24.67 -42.77 0.17
N ALA B 223 24.49 -41.92 1.17
CA ALA B 223 23.90 -42.38 2.42
C ALA B 223 22.40 -42.62 2.27
N VAL B 224 21.75 -41.89 1.36
CA VAL B 224 20.34 -42.11 1.10
C VAL B 224 20.12 -43.39 0.29
N LEU B 225 20.98 -43.63 -0.71
CA LEU B 225 20.79 -44.78 -1.58
C LEU B 225 21.26 -46.08 -0.95
N LEU B 226 22.21 -46.03 -0.01
CA LEU B 226 22.55 -47.24 0.73
C LEU B 226 21.46 -47.58 1.73
N LEU B 227 20.67 -46.59 2.14
CA LEU B 227 19.47 -46.87 2.93
C LEU B 227 18.42 -47.56 2.09
N LEU B 228 18.29 -47.16 0.82
CA LEU B 228 17.26 -47.71 -0.04
C LEU B 228 17.58 -49.13 -0.46
N LYS B 229 18.86 -49.46 -0.61
CA LYS B 229 19.21 -50.82 -0.99
C LYS B 229 18.94 -51.80 0.15
N ARG B 230 19.07 -51.35 1.41
CA ARG B 230 18.65 -52.18 2.53
C ARG B 230 17.13 -52.31 2.58
N MET B 231 16.39 -51.30 2.11
CA MET B 231 14.95 -51.42 2.02
C MET B 231 14.54 -52.38 0.92
N SER B 232 15.30 -52.44 -0.16
CA SER B 232 14.97 -53.29 -1.30
C SER B 232 15.14 -54.77 -1.02
N LYS B 233 15.91 -55.13 0.00
CA LYS B 233 16.06 -56.53 0.37
C LYS B 233 14.92 -57.00 1.28
N GLN B 234 14.14 -56.08 1.83
CA GLN B 234 12.98 -56.45 2.62
C GLN B 234 11.80 -56.87 1.76
N GLY B 235 11.83 -56.58 0.47
CA GLY B 235 10.75 -56.87 -0.43
C GLY B 235 9.98 -55.68 -0.95
N ARG B 236 10.49 -54.47 -0.78
CA ARG B 236 9.81 -53.24 -1.20
C ARG B 236 10.34 -52.82 -2.57
N THR B 237 9.46 -52.80 -3.57
CA THR B 237 9.86 -52.44 -4.92
C THR B 237 10.04 -50.93 -5.00
N ILE B 238 11.27 -50.48 -5.16
CA ILE B 238 11.59 -49.07 -5.13
C ILE B 238 11.79 -48.59 -6.56
N ILE B 239 11.05 -47.55 -6.95
CA ILE B 239 11.01 -47.06 -8.32
C ILE B 239 11.32 -45.57 -8.27
N PHE B 240 12.47 -45.17 -8.80
CA PHE B 240 12.91 -43.78 -8.70
C PHE B 240 13.50 -43.31 -10.02
N SER B 241 13.93 -42.05 -10.04
CA SER B 241 14.39 -41.40 -11.25
C SER B 241 15.46 -40.38 -10.89
N ILE B 242 16.72 -40.66 -11.21
CA ILE B 242 17.85 -39.84 -10.77
C ILE B 242 18.31 -38.94 -11.91
N HIS B 243 18.56 -37.67 -11.60
CA HIS B 243 19.22 -36.75 -12.51
C HIS B 243 20.73 -36.96 -12.40
N GLN B 244 21.35 -37.43 -13.50
CA GLN B 244 22.78 -37.69 -13.77
C GLN B 244 23.51 -38.37 -12.60
N PRO B 245 23.32 -39.67 -12.41
CA PRO B 245 23.99 -40.36 -11.31
C PRO B 245 25.48 -40.56 -11.53
N ARG B 246 26.13 -41.20 -10.57
CA ARG B 246 27.55 -41.48 -10.58
C ARG B 246 27.73 -42.99 -10.53
N TYR B 247 28.94 -43.47 -10.81
CA TYR B 247 29.15 -44.93 -10.81
C TYR B 247 29.04 -45.54 -9.43
N SER B 248 29.30 -44.77 -8.37
CA SER B 248 29.03 -45.28 -7.02
C SER B 248 27.53 -45.44 -6.79
N ILE B 249 26.72 -44.65 -7.49
CA ILE B 249 25.27 -44.82 -7.47
C ILE B 249 24.85 -45.94 -8.42
N PHE B 250 25.40 -45.95 -9.64
CA PHE B 250 24.98 -46.86 -10.71
C PHE B 250 25.31 -48.32 -10.39
N LYS B 251 26.27 -48.58 -9.52
CA LYS B 251 26.66 -49.96 -9.22
C LYS B 251 25.65 -50.68 -8.34
N LEU B 252 24.65 -49.99 -7.82
CA LEU B 252 23.73 -50.53 -6.83
C LEU B 252 22.39 -50.95 -7.41
N PHE B 253 22.10 -50.59 -8.66
CA PHE B 253 20.77 -50.76 -9.23
C PHE B 253 20.46 -52.22 -9.51
N ASP B 254 19.19 -52.50 -9.75
CA ASP B 254 18.74 -53.82 -10.17
C ASP B 254 18.01 -53.82 -11.50
N SER B 255 17.56 -52.67 -11.99
CA SER B 255 16.93 -52.55 -13.29
C SER B 255 17.07 -51.11 -13.75
N LEU B 256 16.97 -50.92 -15.06
CA LEU B 256 17.20 -49.61 -15.67
C LEU B 256 16.22 -49.38 -16.80
N THR B 257 15.57 -48.22 -16.81
CA THR B 257 14.63 -47.84 -17.86
C THR B 257 15.08 -46.49 -18.39
N LEU B 258 15.73 -46.49 -19.55
CA LEU B 258 16.32 -45.29 -20.13
C LEU B 258 15.34 -44.68 -21.10
N LEU B 259 15.01 -43.40 -20.92
CA LEU B 259 14.00 -42.72 -21.72
C LEU B 259 14.54 -41.40 -22.22
N ALA B 260 14.21 -41.05 -23.46
CA ALA B 260 14.55 -39.74 -24.00
C ALA B 260 13.54 -39.36 -25.07
N SER B 261 12.93 -38.18 -24.89
CA SER B 261 11.92 -37.61 -25.79
C SER B 261 10.74 -38.56 -26.00
N GLY B 262 10.29 -39.17 -24.90
CA GLY B 262 9.10 -40.00 -24.93
C GLY B 262 9.27 -41.33 -25.62
N ARG B 263 10.49 -41.81 -25.78
CA ARG B 263 10.76 -43.07 -26.46
C ARG B 263 11.52 -44.00 -25.52
N LEU B 264 11.11 -45.27 -25.47
CA LEU B 264 11.84 -46.26 -24.69
C LEU B 264 13.12 -46.63 -25.42
N MET B 265 14.26 -46.37 -24.80
CA MET B 265 15.55 -46.62 -25.44
C MET B 265 16.35 -47.72 -24.77
N PHE B 266 16.02 -48.07 -23.53
CA PHE B 266 16.51 -49.29 -22.91
C PHE B 266 15.59 -49.66 -21.75
N HIS B 267 15.35 -50.97 -21.59
CA HIS B 267 14.74 -51.50 -20.38
C HIS B 267 15.25 -52.91 -20.16
N GLY B 268 15.84 -53.13 -18.99
CA GLY B 268 16.37 -54.42 -18.63
C GLY B 268 17.18 -54.31 -17.36
N PRO B 269 18.04 -55.29 -17.09
CA PRO B 269 18.96 -55.16 -15.95
C PRO B 269 19.97 -54.06 -16.21
N ALA B 270 20.34 -53.35 -15.14
CA ALA B 270 21.21 -52.19 -15.26
C ALA B 270 22.66 -52.59 -15.49
N GLN B 271 23.03 -53.82 -15.18
CA GLN B 271 24.38 -54.28 -15.46
C GLN B 271 24.59 -54.50 -16.96
N GLU B 272 23.55 -54.94 -17.66
CA GLU B 272 23.64 -55.25 -19.07
C GLU B 272 23.43 -54.03 -19.96
N ALA B 273 23.29 -52.84 -19.39
CA ALA B 273 23.10 -51.64 -20.21
C ALA B 273 24.38 -51.24 -20.90
N LEU B 274 25.53 -51.52 -20.27
CA LEU B 274 26.81 -51.20 -20.88
C LEU B 274 27.14 -52.14 -22.03
N GLY B 275 26.94 -53.44 -21.82
CA GLY B 275 27.18 -54.42 -22.87
C GLY B 275 26.19 -54.34 -24.02
N TYR B 276 25.04 -53.69 -23.81
CA TYR B 276 24.09 -53.52 -24.89
C TYR B 276 24.55 -52.46 -25.88
N PHE B 277 25.03 -51.32 -25.39
CA PHE B 277 25.47 -50.23 -26.26
C PHE B 277 26.84 -50.49 -26.87
N GLU B 278 27.64 -51.38 -26.29
CA GLU B 278 28.86 -51.83 -26.96
C GLU B 278 28.51 -52.66 -28.19
N SER B 279 27.47 -53.49 -28.09
CA SER B 279 27.03 -54.31 -29.20
C SER B 279 26.12 -53.57 -30.17
N ALA B 280 25.76 -52.32 -29.87
CA ALA B 280 24.99 -51.52 -30.80
C ALA B 280 25.87 -50.77 -31.79
N GLY B 281 27.15 -50.61 -31.49
CA GLY B 281 28.07 -49.94 -32.39
C GLY B 281 28.86 -48.83 -31.74
N TYR B 282 28.71 -48.68 -30.43
CA TYR B 282 29.37 -47.63 -29.68
C TYR B 282 30.47 -48.22 -28.80
N HIS B 283 31.33 -47.35 -28.29
CA HIS B 283 32.44 -47.78 -27.47
C HIS B 283 32.62 -46.82 -26.30
N CYS B 284 32.77 -47.40 -25.11
CA CYS B 284 33.01 -46.64 -23.89
C CYS B 284 34.50 -46.68 -23.59
N GLU B 285 35.10 -45.52 -23.45
CA GLU B 285 36.51 -45.44 -23.09
C GLU B 285 36.71 -45.82 -21.63
N ALA B 286 37.97 -45.98 -21.25
CA ALA B 286 38.30 -46.24 -19.86
C ALA B 286 38.06 -44.99 -19.03
N TYR B 287 37.83 -45.18 -17.73
CA TYR B 287 37.62 -44.14 -16.72
C TYR B 287 36.43 -43.24 -17.04
N ASN B 288 35.41 -43.77 -17.70
CA ASN B 288 34.21 -43.01 -18.00
C ASN B 288 33.02 -43.57 -17.22
N ASN B 289 32.23 -42.67 -16.66
CA ASN B 289 31.00 -43.04 -15.98
C ASN B 289 30.02 -43.61 -17.00
N PRO B 290 29.51 -44.84 -16.82
CA PRO B 290 28.55 -45.37 -17.79
C PRO B 290 27.24 -44.63 -17.81
N ALA B 291 26.83 -44.02 -16.69
CA ALA B 291 25.61 -43.23 -16.70
C ALA B 291 25.81 -41.91 -17.42
N ASP B 292 27.05 -41.39 -17.42
CA ASP B 292 27.36 -40.24 -18.26
C ASP B 292 27.52 -40.67 -19.72
N PHE B 293 27.85 -41.95 -19.93
CA PHE B 293 28.03 -42.45 -21.27
C PHE B 293 26.71 -42.63 -21.99
N PHE B 294 25.63 -42.85 -21.24
CA PHE B 294 24.34 -43.15 -21.86
C PHE B 294 23.67 -41.88 -22.37
N LEU B 295 23.74 -40.80 -21.61
CA LEU B 295 23.22 -39.51 -22.07
C LEU B 295 24.16 -38.82 -23.03
N ASP B 296 25.41 -39.29 -23.14
CA ASP B 296 26.29 -38.81 -24.19
C ASP B 296 25.84 -39.32 -25.55
N ILE B 297 25.31 -40.54 -25.60
CA ILE B 297 24.78 -41.11 -26.83
C ILE B 297 23.51 -40.38 -27.27
N ILE B 298 22.74 -39.87 -26.31
CA ILE B 298 21.50 -39.16 -26.63
C ILE B 298 21.79 -37.86 -27.36
N ASN B 299 22.85 -37.17 -26.95
CA ASN B 299 23.18 -35.85 -27.48
C ASN B 299 24.05 -35.93 -28.72
N GLY B 300 24.49 -37.12 -29.12
CA GLY B 300 25.30 -37.27 -30.31
C GLY B 300 26.79 -37.33 -30.06
N ASP B 301 27.17 -38.09 -29.03
CA ASP B 301 28.57 -38.30 -28.60
C ASP B 301 29.33 -37.00 -28.34
N LEU B 328 18.49 -38.95 -34.86
CA LEU B 328 19.28 -39.81 -33.99
C LEU B 328 18.38 -40.60 -33.06
N ILE B 329 17.33 -39.94 -32.56
CA ILE B 329 16.42 -40.57 -31.60
C ILE B 329 15.62 -41.67 -32.29
N GLU B 330 15.08 -41.40 -33.47
CA GLU B 330 14.40 -42.45 -34.23
C GLU B 330 15.36 -43.49 -34.76
N LYS B 331 16.65 -43.16 -34.88
CA LYS B 331 17.64 -44.15 -35.27
C LYS B 331 17.94 -45.12 -34.12
N LEU B 332 18.07 -44.60 -32.90
CA LEU B 332 18.45 -45.42 -31.76
C LEU B 332 17.28 -46.11 -31.08
N ALA B 333 16.05 -45.61 -31.26
CA ALA B 333 14.91 -46.30 -30.69
C ALA B 333 14.57 -47.56 -31.48
N GLU B 334 14.86 -47.58 -32.78
CA GLU B 334 14.61 -48.75 -33.60
C GLU B 334 15.63 -49.86 -33.37
N ILE B 335 16.79 -49.52 -32.79
CA ILE B 335 17.75 -50.55 -32.42
C ILE B 335 17.23 -51.35 -31.24
N TYR B 336 16.46 -50.71 -30.35
CA TYR B 336 15.94 -51.43 -29.19
C TYR B 336 14.84 -52.39 -29.57
N VAL B 337 14.10 -52.11 -30.64
CA VAL B 337 13.03 -53.00 -31.08
C VAL B 337 13.62 -54.32 -31.59
N ASN B 338 14.79 -54.27 -32.21
CA ASN B 338 15.47 -55.45 -32.75
C ASN B 338 16.40 -56.10 -31.75
N SER B 339 16.11 -56.02 -30.46
CA SER B 339 16.99 -56.53 -29.42
C SER B 339 16.54 -57.89 -28.91
N SER B 340 17.40 -58.50 -28.10
CA SER B 340 17.06 -59.68 -27.33
C SER B 340 16.48 -59.32 -25.97
N PHE B 341 16.48 -58.04 -25.62
CA PHE B 341 15.87 -57.54 -24.39
C PHE B 341 14.43 -57.12 -24.56
N TYR B 342 14.08 -56.60 -25.75
CA TYR B 342 12.69 -56.22 -26.01
C TYR B 342 11.80 -57.43 -26.21
N LYS B 343 12.32 -58.47 -26.87
CA LYS B 343 11.54 -59.67 -27.10
C LYS B 343 11.37 -60.48 -25.83
N GLU B 344 12.33 -60.41 -24.91
CA GLU B 344 12.18 -61.08 -23.63
C GLU B 344 11.17 -60.36 -22.75
N THR B 345 11.11 -59.03 -22.86
CA THR B 345 10.06 -58.27 -22.18
C THR B 345 8.70 -58.53 -22.80
N LYS B 346 8.64 -58.60 -24.14
CA LYS B 346 7.39 -58.83 -24.84
C LYS B 346 6.83 -60.22 -24.55
N ALA B 347 7.71 -61.19 -24.31
CA ALA B 347 7.30 -62.55 -23.95
C ALA B 347 6.99 -62.70 -22.47
N GLU B 348 6.99 -61.61 -21.70
CA GLU B 348 6.58 -61.61 -20.30
C GLU B 348 5.26 -60.92 -20.07
N LEU B 349 4.99 -59.84 -20.81
CA LEU B 349 3.75 -59.09 -20.65
C LEU B 349 2.54 -59.88 -21.12
N HIS B 350 2.71 -60.73 -22.14
CA HIS B 350 1.62 -61.57 -22.59
C HIS B 350 1.42 -62.80 -21.73
N GLN B 351 2.35 -63.09 -20.83
CA GLN B 351 2.10 -64.14 -19.84
C GLN B 351 1.11 -63.68 -18.79
N LEU B 352 1.19 -62.42 -18.37
CA LEU B 352 0.32 -61.89 -17.34
C LEU B 352 -1.02 -61.40 -17.90
N SER B 353 -1.00 -60.69 -19.02
CA SER B 353 -2.24 -60.17 -19.59
C SER B 353 -3.05 -61.29 -20.25
N GLY B 354 -2.47 -61.95 -21.25
CA GLY B 354 -3.16 -63.03 -21.94
C GLY B 354 -3.08 -64.35 -21.21
N TYR B 369 -14.35 -40.95 4.02
CA TYR B 369 -13.17 -41.66 3.54
C TYR B 369 -12.81 -42.81 4.47
N THR B 370 -11.51 -42.99 4.66
CA THR B 370 -11.02 -43.86 5.71
C THR B 370 -11.31 -43.27 7.09
N THR B 371 -11.27 -41.96 7.20
CA THR B 371 -11.31 -41.24 8.46
C THR B 371 -12.54 -40.34 8.49
N SER B 372 -13.10 -40.14 9.67
CA SER B 372 -14.27 -39.28 9.81
C SER B 372 -13.89 -37.81 9.64
N PHE B 373 -14.92 -36.97 9.54
CA PHE B 373 -14.69 -35.54 9.30
C PHE B 373 -14.12 -34.86 10.53
N CYS B 374 -14.63 -35.21 11.72
CA CYS B 374 -14.19 -34.54 12.93
C CYS B 374 -12.78 -34.94 13.34
N HIS B 375 -12.30 -36.09 12.87
CA HIS B 375 -10.93 -36.50 13.16
C HIS B 375 -9.94 -35.85 12.20
N GLN B 376 -10.39 -35.55 10.98
CA GLN B 376 -9.54 -34.82 10.05
C GLN B 376 -9.45 -33.35 10.42
N LEU B 377 -10.56 -32.77 10.89
CA LEU B 377 -10.55 -31.38 11.31
C LEU B 377 -9.83 -31.20 12.64
N ARG B 378 -9.68 -32.26 13.43
CA ARG B 378 -8.94 -32.17 14.68
C ARG B 378 -7.45 -32.08 14.43
N TRP B 379 -6.93 -32.87 13.49
CA TRP B 379 -5.49 -32.94 13.29
C TRP B 379 -4.97 -31.92 12.29
N VAL B 380 -5.79 -31.45 11.36
CA VAL B 380 -5.39 -30.35 10.50
C VAL B 380 -5.28 -29.07 11.31
N SER B 381 -6.23 -28.84 12.20
CA SER B 381 -6.22 -27.66 13.05
C SER B 381 -5.16 -27.74 14.14
N LYS B 382 -4.72 -28.94 14.52
CA LYS B 382 -3.68 -29.07 15.53
C LYS B 382 -2.30 -28.76 14.97
N ARG B 383 -2.00 -29.27 13.78
CA ARG B 383 -0.71 -28.99 13.14
C ARG B 383 -0.61 -27.56 12.67
N SER B 384 -1.73 -26.97 12.22
CA SER B 384 -1.71 -25.59 11.76
C SER B 384 -1.56 -24.60 12.90
N PHE B 385 -1.79 -25.03 14.14
CA PHE B 385 -1.63 -24.16 15.30
C PHE B 385 -0.22 -24.25 15.87
N LYS B 386 0.40 -25.43 15.86
CA LYS B 386 1.80 -25.58 16.20
C LYS B 386 2.71 -24.81 15.25
N ASN B 387 2.35 -24.73 13.98
CA ASN B 387 3.04 -23.90 13.00
C ASN B 387 2.92 -22.42 13.34
N LEU B 388 1.76 -22.01 13.83
CA LEU B 388 1.54 -20.62 14.22
C LEU B 388 2.34 -20.24 15.46
N LEU B 389 2.54 -21.17 16.38
CA LEU B 389 3.40 -20.97 17.53
C LEU B 389 4.87 -21.15 17.23
N GLY B 390 5.22 -22.13 16.40
CA GLY B 390 6.60 -22.37 16.06
C GLY B 390 7.20 -21.36 15.10
N ASN B 391 6.38 -20.48 14.53
CA ASN B 391 6.85 -19.32 13.78
C ASN B 391 6.43 -18.07 14.52
N PRO B 392 7.15 -17.64 15.56
CA PRO B 392 6.72 -16.43 16.29
C PRO B 392 6.95 -15.15 15.50
N GLN B 393 7.98 -15.08 14.68
CA GLN B 393 8.36 -13.81 14.08
C GLN B 393 7.46 -13.36 12.93
N ALA B 394 6.41 -14.13 12.62
CA ALA B 394 5.36 -13.61 11.75
C ALA B 394 4.03 -13.50 12.49
N SER B 395 4.00 -13.92 13.75
CA SER B 395 2.81 -13.85 14.59
C SER B 395 3.00 -12.86 15.74
N ILE B 396 4.16 -12.90 16.40
CA ILE B 396 4.48 -11.90 17.42
C ILE B 396 4.69 -10.55 16.77
N ALA B 397 5.26 -10.53 15.57
CA ALA B 397 5.56 -9.28 14.88
C ALA B 397 4.33 -8.51 14.44
N GLN B 398 3.18 -9.17 14.31
CA GLN B 398 1.95 -8.44 14.03
C GLN B 398 1.26 -7.94 15.28
N ILE B 399 1.65 -8.46 16.45
CA ILE B 399 1.10 -7.94 17.69
C ILE B 399 1.94 -6.76 18.17
N ILE B 400 3.24 -6.77 17.90
CA ILE B 400 4.10 -5.64 18.24
C ILE B 400 3.74 -4.41 17.40
N VAL B 401 3.46 -4.62 16.11
CA VAL B 401 3.05 -3.52 15.24
C VAL B 401 1.69 -2.96 15.64
N THR B 402 0.79 -3.82 16.12
CA THR B 402 -0.53 -3.36 16.55
C THR B 402 -0.45 -2.52 17.82
N VAL B 403 0.40 -2.90 18.76
CA VAL B 403 0.54 -2.15 20.01
C VAL B 403 1.26 -0.83 19.77
N VAL B 404 2.30 -0.85 18.93
CA VAL B 404 3.09 0.37 18.69
C VAL B 404 2.29 1.37 17.88
N LEU B 405 1.61 0.92 16.83
CA LEU B 405 0.77 1.84 16.07
C LEU B 405 -0.47 2.25 16.84
N GLY B 406 -0.93 1.41 17.77
CA GLY B 406 -2.04 1.81 18.61
C GLY B 406 -1.69 2.90 19.60
N LEU B 407 -0.42 2.98 19.98
CA LEU B 407 0.04 4.04 20.86
C LEU B 407 0.44 5.30 20.11
N VAL B 408 0.88 5.18 18.86
CA VAL B 408 1.18 6.34 18.04
C VAL B 408 -0.09 7.06 17.63
N ILE B 409 -1.13 6.31 17.29
CA ILE B 409 -2.42 6.90 16.96
C ILE B 409 -3.07 7.51 18.20
N GLY B 410 -2.87 6.89 19.35
CA GLY B 410 -3.41 7.44 20.59
C GLY B 410 -2.72 8.69 21.07
N ALA B 411 -1.49 8.94 20.63
CA ALA B 411 -0.75 10.13 21.02
C ALA B 411 -1.00 11.30 20.09
N ILE B 412 -1.15 11.04 18.80
CA ILE B 412 -1.47 12.10 17.84
C ILE B 412 -2.88 12.60 18.04
N TYR B 413 -3.81 11.69 18.29
CA TYR B 413 -5.21 12.02 18.50
C TYR B 413 -5.61 12.04 19.96
N PHE B 414 -4.70 12.42 20.86
CA PHE B 414 -5.01 12.44 22.28
C PHE B 414 -6.08 13.51 22.55
N GLY B 415 -6.80 13.34 23.66
CA GLY B 415 -8.22 13.53 23.77
C GLY B 415 -8.94 14.53 22.90
N LEU B 416 -9.94 14.03 22.17
CA LEU B 416 -10.62 14.78 21.13
C LEU B 416 -11.51 15.85 21.73
N LYS B 417 -11.62 16.97 21.03
CA LYS B 417 -12.37 18.12 21.50
C LYS B 417 -13.68 18.25 20.72
N ASN B 418 -14.67 18.86 21.35
CA ASN B 418 -15.93 19.18 20.68
C ASN B 418 -15.93 20.61 20.17
N ASP B 419 -15.00 20.88 19.26
CA ASP B 419 -14.85 22.19 18.65
C ASP B 419 -14.89 22.07 17.14
N SER B 420 -14.46 23.11 16.44
CA SER B 420 -14.52 23.14 14.98
C SER B 420 -13.63 22.08 14.34
N THR B 421 -12.56 21.68 15.01
CA THR B 421 -11.67 20.64 14.52
C THR B 421 -12.13 19.24 14.93
N GLY B 422 -13.22 19.13 15.68
CA GLY B 422 -13.61 17.85 16.22
C GLY B 422 -14.22 16.90 15.21
N ILE B 423 -14.88 17.42 14.19
CA ILE B 423 -15.41 16.56 13.14
C ILE B 423 -14.28 15.99 12.29
N GLN B 424 -13.25 16.80 12.02
CA GLN B 424 -12.15 16.37 11.18
C GLN B 424 -11.33 15.27 11.83
N ASN B 425 -11.08 15.37 13.13
CA ASN B 425 -10.25 14.39 13.80
C ASN B 425 -10.97 13.09 14.06
N ARG B 426 -12.29 13.12 14.27
CA ARG B 426 -13.02 11.88 14.46
C ARG B 426 -13.23 11.17 13.13
N ALA B 427 -13.49 11.91 12.06
CA ALA B 427 -13.64 11.28 10.76
C ALA B 427 -12.31 10.83 10.18
N GLY B 428 -11.19 11.31 10.69
CA GLY B 428 -9.90 10.92 10.19
C GLY B 428 -9.30 9.76 10.93
N VAL B 429 -9.59 9.63 12.22
CA VAL B 429 -9.07 8.47 12.93
C VAL B 429 -9.91 7.24 12.61
N LEU B 430 -11.21 7.41 12.39
CA LEU B 430 -12.04 6.27 12.05
C LEU B 430 -11.83 5.84 10.62
N PHE B 431 -11.35 6.72 9.75
CA PHE B 431 -10.95 6.32 8.42
C PHE B 431 -9.62 5.61 8.43
N PHE B 432 -8.71 6.00 9.32
CA PHE B 432 -7.44 5.30 9.41
C PHE B 432 -7.62 3.92 10.00
N LEU B 433 -8.55 3.73 10.93
CA LEU B 433 -8.70 2.44 11.58
C LEU B 433 -9.35 1.40 10.68
N THR B 434 -10.21 1.81 9.76
CA THR B 434 -10.83 0.82 8.88
C THR B 434 -9.95 0.48 7.69
N THR B 435 -9.20 1.44 7.19
CA THR B 435 -8.31 1.16 6.08
C THR B 435 -6.98 0.59 6.52
N ASN B 436 -6.72 0.54 7.82
CA ASN B 436 -5.59 -0.23 8.33
C ASN B 436 -5.95 -1.71 8.42
N GLN B 437 -7.18 -2.02 8.84
CA GLN B 437 -7.65 -3.39 8.90
C GLN B 437 -7.77 -4.03 7.53
N CYS B 438 -7.89 -3.23 6.49
CA CYS B 438 -7.94 -3.77 5.14
C CYS B 438 -6.55 -4.06 4.60
N PHE B 439 -5.65 -3.08 4.67
CA PHE B 439 -4.31 -3.26 4.13
C PHE B 439 -3.44 -4.19 4.96
N SER B 440 -3.73 -4.36 6.24
CA SER B 440 -2.96 -5.33 7.01
C SER B 440 -3.51 -6.74 6.85
N SER B 441 -4.60 -6.91 6.13
CA SER B 441 -5.17 -8.21 5.81
C SER B 441 -4.74 -8.69 4.44
N VAL B 442 -3.61 -8.19 3.94
CA VAL B 442 -2.99 -8.70 2.72
C VAL B 442 -2.09 -9.89 3.04
N SER B 443 -1.68 -10.05 4.30
CA SER B 443 -0.92 -11.23 4.70
C SER B 443 -1.73 -12.52 4.66
N ALA B 444 -3.04 -12.44 4.49
CA ALA B 444 -3.88 -13.62 4.29
C ALA B 444 -3.71 -14.24 2.91
N VAL B 445 -3.02 -13.57 2.00
CA VAL B 445 -2.66 -14.17 0.71
C VAL B 445 -1.75 -15.36 0.92
N GLU B 446 -0.83 -15.25 1.89
CA GLU B 446 0.18 -16.24 2.20
C GLU B 446 -0.39 -17.54 2.77
N LEU B 447 -1.68 -17.58 3.11
CA LEU B 447 -2.23 -18.73 3.83
C LEU B 447 -2.34 -19.96 2.94
N PHE B 448 -3.02 -19.85 1.81
CA PHE B 448 -3.23 -20.97 0.90
C PHE B 448 -2.22 -21.03 -0.22
N VAL B 449 -1.22 -20.14 -0.25
CA VAL B 449 -0.27 -20.12 -1.34
C VAL B 449 1.00 -20.88 -0.97
N VAL B 450 1.50 -20.67 0.24
CA VAL B 450 2.72 -21.32 0.70
C VAL B 450 2.50 -22.82 0.89
N GLU B 451 1.31 -23.21 1.29
CA GLU B 451 0.98 -24.61 1.55
C GLU B 451 0.39 -25.33 0.35
N LYS B 452 0.67 -24.85 -0.88
CA LYS B 452 -0.03 -25.40 -2.03
C LYS B 452 0.47 -26.78 -2.39
N LYS B 453 1.79 -26.96 -2.48
CA LYS B 453 2.34 -28.25 -2.86
C LYS B 453 2.17 -29.29 -1.78
N LEU B 454 1.98 -28.88 -0.53
CA LEU B 454 1.66 -29.80 0.54
C LEU B 454 0.17 -30.13 0.59
N PHE B 455 -0.69 -29.22 0.13
CA PHE B 455 -2.10 -29.57 -0.01
C PHE B 455 -2.32 -30.56 -1.13
N ILE B 456 -1.66 -30.37 -2.27
CA ILE B 456 -1.90 -31.22 -3.43
C ILE B 456 -1.35 -32.63 -3.20
N HIS B 457 -0.18 -32.73 -2.56
CA HIS B 457 0.39 -34.05 -2.29
C HIS B 457 -0.43 -34.82 -1.26
N GLU B 458 -0.91 -34.15 -0.24
CA GLU B 458 -1.63 -34.86 0.80
C GLU B 458 -3.08 -35.12 0.44
N TYR B 459 -3.65 -34.40 -0.51
CA TYR B 459 -4.99 -34.71 -0.96
C TYR B 459 -5.02 -35.94 -1.84
N ILE B 460 -4.05 -36.07 -2.75
CA ILE B 460 -3.97 -37.24 -3.62
C ILE B 460 -3.64 -38.49 -2.82
N SER B 461 -2.74 -38.36 -1.84
CA SER B 461 -2.39 -39.47 -0.97
C SER B 461 -3.54 -39.88 -0.06
N GLY B 462 -4.54 -39.02 0.11
CA GLY B 462 -5.74 -39.40 0.81
C GLY B 462 -5.64 -39.20 2.30
N TYR B 463 -5.20 -38.03 2.75
CA TYR B 463 -5.22 -37.77 4.18
C TYR B 463 -6.59 -37.23 4.58
N TYR B 464 -6.99 -36.12 3.97
CA TYR B 464 -8.16 -35.35 4.34
C TYR B 464 -8.97 -34.99 3.11
N ARG B 465 -10.16 -34.46 3.35
CA ARG B 465 -10.99 -33.88 2.31
C ARG B 465 -10.57 -32.44 2.06
N VAL B 466 -11.13 -31.85 1.02
CA VAL B 466 -10.93 -30.41 0.82
C VAL B 466 -11.71 -29.64 1.88
N SER B 467 -12.85 -30.20 2.33
CA SER B 467 -13.72 -29.49 3.25
C SER B 467 -13.11 -29.39 4.64
N SER B 468 -12.44 -30.45 5.10
CA SER B 468 -11.82 -30.40 6.42
C SER B 468 -10.44 -29.77 6.39
N TYR B 469 -9.79 -29.70 5.24
CA TYR B 469 -8.58 -28.90 5.14
C TYR B 469 -8.91 -27.42 5.13
N PHE B 470 -10.02 -27.05 4.50
CA PHE B 470 -10.40 -25.65 4.43
C PHE B 470 -10.88 -25.14 5.79
N LEU B 471 -11.78 -25.87 6.43
CA LEU B 471 -12.31 -25.44 7.71
C LEU B 471 -11.30 -25.55 8.83
N GLY B 472 -10.36 -26.49 8.73
CA GLY B 472 -9.40 -26.67 9.81
C GLY B 472 -8.30 -25.64 9.80
N LYS B 473 -8.13 -24.95 8.67
CA LYS B 473 -7.13 -23.90 8.56
C LYS B 473 -7.72 -22.51 8.73
N LEU B 474 -9.01 -22.34 8.48
CA LEU B 474 -9.69 -21.12 8.90
C LEU B 474 -9.80 -21.07 10.42
N LEU B 475 -10.02 -22.21 11.04
CA LEU B 475 -10.24 -22.27 12.47
C LEU B 475 -8.97 -21.99 13.25
N SER B 476 -7.82 -22.34 12.68
CA SER B 476 -6.57 -22.30 13.40
C SER B 476 -5.70 -21.10 13.05
N ASP B 477 -5.68 -20.66 11.81
CA ASP B 477 -4.84 -19.55 11.40
C ASP B 477 -5.63 -18.24 11.26
N LEU B 478 -6.71 -18.26 10.50
CA LEU B 478 -7.40 -17.02 10.17
C LEU B 478 -8.20 -16.50 11.36
N LEU B 479 -8.75 -17.40 12.19
CA LEU B 479 -9.65 -16.95 13.24
C LEU B 479 -8.93 -16.26 14.41
N PRO B 480 -7.89 -16.83 15.05
CA PRO B 480 -7.30 -16.10 16.18
C PRO B 480 -6.38 -14.95 15.78
N MET B 481 -5.81 -14.95 14.58
CA MET B 481 -4.91 -13.86 14.20
C MET B 481 -5.62 -12.62 13.70
N ARG B 482 -6.94 -12.69 13.50
CA ARG B 482 -7.72 -11.52 13.13
C ARG B 482 -8.64 -11.06 14.24
N MET B 483 -8.77 -11.82 15.32
CA MET B 483 -9.45 -11.31 16.49
C MET B 483 -8.55 -10.41 17.32
N LEU B 484 -7.27 -10.76 17.40
CA LEU B 484 -6.40 -10.11 18.38
C LEU B 484 -6.07 -8.65 18.07
N PRO B 485 -5.68 -8.26 16.83
CA PRO B 485 -5.47 -6.81 16.61
C PRO B 485 -6.73 -5.98 16.68
N SER B 486 -7.90 -6.56 16.44
CA SER B 486 -9.15 -5.82 16.57
C SER B 486 -9.50 -5.53 18.02
N ILE B 487 -8.98 -6.32 18.95
CA ILE B 487 -9.16 -6.08 20.38
C ILE B 487 -8.11 -5.12 20.90
N ILE B 488 -6.87 -5.25 20.42
CA ILE B 488 -5.77 -4.44 20.94
C ILE B 488 -5.87 -2.99 20.47
N PHE B 489 -6.31 -2.76 19.22
CA PHE B 489 -6.56 -1.39 18.78
C PHE B 489 -7.67 -0.74 19.60
N THR B 490 -8.76 -1.46 19.83
CA THR B 490 -9.90 -0.87 20.51
C THR B 490 -9.63 -0.66 22.00
N CYS B 491 -8.85 -1.53 22.65
CA CYS B 491 -8.58 -1.31 24.07
C CYS B 491 -7.62 -0.16 24.30
N ILE B 492 -6.67 0.06 23.39
CA ILE B 492 -5.70 1.13 23.58
C ILE B 492 -6.30 2.49 23.24
N VAL B 493 -6.79 2.64 22.00
CA VAL B 493 -7.10 3.98 21.51
C VAL B 493 -8.43 4.53 21.97
N TYR B 494 -9.29 3.74 22.61
CA TYR B 494 -10.64 4.21 22.85
C TYR B 494 -10.68 5.23 23.97
N PHE B 495 -9.84 5.06 24.99
CA PHE B 495 -9.87 5.93 26.14
C PHE B 495 -8.74 6.94 26.16
N MET B 496 -7.75 6.79 25.27
CA MET B 496 -6.79 7.87 25.04
C MET B 496 -7.44 8.96 24.21
N LEU B 497 -8.08 8.59 23.11
CA LEU B 497 -8.80 9.53 22.27
C LEU B 497 -10.02 10.10 22.95
N GLY B 498 -10.66 9.34 23.81
CA GLY B 498 -11.86 9.82 24.44
C GLY B 498 -13.04 9.74 23.51
N LEU B 499 -13.33 8.56 23.01
CA LEU B 499 -14.51 8.33 22.18
C LEU B 499 -15.71 8.17 23.10
N LYS B 500 -16.88 7.84 22.54
CA LYS B 500 -18.17 7.88 23.22
C LYS B 500 -18.20 6.97 24.44
N PRO B 501 -18.21 7.53 25.65
CA PRO B 501 -17.92 6.77 26.88
C PRO B 501 -19.11 5.95 27.36
N LYS B 502 -19.57 5.02 26.53
CA LYS B 502 -20.63 4.11 26.87
C LYS B 502 -20.12 2.69 26.69
N ALA B 503 -20.78 1.74 27.33
CA ALA B 503 -20.30 0.36 27.28
C ALA B 503 -20.68 -0.33 25.99
N ASP B 504 -21.85 -0.01 25.44
CA ASP B 504 -22.24 -0.64 24.18
C ASP B 504 -21.51 -0.05 22.99
N ALA B 505 -21.15 1.23 23.04
CA ALA B 505 -20.35 1.83 21.98
C ALA B 505 -18.92 1.30 21.96
N PHE B 506 -18.43 0.80 23.09
CA PHE B 506 -17.10 0.20 23.11
C PHE B 506 -17.08 -1.12 22.36
N PHE B 507 -18.13 -1.92 22.48
CA PHE B 507 -18.16 -3.25 21.89
C PHE B 507 -18.70 -3.27 20.47
N VAL B 508 -19.46 -2.26 20.05
CA VAL B 508 -19.83 -2.17 18.64
C VAL B 508 -18.60 -1.81 17.82
N MET B 509 -17.72 -0.95 18.35
CA MET B 509 -16.49 -0.61 17.66
C MET B 509 -15.55 -1.80 17.58
N MET B 510 -15.49 -2.61 18.63
CA MET B 510 -14.65 -3.81 18.61
C MET B 510 -15.17 -4.84 17.63
N PHE B 511 -16.49 -4.94 17.51
CA PHE B 511 -17.12 -5.87 16.58
C PHE B 511 -17.11 -5.37 15.15
N THR B 512 -17.11 -4.05 14.93
CA THR B 512 -17.06 -3.52 13.57
C THR B 512 -15.67 -3.62 12.98
N LEU B 513 -14.64 -3.38 13.78
CA LEU B 513 -13.26 -3.62 13.35
C LEU B 513 -12.98 -5.09 13.13
N MET B 514 -13.73 -5.98 13.75
CA MET B 514 -13.50 -7.41 13.61
C MET B 514 -14.18 -7.97 12.37
N MET B 515 -15.31 -7.40 11.96
CA MET B 515 -15.97 -7.84 10.74
C MET B 515 -15.27 -7.33 9.50
N VAL B 516 -14.63 -6.17 9.58
CA VAL B 516 -13.91 -5.62 8.43
C VAL B 516 -12.56 -6.30 8.27
N ALA B 517 -12.06 -6.95 9.32
CA ALA B 517 -10.83 -7.73 9.21
C ALA B 517 -11.08 -9.11 8.62
N TYR B 518 -12.24 -9.69 8.89
CA TYR B 518 -12.61 -10.97 8.29
C TYR B 518 -13.01 -10.81 6.84
N SER B 519 -13.72 -9.74 6.52
CA SER B 519 -14.22 -9.56 5.17
C SER B 519 -13.11 -9.24 4.20
N ALA B 520 -12.08 -8.52 4.66
CA ALA B 520 -10.93 -8.26 3.82
C ALA B 520 -10.02 -9.47 3.72
N SER B 521 -10.03 -10.34 4.72
CA SER B 521 -9.21 -11.54 4.67
C SER B 521 -9.84 -12.62 3.82
N SER B 522 -11.17 -12.72 3.85
CA SER B 522 -11.90 -13.64 3.00
C SER B 522 -11.77 -13.25 1.54
N MET B 523 -11.72 -11.95 1.25
CA MET B 523 -11.46 -11.49 -0.10
C MET B 523 -10.05 -11.82 -0.55
N ALA B 524 -9.09 -11.79 0.36
CA ALA B 524 -7.72 -12.16 0.03
C ALA B 524 -7.59 -13.65 -0.23
N LEU B 525 -8.37 -14.47 0.47
CA LEU B 525 -8.36 -15.90 0.21
C LEU B 525 -9.13 -16.25 -1.06
N ALA B 526 -10.12 -15.44 -1.42
CA ALA B 526 -10.88 -15.72 -2.63
C ALA B 526 -10.09 -15.44 -3.89
N ILE B 527 -9.00 -14.68 -3.79
CA ILE B 527 -8.13 -14.38 -4.91
C ILE B 527 -6.90 -15.29 -4.90
N ALA B 528 -6.34 -15.55 -3.74
CA ALA B 528 -5.09 -16.27 -3.64
C ALA B 528 -5.23 -17.79 -3.66
N ALA B 529 -6.44 -18.32 -3.45
CA ALA B 529 -6.60 -19.77 -3.40
C ALA B 529 -6.45 -20.37 -4.79
N GLY B 530 -5.53 -21.32 -4.93
CA GLY B 530 -5.23 -21.96 -6.20
C GLY B 530 -3.97 -21.45 -6.85
N GLN B 531 -3.62 -20.19 -6.63
CA GLN B 531 -2.42 -19.63 -7.23
C GLN B 531 -1.19 -20.13 -6.50
N SER B 532 -0.04 -19.96 -7.14
CA SER B 532 1.22 -20.42 -6.57
C SER B 532 2.26 -19.31 -6.41
N VAL B 533 1.99 -18.10 -6.87
CA VAL B 533 2.86 -16.97 -6.62
C VAL B 533 2.14 -15.97 -5.73
N VAL B 534 2.93 -15.24 -4.94
CA VAL B 534 2.37 -14.29 -3.98
C VAL B 534 2.22 -12.91 -4.62
N SER B 535 3.17 -12.54 -5.47
CA SER B 535 3.32 -11.15 -5.90
C SER B 535 2.24 -10.67 -6.84
N VAL B 536 1.55 -11.57 -7.55
CA VAL B 536 0.48 -11.12 -8.43
C VAL B 536 -0.80 -10.93 -7.64
N ALA B 537 -1.08 -11.83 -6.69
CA ALA B 537 -2.27 -11.69 -5.87
C ALA B 537 -2.13 -10.57 -4.85
N THR B 538 -0.90 -10.27 -4.42
CA THR B 538 -0.67 -9.17 -3.50
C THR B 538 -0.94 -7.83 -4.19
N LEU B 539 -0.56 -7.72 -5.46
CA LEU B 539 -0.82 -6.49 -6.21
C LEU B 539 -2.30 -6.33 -6.51
N LEU B 540 -2.98 -7.43 -6.85
CA LEU B 540 -4.39 -7.35 -7.19
C LEU B 540 -5.26 -7.04 -5.98
N MET B 541 -4.81 -7.42 -4.78
CA MET B 541 -5.50 -6.98 -3.56
C MET B 541 -5.34 -5.49 -3.35
N THR B 542 -4.16 -4.95 -3.64
CA THR B 542 -3.89 -3.55 -3.37
C THR B 542 -4.59 -2.63 -4.36
N ILE B 543 -4.72 -3.07 -5.62
CA ILE B 543 -5.46 -2.29 -6.61
C ILE B 543 -6.94 -2.24 -6.24
N CYS B 544 -7.50 -3.35 -5.79
CA CYS B 544 -8.92 -3.37 -5.43
C CYS B 544 -9.21 -2.56 -4.18
N PHE B 545 -8.26 -2.44 -3.27
CA PHE B 545 -8.48 -1.67 -2.05
C PHE B 545 -8.50 -0.18 -2.32
N VAL B 546 -7.64 0.32 -3.21
CA VAL B 546 -7.60 1.75 -3.43
C VAL B 546 -8.78 2.24 -4.25
N PHE B 547 -9.53 1.35 -4.90
CA PHE B 547 -10.79 1.72 -5.49
C PHE B 547 -11.95 1.57 -4.52
N MET B 548 -11.87 0.62 -3.60
CA MET B 548 -12.86 0.54 -2.54
C MET B 548 -12.77 1.69 -1.55
N MET B 549 -11.62 2.37 -1.50
CA MET B 549 -11.34 3.38 -0.50
C MET B 549 -11.61 4.78 -1.00
N ILE B 550 -11.76 4.97 -2.31
CA ILE B 550 -12.34 6.19 -2.83
C ILE B 550 -13.83 6.23 -2.53
N PHE B 551 -14.50 5.09 -2.65
CA PHE B 551 -15.94 4.97 -2.43
C PHE B 551 -16.31 4.71 -0.99
N SER B 552 -15.46 5.12 -0.04
CA SER B 552 -15.73 4.87 1.37
C SER B 552 -16.45 6.02 2.06
N GLY B 553 -16.32 7.24 1.57
CA GLY B 553 -17.06 8.37 2.11
C GLY B 553 -16.23 9.46 2.71
N LEU B 554 -14.90 9.42 2.65
CA LEU B 554 -14.13 10.56 3.14
C LEU B 554 -13.62 11.43 2.01
N LEU B 555 -13.15 10.81 0.93
CA LEU B 555 -12.51 11.56 -0.14
C LEU B 555 -13.54 12.21 -1.05
N VAL B 556 -14.51 11.45 -1.52
CA VAL B 556 -15.60 11.96 -2.33
C VAL B 556 -16.89 11.82 -1.52
N ASN B 557 -17.75 12.82 -1.60
CA ASN B 557 -19.05 12.71 -0.97
C ASN B 557 -19.94 11.82 -1.83
N LEU B 558 -20.48 10.78 -1.21
CA LEU B 558 -21.18 9.74 -1.95
C LEU B 558 -22.55 10.16 -2.43
N THR B 559 -23.07 11.29 -1.98
CA THR B 559 -24.34 11.80 -2.48
C THR B 559 -24.17 12.62 -3.75
N THR B 560 -22.94 12.91 -4.16
CA THR B 560 -22.68 13.77 -5.31
C THR B 560 -22.25 13.01 -6.55
N ILE B 561 -21.96 11.72 -6.45
CA ILE B 561 -21.48 10.97 -7.58
C ILE B 561 -22.64 10.74 -8.55
N ALA B 562 -22.34 10.70 -9.85
CA ALA B 562 -23.33 10.46 -10.88
C ALA B 562 -23.96 9.09 -10.70
N SER B 563 -25.20 8.96 -11.18
CA SER B 563 -25.99 7.78 -10.86
C SER B 563 -25.51 6.52 -11.57
N TRP B 564 -24.69 6.66 -12.61
CA TRP B 564 -24.15 5.49 -13.28
C TRP B 564 -22.82 5.04 -12.70
N LEU B 565 -22.22 5.79 -11.77
CA LEU B 565 -21.12 5.29 -10.97
C LEU B 565 -21.52 4.92 -9.55
N SER B 566 -22.59 5.50 -9.03
CA SER B 566 -22.93 5.43 -7.61
C SER B 566 -23.39 4.05 -7.17
N TRP B 567 -23.58 3.10 -8.08
CA TRP B 567 -23.86 1.74 -7.69
C TRP B 567 -22.61 0.98 -7.31
N LEU B 568 -21.43 1.53 -7.57
CA LEU B 568 -20.17 0.90 -7.23
C LEU B 568 -19.81 1.05 -5.76
N GLN B 569 -20.55 1.85 -5.01
CA GLN B 569 -20.27 2.01 -3.59
C GLN B 569 -20.74 0.83 -2.77
N TYR B 570 -21.51 -0.08 -3.36
CA TYR B 570 -22.02 -1.27 -2.73
C TYR B 570 -21.01 -2.40 -2.75
N PHE B 571 -19.94 -2.27 -3.52
CA PHE B 571 -18.93 -3.29 -3.68
C PHE B 571 -17.68 -3.01 -2.88
N SER B 572 -17.77 -2.26 -1.79
CA SER B 572 -16.58 -1.79 -1.10
C SER B 572 -16.68 -2.05 0.39
N ILE B 573 -15.72 -2.82 0.91
CA ILE B 573 -15.59 -3.19 2.32
C ILE B 573 -15.26 -2.00 3.23
N PRO B 574 -14.36 -1.06 2.91
CA PRO B 574 -14.19 0.08 3.83
C PRO B 574 -15.37 1.02 3.90
N ARG B 575 -16.34 0.96 2.99
CA ARG B 575 -17.52 1.79 3.12
C ARG B 575 -18.39 1.32 4.28
N TYR B 576 -18.55 0.00 4.43
CA TYR B 576 -19.46 -0.53 5.43
C TYR B 576 -18.87 -0.47 6.83
N GLY B 577 -17.54 -0.55 6.93
CA GLY B 577 -16.91 -0.43 8.23
C GLY B 577 -16.83 0.99 8.73
N PHE B 578 -16.63 1.94 7.83
CA PHE B 578 -16.50 3.34 8.18
C PHE B 578 -17.83 4.03 8.33
N THR B 579 -18.89 3.49 7.74
CA THR B 579 -20.23 3.98 8.00
C THR B 579 -20.74 3.53 9.37
N ALA B 580 -20.38 2.32 9.78
CA ALA B 580 -20.80 1.79 11.06
C ALA B 580 -20.01 2.33 12.23
N LEU B 581 -18.80 2.83 12.00
CA LEU B 581 -18.07 3.49 13.07
C LEU B 581 -18.46 4.95 13.19
N GLN B 582 -18.74 5.60 12.07
CA GLN B 582 -19.26 6.97 12.12
C GLN B 582 -20.66 7.03 12.68
N HIS B 583 -21.49 6.03 12.41
CA HIS B 583 -22.83 6.01 13.00
C HIS B 583 -22.75 5.79 14.50
N ASN B 584 -21.76 5.02 14.94
CA ASN B 584 -21.63 4.67 16.35
C ASN B 584 -21.20 5.87 17.19
N GLU B 585 -20.44 6.78 16.61
CA GLU B 585 -19.68 7.76 17.36
C GLU B 585 -20.21 9.18 17.24
N PHE B 586 -20.86 9.52 16.14
CA PHE B 586 -21.33 10.87 15.89
C PHE B 586 -22.76 11.12 16.31
N LEU B 587 -23.38 10.29 17.15
CA LEU B 587 -24.82 10.48 17.38
C LEU B 587 -25.14 11.62 18.33
N GLY B 588 -24.72 11.53 19.59
CA GLY B 588 -25.15 12.55 20.52
C GLY B 588 -24.20 13.71 20.67
N GLN B 589 -23.50 14.06 19.60
CA GLN B 589 -22.36 14.97 19.67
C GLN B 589 -22.75 16.38 19.26
N ASN B 590 -22.18 17.37 19.95
CA ASN B 590 -22.26 18.76 19.56
C ASN B 590 -20.86 19.24 19.24
N PHE B 591 -20.74 20.14 18.27
CA PHE B 591 -19.43 20.56 17.78
C PHE B 591 -19.29 22.07 17.64
N CYS B 592 -20.28 22.84 18.04
CA CYS B 592 -20.19 24.29 18.03
C CYS B 592 -20.31 24.79 19.46
N PRO B 593 -19.21 25.15 20.11
CA PRO B 593 -19.28 25.52 21.54
C PRO B 593 -19.94 26.88 21.73
N GLY B 594 -20.95 26.91 22.60
CA GLY B 594 -21.72 28.10 22.83
C GLY B 594 -22.97 28.20 22.00
N LEU B 595 -23.26 27.20 21.17
CA LEU B 595 -24.39 27.23 20.26
C LEU B 595 -25.16 25.93 20.42
N ASN B 596 -26.32 25.99 21.07
CA ASN B 596 -27.22 24.84 21.12
C ASN B 596 -27.95 24.78 19.80
N ALA B 597 -27.58 23.83 18.96
CA ALA B 597 -28.13 23.70 17.62
C ALA B 597 -28.93 22.44 17.42
N THR B 598 -29.24 21.69 18.47
CA THR B 598 -30.01 20.47 18.33
C THR B 598 -31.51 20.71 18.44
N GLY B 599 -31.94 21.88 18.86
CA GLY B 599 -33.35 22.21 18.82
C GLY B 599 -33.68 22.97 17.56
N ASN B 600 -32.79 23.88 17.18
CA ASN B 600 -32.86 24.63 15.93
C ASN B 600 -31.44 25.08 15.63
N ASN B 601 -31.07 25.09 14.35
CA ASN B 601 -29.76 25.61 13.99
C ASN B 601 -29.94 27.02 13.43
N PRO B 602 -29.58 28.07 14.17
CA PRO B 602 -29.56 29.40 13.57
C PRO B 602 -28.38 29.52 12.64
N CYS B 603 -28.61 30.17 11.50
CA CYS B 603 -27.59 30.42 10.48
C CYS B 603 -26.97 29.13 9.98
N ASN B 604 -27.65 28.44 9.05
CA ASN B 604 -27.17 27.18 8.47
C ASN B 604 -25.88 27.34 7.67
N TYR B 605 -25.48 26.26 6.97
CA TYR B 605 -24.13 26.02 6.45
C TYR B 605 -23.13 25.89 7.58
N ALA B 606 -23.53 25.38 8.74
CA ALA B 606 -22.70 25.41 9.93
C ALA B 606 -22.17 24.06 10.37
N THR B 607 -22.99 22.99 10.34
CA THR B 607 -22.67 21.63 10.80
C THR B 607 -22.25 21.64 12.28
N CYS B 608 -23.24 21.92 13.12
CA CYS B 608 -23.01 22.08 14.54
C CYS B 608 -23.45 20.91 15.39
N THR B 609 -23.91 19.82 14.79
CA THR B 609 -24.23 18.63 15.56
C THR B 609 -23.92 17.41 14.71
N GLY B 610 -23.80 16.28 15.37
CA GLY B 610 -23.32 15.08 14.71
C GLY B 610 -24.33 14.39 13.83
N GLU B 611 -25.61 14.69 14.00
CA GLU B 611 -26.61 14.24 13.05
C GLU B 611 -26.55 15.02 11.74
N GLU B 612 -26.20 16.31 11.80
CA GLU B 612 -26.09 17.11 10.58
C GLU B 612 -24.91 16.67 9.75
N TYR B 613 -23.81 16.27 10.38
CA TYR B 613 -22.69 15.70 9.64
C TYR B 613 -23.08 14.38 9.02
N LEU B 614 -23.89 13.60 9.71
CA LEU B 614 -24.05 12.21 9.34
C LEU B 614 -25.09 12.05 8.25
N VAL B 615 -26.09 12.93 8.20
CA VAL B 615 -27.05 12.94 7.10
C VAL B 615 -26.43 13.54 5.86
N LYS B 616 -25.53 14.51 6.03
CA LYS B 616 -24.84 15.14 4.92
C LYS B 616 -23.92 14.18 4.18
N GLN B 617 -23.46 13.13 4.84
CA GLN B 617 -22.68 12.09 4.18
C GLN B 617 -23.56 11.04 3.53
N GLY B 618 -24.83 10.96 3.92
CA GLY B 618 -25.74 9.98 3.39
C GLY B 618 -25.99 8.79 4.27
N ILE B 619 -25.89 8.94 5.58
CA ILE B 619 -26.00 7.83 6.52
C ILE B 619 -27.35 7.90 7.21
N ASP B 620 -28.06 6.77 7.22
CA ASP B 620 -29.35 6.67 7.87
C ASP B 620 -29.20 6.81 9.39
N LEU B 621 -30.12 7.52 10.03
CA LEU B 621 -30.04 7.78 11.46
C LEU B 621 -30.82 6.76 12.29
N SER B 622 -31.46 5.81 11.65
CA SER B 622 -32.20 4.77 12.33
C SER B 622 -31.24 3.71 12.87
N PRO B 623 -31.66 2.89 13.84
CA PRO B 623 -30.79 1.79 14.28
C PRO B 623 -30.61 0.67 13.27
N TRP B 624 -31.42 0.61 12.21
CA TRP B 624 -31.07 -0.26 11.10
C TRP B 624 -29.96 0.31 10.25
N GLY B 625 -29.78 1.64 10.26
CA GLY B 625 -28.67 2.24 9.54
C GLY B 625 -27.29 1.90 10.09
N LEU B 626 -27.24 1.36 11.31
CA LEU B 626 -26.01 0.82 11.86
C LEU B 626 -25.80 -0.62 11.43
N TRP B 627 -26.81 -1.46 11.64
CA TRP B 627 -26.68 -2.89 11.48
C TRP B 627 -26.94 -3.36 10.05
N LYS B 628 -27.32 -2.46 9.16
CA LYS B 628 -27.28 -2.74 7.73
C LYS B 628 -25.86 -2.98 7.25
N ASN B 629 -24.90 -2.34 7.91
CA ASN B 629 -23.51 -2.42 7.53
C ASN B 629 -22.86 -3.70 7.98
N HIS B 630 -23.41 -4.35 9.00
CA HIS B 630 -22.87 -5.61 9.51
C HIS B 630 -23.45 -6.83 8.83
N VAL B 631 -24.70 -6.75 8.36
CA VAL B 631 -25.25 -7.85 7.57
C VAL B 631 -24.77 -7.81 6.14
N ALA B 632 -24.16 -6.72 5.72
CA ALA B 632 -23.53 -6.63 4.41
C ALA B 632 -22.08 -7.05 4.45
N LEU B 633 -21.43 -6.98 5.61
CA LEU B 633 -20.11 -7.56 5.77
C LEU B 633 -20.17 -9.04 6.06
N ALA B 634 -21.25 -9.51 6.71
CA ALA B 634 -21.40 -10.93 6.95
C ALA B 634 -21.76 -11.69 5.69
N CYS B 635 -22.51 -11.06 4.78
CA CYS B 635 -22.79 -11.68 3.50
C CYS B 635 -21.60 -11.68 2.56
N MET B 636 -20.62 -10.83 2.77
CA MET B 636 -19.41 -10.89 1.96
C MET B 636 -18.38 -11.85 2.52
N ILE B 637 -18.50 -12.25 3.77
CA ILE B 637 -17.65 -13.33 4.28
C ILE B 637 -18.10 -14.66 3.69
N VAL B 638 -19.42 -14.88 3.61
CA VAL B 638 -19.96 -16.14 3.15
C VAL B 638 -19.74 -16.31 1.64
N ILE B 639 -19.82 -15.22 0.89
CA ILE B 639 -19.58 -15.30 -0.55
C ILE B 639 -18.10 -15.51 -0.85
N PHE B 640 -17.23 -14.76 -0.17
CA PHE B 640 -15.81 -14.87 -0.46
C PHE B 640 -15.17 -16.14 0.09
N LEU B 641 -15.75 -16.75 1.12
CA LEU B 641 -15.25 -18.03 1.58
C LEU B 641 -15.89 -19.21 0.87
N THR B 642 -16.83 -18.96 -0.03
CA THR B 642 -17.34 -20.01 -0.90
C THR B 642 -16.61 -20.00 -2.23
N ILE B 643 -16.26 -18.81 -2.73
CA ILE B 643 -15.39 -18.70 -3.88
C ILE B 643 -14.01 -19.27 -3.56
N ALA B 644 -13.54 -19.07 -2.34
CA ALA B 644 -12.26 -19.64 -1.93
C ALA B 644 -12.33 -21.14 -1.72
N TYR B 645 -13.51 -21.68 -1.46
CA TYR B 645 -13.65 -23.12 -1.33
C TYR B 645 -13.73 -23.80 -2.69
N LEU B 646 -14.44 -23.19 -3.63
CA LEU B 646 -14.60 -23.78 -4.95
C LEU B 646 -13.34 -23.66 -5.80
N LYS B 647 -12.43 -22.75 -5.45
CA LYS B 647 -11.16 -22.68 -6.16
C LYS B 647 -10.17 -23.71 -5.69
N LEU B 648 -10.35 -24.26 -4.49
CA LEU B 648 -9.56 -25.41 -4.05
C LEU B 648 -10.19 -26.72 -4.47
N LEU B 649 -11.52 -26.77 -4.57
CA LEU B 649 -12.20 -27.99 -4.94
C LEU B 649 -12.05 -28.29 -6.42
N PHE B 650 -12.12 -27.27 -7.27
CA PHE B 650 -12.01 -27.40 -8.72
C PHE B 650 -10.59 -27.16 -9.22
N LEU B 651 -9.61 -27.40 -8.37
CA LEU B 651 -8.21 -27.15 -8.73
C LEU B 651 -7.68 -28.32 -9.56
N LYS B 652 -6.68 -28.03 -10.38
CA LYS B 652 -5.98 -29.08 -11.12
C LYS B 652 -5.02 -29.77 -10.16
N LYS B 653 -5.41 -30.95 -9.68
CA LYS B 653 -4.63 -31.66 -8.68
C LYS B 653 -3.50 -32.49 -9.29
N TYR B 654 -3.46 -32.64 -10.61
CA TYR B 654 -2.54 -33.56 -11.26
C TYR B 654 -1.30 -32.88 -11.82
N ASP C 1 -34.49 12.89 -5.48
CA ASP C 1 -34.61 14.04 -4.59
C ASP C 1 -35.39 13.70 -3.33
N ILE C 2 -35.86 14.73 -2.63
CA ILE C 2 -36.66 14.58 -1.42
C ILE C 2 -38.05 15.06 -1.73
N VAL C 3 -39.03 14.18 -1.64
CA VAL C 3 -40.41 14.53 -1.92
C VAL C 3 -41.14 14.76 -0.60
N LEU C 4 -42.04 15.72 -0.60
CA LEU C 4 -42.71 16.18 0.60
C LEU C 4 -44.19 15.93 0.44
N THR C 5 -44.80 15.27 1.42
CA THR C 5 -46.17 14.79 1.29
C THR C 5 -47.05 15.49 2.32
N GLN C 6 -48.07 16.18 1.83
CA GLN C 6 -49.12 16.70 2.69
C GLN C 6 -50.36 15.92 2.36
N SER C 7 -50.51 14.77 3.00
CA SER C 7 -51.66 13.91 2.76
C SER C 7 -53.03 14.49 3.14
N PRO C 8 -53.18 15.40 4.14
CA PRO C 8 -54.50 16.06 4.24
C PRO C 8 -54.64 17.21 3.25
N SER C 9 -55.03 16.92 2.01
CA SER C 9 -55.07 17.91 0.94
C SER C 9 -56.17 18.95 1.08
N SER C 10 -57.06 18.84 2.08
CA SER C 10 -58.09 19.83 2.31
C SER C 10 -58.53 19.73 3.77
N PHE C 11 -59.27 20.74 4.21
CA PHE C 11 -59.87 20.73 5.54
C PHE C 11 -61.24 21.39 5.49
N SER C 12 -61.92 21.37 6.62
CA SER C 12 -63.21 22.06 6.76
C SER C 12 -63.36 22.37 8.25
N VAL C 13 -63.16 23.63 8.60
CA VAL C 13 -63.14 24.07 10.00
C VAL C 13 -64.09 25.24 10.16
N SER C 14 -64.13 25.78 11.38
CA SER C 14 -64.90 26.97 11.71
C SER C 14 -64.00 27.94 12.46
N LEU C 15 -64.52 29.12 12.77
CA LEU C 15 -63.71 30.13 13.43
C LEU C 15 -63.47 29.76 14.89
N GLY C 16 -62.33 30.21 15.40
CA GLY C 16 -61.92 29.90 16.77
C GLY C 16 -61.49 28.47 17.00
N ASP C 17 -61.34 27.68 15.94
CA ASP C 17 -61.05 26.27 16.04
C ASP C 17 -59.56 26.02 15.79
N ARG C 18 -59.05 24.94 16.35
CA ARG C 18 -57.65 24.56 16.20
C ARG C 18 -57.54 23.52 15.09
N VAL C 19 -56.70 23.82 14.09
CA VAL C 19 -56.47 22.93 12.97
C VAL C 19 -54.98 22.61 12.91
N THR C 20 -54.66 21.43 12.40
CA THR C 20 -53.30 20.92 12.41
C THR C 20 -52.97 20.34 11.04
N ILE C 21 -51.88 20.83 10.44
CA ILE C 21 -51.45 20.47 9.10
C ILE C 21 -50.15 19.69 9.21
N SER C 22 -50.10 18.52 8.60
CA SER C 22 -48.93 17.65 8.68
C SER C 22 -48.19 17.60 7.35
N CYS C 23 -46.87 17.49 7.43
CA CYS C 23 -45.99 17.41 6.27
C CYS C 23 -44.98 16.30 6.54
N LYS C 24 -44.85 15.37 5.60
CA LYS C 24 -44.00 14.19 5.73
C LYS C 24 -42.95 14.20 4.65
N ALA C 25 -41.70 13.95 5.03
CA ALA C 25 -40.58 13.98 4.09
C ALA C 25 -40.06 12.58 3.84
N SER C 26 -39.41 12.40 2.69
CA SER C 26 -38.80 11.13 2.32
C SER C 26 -37.31 11.12 2.61
N GLY C 27 -36.90 11.77 3.69
CA GLY C 27 -35.50 11.84 4.06
C GLY C 27 -35.40 12.74 5.26
N TYR C 28 -34.24 12.69 5.90
CA TYR C 28 -34.01 13.51 7.08
C TYR C 28 -33.71 14.93 6.64
N ILE C 29 -34.49 15.87 7.14
CA ILE C 29 -34.43 17.27 6.70
C ILE C 29 -33.67 18.05 7.77
N LEU C 30 -33.75 17.58 9.01
CA LEU C 30 -33.06 18.14 10.17
C LEU C 30 -33.46 19.60 10.40
N ASN C 31 -34.76 19.80 10.53
CA ASN C 31 -35.41 21.07 10.85
C ASN C 31 -35.18 22.14 9.79
N ARG C 32 -34.89 21.74 8.56
CA ARG C 32 -34.77 22.67 7.44
C ARG C 32 -36.10 22.75 6.68
N LEU C 33 -37.13 23.13 7.41
CA LEU C 33 -38.49 23.09 6.90
C LEU C 33 -39.08 24.48 7.03
N ALA C 34 -39.80 24.93 6.00
CA ALA C 34 -40.43 26.23 6.00
C ALA C 34 -41.89 26.08 5.62
N TRP C 35 -42.72 27.02 6.06
CA TRP C 35 -44.15 27.02 5.76
C TRP C 35 -44.51 28.31 5.04
N TYR C 36 -45.39 28.20 4.05
CA TYR C 36 -45.79 29.32 3.22
C TYR C 36 -47.30 29.43 3.20
N GLN C 37 -47.80 30.65 3.11
CA GLN C 37 -49.23 30.92 3.05
C GLN C 37 -49.53 31.69 1.76
N GLN C 38 -50.40 31.15 0.93
CA GLN C 38 -50.73 31.79 -0.33
C GLN C 38 -52.21 32.13 -0.34
N LYS C 39 -52.53 33.41 -0.20
CA LYS C 39 -53.87 33.90 -0.46
C LYS C 39 -54.17 33.77 -1.96
N PRO C 40 -55.46 33.64 -2.33
CA PRO C 40 -55.77 33.54 -3.77
C PRO C 40 -55.51 34.82 -4.54
N GLY C 41 -54.56 34.75 -5.46
CA GLY C 41 -54.17 35.89 -6.27
C GLY C 41 -52.88 36.57 -5.88
N ASN C 42 -52.09 35.97 -4.99
CA ASN C 42 -50.87 36.59 -4.49
C ASN C 42 -49.72 35.59 -4.55
N ALA C 43 -48.52 36.11 -4.36
CA ALA C 43 -47.34 35.29 -4.21
C ALA C 43 -47.39 34.58 -2.85
N PRO C 44 -46.69 33.46 -2.70
CA PRO C 44 -46.59 32.84 -1.38
C PRO C 44 -45.82 33.72 -0.42
N ARG C 45 -46.13 33.57 0.85
CA ARG C 45 -45.53 34.39 1.89
C ARG C 45 -44.97 33.50 2.97
N LEU C 46 -43.75 33.78 3.41
CA LEU C 46 -43.08 32.96 4.42
C LEU C 46 -43.78 33.09 5.76
N LEU C 47 -44.02 31.95 6.39
CA LEU C 47 -44.72 31.88 7.67
C LEU C 47 -43.83 31.38 8.80
N ILE C 48 -43.10 30.29 8.58
CA ILE C 48 -42.23 29.68 9.59
C ILE C 48 -40.91 29.32 8.91
N SER C 49 -39.80 29.56 9.59
CA SER C 49 -38.49 29.19 9.10
C SER C 49 -37.81 28.28 10.12
N GLY C 50 -37.17 27.22 9.64
CA GLY C 50 -36.48 26.34 10.57
C GLY C 50 -37.39 25.49 11.40
N ALA C 51 -38.63 25.29 10.96
CA ALA C 51 -39.66 24.41 11.48
C ALA C 51 -40.22 24.80 12.84
N THR C 52 -39.63 25.77 13.53
CA THR C 52 -40.14 26.24 14.80
C THR C 52 -40.29 27.76 14.86
N SER C 53 -39.38 28.51 14.23
CA SER C 53 -39.38 29.96 14.36
C SER C 53 -40.53 30.58 13.58
N LEU C 54 -40.99 31.74 14.04
CA LEU C 54 -42.09 32.42 13.41
C LEU C 54 -41.65 33.82 12.97
N GLU C 55 -42.22 34.26 11.86
CA GLU C 55 -41.77 35.48 11.21
C GLU C 55 -42.43 36.70 11.82
N THR C 56 -41.69 37.80 11.84
CA THR C 56 -42.20 39.04 12.39
C THR C 56 -43.27 39.61 11.47
N GLY C 57 -44.51 39.62 11.95
CA GLY C 57 -45.62 40.06 11.14
C GLY C 57 -46.73 39.02 11.09
N PHE C 58 -46.69 38.09 12.04
CA PHE C 58 -47.68 37.04 12.16
C PHE C 58 -48.05 36.87 13.61
N PRO C 59 -49.30 36.51 13.91
CA PRO C 59 -49.72 36.34 15.31
C PRO C 59 -49.06 35.12 15.94
N SER C 60 -49.17 35.06 17.26
CA SER C 60 -48.67 33.90 17.99
C SER C 60 -49.76 32.85 18.16
N ARG C 61 -50.41 32.53 17.05
CA ARG C 61 -51.34 31.42 16.94
C ARG C 61 -50.80 30.31 16.08
N PHE C 62 -49.84 30.61 15.22
CA PHE C 62 -49.14 29.64 14.40
C PHE C 62 -47.95 29.10 15.17
N SER C 63 -47.66 27.82 14.98
CA SER C 63 -46.51 27.20 15.61
C SER C 63 -46.14 25.95 14.85
N GLY C 64 -44.84 25.69 14.75
CA GLY C 64 -44.39 24.47 14.13
C GLY C 64 -43.62 23.62 15.11
N THR C 65 -44.03 22.36 15.27
CA THR C 65 -43.38 21.42 16.19
C THR C 65 -43.09 20.14 15.41
N GLY C 66 -41.92 20.07 14.78
CA GLY C 66 -41.55 18.89 14.05
C GLY C 66 -40.15 18.43 14.41
N SER C 67 -39.89 17.17 14.11
CA SER C 67 -38.57 16.59 14.33
C SER C 67 -38.44 15.35 13.44
N GLY C 68 -37.25 15.15 12.89
CA GLY C 68 -36.98 13.97 12.10
C GLY C 68 -37.51 14.05 10.69
N LYS C 69 -38.58 13.30 10.42
CA LYS C 69 -39.29 13.37 9.14
C LYS C 69 -40.72 13.86 9.29
N ASP C 70 -41.25 13.91 10.49
CA ASP C 70 -42.63 14.33 10.75
C ASP C 70 -42.61 15.77 11.23
N TYR C 71 -43.18 16.66 10.44
CA TYR C 71 -43.25 18.07 10.76
C TYR C 71 -44.71 18.49 10.71
N THR C 72 -45.07 19.48 11.53
CA THR C 72 -46.48 19.84 11.58
C THR C 72 -46.65 21.34 11.84
N LEU C 73 -47.79 21.85 11.39
CA LEU C 73 -48.18 23.24 11.56
C LEU C 73 -49.50 23.28 12.32
N SER C 74 -49.57 24.11 13.35
CA SER C 74 -50.76 24.23 14.18
C SER C 74 -51.27 25.66 14.13
N ILE C 75 -52.53 25.81 13.72
CA ILE C 75 -53.22 27.09 13.75
C ILE C 75 -54.26 26.99 14.84
N SER C 76 -53.94 27.52 16.03
CA SER C 76 -54.88 27.49 17.14
C SER C 76 -55.73 28.75 17.14
N SER C 77 -57.06 28.56 17.16
CA SER C 77 -58.07 29.63 17.17
C SER C 77 -57.93 30.52 15.94
N LEU C 78 -58.26 29.94 14.79
CA LEU C 78 -58.06 30.61 13.52
C LEU C 78 -59.08 31.71 13.30
N GLN C 79 -58.62 32.78 12.65
CA GLN C 79 -59.47 33.91 12.32
C GLN C 79 -60.04 33.72 10.92
N THR C 80 -60.66 34.76 10.37
CA THR C 80 -61.14 34.70 8.99
C THR C 80 -59.99 34.91 8.01
N GLU C 81 -58.99 35.69 8.40
CA GLU C 81 -57.84 36.04 7.57
C GLU C 81 -56.79 34.93 7.50
N ASP C 82 -57.11 33.71 7.91
CA ASP C 82 -56.15 32.62 7.92
C ASP C 82 -56.50 31.53 6.93
N VAL C 83 -57.57 31.67 6.17
CA VAL C 83 -57.91 30.71 5.14
C VAL C 83 -57.00 30.93 3.94
N GLY C 84 -56.46 29.84 3.39
CA GLY C 84 -55.57 29.93 2.27
C GLY C 84 -55.01 28.57 1.91
N THR C 85 -53.85 28.53 1.28
CA THR C 85 -53.19 27.28 0.93
C THR C 85 -51.83 27.26 1.60
N TYR C 86 -51.50 26.15 2.25
CA TYR C 86 -50.31 26.06 3.08
C TYR C 86 -49.35 25.05 2.47
N TYR C 87 -48.14 25.50 2.19
CA TYR C 87 -47.10 24.71 1.57
C TYR C 87 -45.96 24.48 2.55
N CYS C 88 -45.27 23.36 2.39
CA CYS C 88 -44.07 23.08 3.15
C CYS C 88 -42.92 22.86 2.18
N GLN C 89 -41.82 23.56 2.41
CA GLN C 89 -40.63 23.47 1.60
C GLN C 89 -39.49 22.86 2.41
N GLN C 90 -38.71 21.99 1.81
CA GLN C 90 -37.41 21.64 2.38
C GLN C 90 -36.33 22.48 1.74
N TYR C 91 -35.33 22.86 2.51
CA TYR C 91 -34.15 23.51 1.99
C TYR C 91 -32.90 22.85 2.54
N TRP C 92 -32.94 21.53 2.67
CA TRP C 92 -31.79 20.73 3.02
C TRP C 92 -30.96 20.37 1.79
N SER C 93 -31.55 19.63 0.85
CA SER C 93 -30.87 19.23 -0.36
C SER C 93 -31.07 20.29 -1.44
N THR C 94 -30.36 20.13 -2.55
CA THR C 94 -30.17 21.22 -3.51
C THR C 94 -31.29 21.47 -4.53
N PRO C 95 -32.08 20.45 -5.02
CA PRO C 95 -33.34 20.80 -5.69
C PRO C 95 -34.50 20.99 -4.72
N TRP C 96 -34.71 22.23 -4.28
CA TRP C 96 -35.71 22.57 -3.26
C TRP C 96 -37.11 22.21 -3.70
N THR C 97 -37.73 21.27 -3.00
CA THR C 97 -39.05 20.77 -3.36
C THR C 97 -40.09 21.31 -2.40
N PHE C 98 -41.31 21.50 -2.88
CA PHE C 98 -42.38 21.95 -2.01
C PHE C 98 -43.34 20.80 -1.76
N GLY C 99 -44.23 21.00 -0.81
CA GLY C 99 -45.31 20.07 -0.60
C GLY C 99 -46.45 20.33 -1.55
N GLY C 100 -47.45 19.46 -1.50
CA GLY C 100 -48.55 19.55 -2.44
C GLY C 100 -49.52 20.68 -2.14
N GLY C 101 -49.49 21.21 -0.92
CA GLY C 101 -50.40 22.27 -0.56
C GLY C 101 -51.67 21.74 0.04
N THR C 102 -52.23 22.44 1.02
CA THR C 102 -53.48 22.05 1.65
C THR C 102 -54.38 23.26 1.80
N LYS C 103 -55.61 23.14 1.36
CA LYS C 103 -56.49 24.28 1.18
C LYS C 103 -57.53 24.28 2.29
N LEU C 104 -57.39 25.20 3.22
CA LEU C 104 -58.36 25.34 4.31
C LEU C 104 -59.67 25.88 3.78
N GLU C 105 -60.76 25.48 4.44
CA GLU C 105 -62.10 25.92 4.07
C GLU C 105 -62.82 26.32 5.35
N ILE C 106 -63.99 26.95 5.19
CA ILE C 106 -64.81 27.39 6.29
C ILE C 106 -66.18 26.74 6.15
N ARG C 107 -66.58 25.97 7.17
CA ARG C 107 -67.89 25.34 7.19
C ARG C 107 -68.98 26.36 7.44
N VAL D 2 -35.25 42.78 -2.67
CA VAL D 2 -36.08 43.43 -1.68
C VAL D 2 -37.36 43.94 -2.36
N GLN D 3 -37.26 44.26 -3.64
CA GLN D 3 -38.43 44.65 -4.44
C GLN D 3 -38.24 44.10 -5.83
N LEU D 4 -39.00 43.07 -6.19
CA LEU D 4 -38.81 42.33 -7.42
C LEU D 4 -40.04 42.49 -8.31
N GLN D 5 -39.85 42.37 -9.62
CA GLN D 5 -40.93 42.65 -10.58
C GLN D 5 -40.66 41.91 -11.86
N GLU D 6 -41.52 40.96 -12.22
CA GLU D 6 -41.35 40.23 -13.47
C GLU D 6 -41.98 41.00 -14.63
N SER D 7 -41.51 40.69 -15.83
CA SER D 7 -42.05 41.26 -17.05
C SER D 7 -41.67 40.35 -18.20
N GLY D 8 -42.52 40.28 -19.21
CA GLY D 8 -42.26 39.47 -20.36
C GLY D 8 -43.49 39.17 -21.19
N PRO D 9 -43.31 38.39 -22.26
CA PRO D 9 -44.46 38.02 -23.11
C PRO D 9 -45.37 37.04 -22.39
N GLY D 10 -46.67 37.34 -22.38
CA GLY D 10 -47.66 36.51 -21.74
C GLY D 10 -48.21 35.38 -22.60
N LEU D 11 -47.64 35.13 -23.76
CA LEU D 11 -48.08 34.07 -24.65
C LEU D 11 -46.91 33.72 -25.55
N VAL D 12 -46.79 32.44 -25.90
CA VAL D 12 -45.65 32.00 -26.68
C VAL D 12 -46.04 30.77 -27.49
N LYS D 13 -45.57 30.70 -28.73
CA LYS D 13 -45.81 29.56 -29.59
C LYS D 13 -45.04 28.35 -29.07
N PRO D 14 -45.53 27.14 -29.33
CA PRO D 14 -44.83 25.95 -28.83
C PRO D 14 -43.50 25.71 -29.53
N SER D 15 -42.54 25.20 -28.75
CA SER D 15 -41.23 24.77 -29.20
C SER D 15 -40.41 25.91 -29.82
N GLN D 16 -40.43 27.09 -29.19
CA GLN D 16 -39.53 28.15 -29.63
C GLN D 16 -38.55 28.57 -28.54
N SER D 17 -38.99 29.32 -27.52
CA SER D 17 -38.22 29.83 -26.38
C SER D 17 -39.12 30.69 -25.51
N LEU D 18 -38.80 30.82 -24.23
CA LEU D 18 -39.54 31.69 -23.33
C LEU D 18 -38.56 32.58 -22.58
N SER D 19 -38.83 33.88 -22.57
CA SER D 19 -37.93 34.83 -21.93
C SER D 19 -38.67 35.68 -20.92
N LEU D 20 -38.11 35.81 -19.73
CA LEU D 20 -38.65 36.67 -18.68
C LEU D 20 -37.54 37.57 -18.17
N THR D 21 -37.91 38.54 -17.33
CA THR D 21 -36.97 39.52 -16.80
C THR D 21 -37.47 39.97 -15.43
N CYS D 22 -36.59 39.94 -14.43
CA CYS D 22 -36.92 40.41 -13.09
C CYS D 22 -35.95 41.52 -12.72
N THR D 23 -36.47 42.74 -12.59
CA THR D 23 -35.66 43.91 -12.28
C THR D 23 -35.73 44.19 -10.79
N VAL D 24 -34.59 44.15 -10.12
CA VAL D 24 -34.53 44.26 -8.67
C VAL D 24 -34.23 45.71 -8.30
N THR D 25 -35.06 46.30 -7.45
CA THR D 25 -34.82 47.62 -6.91
C THR D 25 -34.68 47.54 -5.40
N GLY D 26 -33.87 48.43 -4.84
CA GLY D 26 -33.64 48.47 -3.42
C GLY D 26 -32.49 47.62 -2.93
N PHE D 27 -31.84 46.88 -3.83
CA PHE D 27 -30.75 46.00 -3.45
C PHE D 27 -29.94 45.71 -4.70
N SER D 28 -28.66 45.41 -4.51
CA SER D 28 -27.77 45.11 -5.63
C SER D 28 -27.66 43.60 -5.80
N ILE D 29 -27.90 43.11 -7.02
CA ILE D 29 -27.95 41.67 -7.21
C ILE D 29 -26.57 41.06 -7.19
N THR D 30 -25.53 41.87 -7.35
CA THR D 30 -24.17 41.38 -7.25
C THR D 30 -23.62 41.50 -5.84
N SER D 31 -24.46 41.85 -4.87
CA SER D 31 -23.97 42.08 -3.52
C SER D 31 -24.05 40.84 -2.65
N ASP D 32 -25.26 40.31 -2.40
CA ASP D 32 -25.32 39.25 -1.39
C ASP D 32 -26.02 37.94 -1.77
N TYR D 33 -27.25 37.96 -2.28
CA TYR D 33 -28.07 36.76 -2.17
C TYR D 33 -27.97 35.88 -3.41
N ALA D 34 -28.87 34.90 -3.51
CA ALA D 34 -29.08 34.12 -4.72
C ALA D 34 -30.48 34.43 -5.26
N TRP D 35 -30.64 34.37 -6.57
CA TRP D 35 -31.78 34.97 -7.27
C TRP D 35 -32.40 33.92 -8.16
N ASN D 36 -33.62 33.48 -7.85
CA ASN D 36 -34.16 32.27 -8.44
C ASN D 36 -35.58 32.43 -8.98
N TRP D 37 -35.99 31.39 -9.72
CA TRP D 37 -37.23 31.33 -10.46
C TRP D 37 -38.05 30.14 -9.99
N ILE D 38 -39.33 30.37 -9.72
CA ILE D 38 -40.27 29.37 -9.24
C ILE D 38 -41.52 29.46 -10.10
N ARG D 39 -42.06 28.31 -10.54
CA ARG D 39 -43.30 28.31 -11.29
C ARG D 39 -44.38 27.50 -10.57
N GLN D 40 -45.62 27.92 -10.77
CA GLN D 40 -46.78 27.30 -10.13
C GLN D 40 -47.78 26.90 -11.20
N PHE D 41 -48.02 25.61 -11.34
CA PHE D 41 -48.84 25.09 -12.40
C PHE D 41 -50.31 25.37 -12.16
N PRO D 42 -51.16 25.28 -13.18
CA PRO D 42 -52.60 25.24 -12.91
C PRO D 42 -52.96 23.90 -12.30
N GLY D 43 -53.80 23.93 -11.27
CA GLY D 43 -53.83 22.78 -10.39
C GLY D 43 -52.59 22.85 -9.52
N LYS D 44 -52.61 23.83 -8.61
CA LYS D 44 -51.45 24.50 -8.05
C LYS D 44 -50.42 23.60 -7.36
N LYS D 45 -49.25 23.47 -7.97
CA LYS D 45 -48.10 22.81 -7.37
C LYS D 45 -46.87 23.61 -7.71
N LEU D 46 -46.16 24.08 -6.68
CA LEU D 46 -44.97 24.87 -6.87
C LEU D 46 -43.82 24.00 -7.35
N GLU D 47 -42.89 24.60 -8.06
CA GLU D 47 -41.79 23.85 -8.67
C GLU D 47 -40.62 24.79 -8.85
N TRP D 48 -39.49 24.44 -8.25
CA TRP D 48 -38.29 25.26 -8.29
C TRP D 48 -37.52 25.00 -9.57
N MET D 49 -37.02 26.07 -10.19
CA MET D 49 -36.36 25.97 -11.48
C MET D 49 -34.86 26.17 -11.41
N GLY D 50 -34.38 27.21 -10.76
CA GLY D 50 -32.96 27.38 -10.57
C GLY D 50 -32.62 28.79 -10.19
N TYR D 51 -31.38 28.98 -9.71
CA TYR D 51 -30.90 30.29 -9.28
C TYR D 51 -29.64 30.72 -10.02
N ILE D 52 -29.38 32.02 -9.95
CA ILE D 52 -28.07 32.58 -10.25
C ILE D 52 -27.55 33.21 -8.96
N ASN D 53 -26.27 33.02 -8.69
CA ASN D 53 -25.70 33.44 -7.43
C ASN D 53 -25.37 34.93 -7.48
N PHE D 54 -24.90 35.49 -6.37
CA PHE D 54 -24.41 36.86 -6.36
C PHE D 54 -23.12 37.01 -7.13
N ASP D 55 -22.38 35.92 -7.35
CA ASP D 55 -21.13 35.96 -8.08
C ASP D 55 -21.21 35.29 -9.44
N GLY D 56 -22.41 35.17 -10.01
CA GLY D 56 -22.56 34.70 -11.36
C GLY D 56 -22.70 33.21 -11.52
N GLY D 57 -22.40 32.42 -10.50
CA GLY D 57 -22.60 31.00 -10.60
C GLY D 57 -24.08 30.63 -10.61
N THR D 58 -24.37 29.47 -11.18
CA THR D 58 -25.76 29.10 -11.42
C THR D 58 -25.96 27.64 -11.07
N THR D 59 -27.22 27.26 -10.85
CA THR D 59 -27.60 25.90 -10.51
C THR D 59 -29.06 25.72 -10.89
N TYR D 60 -29.37 24.65 -11.64
CA TYR D 60 -30.71 24.45 -12.17
C TYR D 60 -31.31 23.14 -11.70
N ASN D 61 -32.62 23.04 -11.84
CA ASN D 61 -33.35 21.83 -11.47
C ASN D 61 -33.07 20.75 -12.50
N PRO D 62 -32.73 19.52 -12.08
CA PRO D 62 -32.44 18.47 -13.07
C PRO D 62 -33.61 18.03 -13.94
N SER D 63 -34.86 18.32 -13.55
CA SER D 63 -35.98 17.99 -14.42
C SER D 63 -36.06 18.93 -15.61
N LEU D 64 -35.40 20.08 -15.55
CA LEU D 64 -35.31 21.01 -16.66
C LEU D 64 -33.88 20.91 -17.18
N ARG D 65 -33.62 19.87 -17.98
CA ARG D 65 -32.26 19.55 -18.39
C ARG D 65 -31.99 20.19 -19.75
N GLY D 66 -30.95 21.03 -19.82
CA GLY D 66 -30.58 21.71 -21.03
C GLY D 66 -31.53 22.78 -21.52
N ARG D 67 -32.74 22.90 -20.94
CA ARG D 67 -33.77 23.79 -21.42
C ARG D 67 -33.78 25.13 -20.72
N ILE D 68 -33.13 25.24 -19.57
CA ILE D 68 -33.16 26.46 -18.77
C ILE D 68 -31.75 27.04 -18.73
N SER D 69 -31.68 28.36 -18.74
CA SER D 69 -30.44 29.08 -18.51
C SER D 69 -30.80 30.42 -17.89
N ILE D 70 -30.04 30.83 -16.88
CA ILE D 70 -30.29 32.07 -16.17
C ILE D 70 -29.06 32.95 -16.30
N THR D 71 -29.25 34.14 -16.85
CA THR D 71 -28.20 35.13 -17.05
C THR D 71 -28.55 36.37 -16.24
N ARG D 72 -27.60 37.28 -16.12
CA ARG D 72 -27.83 38.53 -15.42
C ARG D 72 -27.22 39.68 -16.17
N ASP D 73 -27.60 40.89 -15.76
CA ASP D 73 -27.13 42.14 -16.34
C ASP D 73 -26.89 43.10 -15.18
N THR D 74 -25.65 43.11 -14.67
CA THR D 74 -25.34 43.83 -13.44
C THR D 74 -25.33 45.34 -13.60
N SER D 75 -25.53 45.87 -14.81
CA SER D 75 -25.52 47.31 -15.02
C SER D 75 -26.79 47.96 -14.50
N LYS D 76 -27.90 47.20 -14.43
CA LYS D 76 -29.18 47.77 -14.01
C LYS D 76 -29.99 46.84 -13.12
N ASN D 77 -29.35 45.83 -12.52
CA ASN D 77 -29.94 44.85 -11.61
C ASN D 77 -31.09 44.08 -12.26
N GLN D 78 -30.74 43.27 -13.25
CA GLN D 78 -31.69 42.39 -13.90
C GLN D 78 -31.14 40.98 -13.97
N PHE D 79 -32.03 40.00 -13.85
CA PHE D 79 -31.68 38.61 -14.13
C PHE D 79 -32.79 37.99 -14.96
N PHE D 80 -32.41 37.07 -15.84
CA PHE D 80 -33.26 36.65 -16.94
C PHE D 80 -33.50 35.15 -16.89
N LEU D 81 -34.71 34.75 -17.28
CA LEU D 81 -35.08 33.36 -17.45
C LEU D 81 -35.21 33.08 -18.93
N GLN D 82 -34.54 32.04 -19.41
CA GLN D 82 -34.56 31.69 -20.83
C GLN D 82 -34.87 30.19 -20.92
N LEU D 83 -36.14 29.87 -21.12
CA LEU D 83 -36.63 28.50 -21.13
C LEU D 83 -36.97 28.13 -22.57
N ARG D 84 -36.22 27.21 -23.16
CA ARG D 84 -36.26 26.98 -24.58
C ARG D 84 -36.96 25.68 -24.94
N SER D 85 -37.44 25.61 -26.19
CA SER D 85 -38.17 24.48 -26.79
C SER D 85 -39.40 24.12 -25.94
N VAL D 86 -40.31 25.08 -25.86
CA VAL D 86 -41.36 25.04 -24.83
C VAL D 86 -42.50 24.14 -25.28
N THR D 87 -42.97 23.30 -24.37
CA THR D 87 -44.09 22.39 -24.53
C THR D 87 -45.36 23.17 -24.18
N PRO D 88 -46.54 22.75 -24.63
CA PRO D 88 -47.77 23.34 -24.10
C PRO D 88 -48.18 22.85 -22.72
N GLU D 89 -47.36 22.10 -22.00
CA GLU D 89 -47.72 21.64 -20.67
C GLU D 89 -47.31 22.61 -19.58
N ASP D 90 -46.26 23.39 -19.79
CA ASP D 90 -45.78 24.31 -18.76
C ASP D 90 -46.33 25.72 -18.99
N THR D 91 -47.65 25.79 -18.87
CA THR D 91 -48.36 27.06 -18.87
C THR D 91 -48.64 27.51 -17.44
N ALA D 92 -47.55 27.75 -16.72
CA ALA D 92 -47.59 28.04 -15.30
C ALA D 92 -47.56 29.53 -15.04
N THR D 93 -47.43 29.89 -13.76
CA THR D 93 -47.24 31.26 -13.31
C THR D 93 -45.83 31.39 -12.78
N TYR D 94 -45.02 32.24 -13.39
CA TYR D 94 -43.59 32.32 -13.10
C TYR D 94 -43.30 33.43 -12.11
N TYR D 95 -42.52 33.11 -11.08
CA TYR D 95 -42.15 34.02 -10.01
C TYR D 95 -40.64 34.17 -9.99
N CYS D 96 -40.17 35.35 -9.57
CA CYS D 96 -38.77 35.55 -9.22
C CYS D 96 -38.69 35.82 -7.72
N ALA D 97 -37.73 35.18 -7.06
CA ALA D 97 -37.65 35.20 -5.60
C ALA D 97 -36.21 35.38 -5.16
N THR D 98 -36.00 35.37 -3.85
CA THR D 98 -34.72 35.73 -3.26
C THR D 98 -34.41 34.80 -2.10
N PHE D 99 -33.18 34.29 -2.06
CA PHE D 99 -32.76 33.26 -1.13
C PHE D 99 -31.66 33.83 -0.24
N TYR D 100 -31.91 33.80 1.08
CA TYR D 100 -31.05 34.52 2.02
C TYR D 100 -29.69 33.86 2.15
N GLY D 101 -29.66 32.53 2.15
CA GLY D 101 -28.41 31.84 2.27
C GLY D 101 -28.07 31.45 3.69
N ALA D 102 -27.96 32.43 4.57
CA ALA D 102 -27.71 32.14 5.98
C ALA D 102 -28.99 31.71 6.68
N LYS D 103 -30.13 32.18 6.23
CA LYS D 103 -31.41 31.78 6.78
C LYS D 103 -31.97 30.56 6.08
N GLY D 104 -31.80 30.46 4.77
CA GLY D 104 -32.12 29.26 4.03
C GLY D 104 -33.44 29.27 3.30
N THR D 105 -34.25 30.30 3.45
CA THR D 105 -35.61 30.30 2.94
C THR D 105 -35.80 31.35 1.85
N LEU D 106 -36.80 31.12 1.01
CA LEU D 106 -37.16 32.06 -0.05
C LEU D 106 -37.91 33.22 0.59
N ASP D 107 -37.19 34.30 0.85
CA ASP D 107 -37.74 35.38 1.67
C ASP D 107 -38.63 36.31 0.87
N TYR D 108 -38.09 36.94 -0.16
CA TYR D 108 -38.85 37.90 -0.94
C TYR D 108 -39.30 37.26 -2.23
N TRP D 109 -40.43 37.72 -2.74
CA TRP D 109 -41.07 37.10 -3.89
C TRP D 109 -41.47 38.19 -4.87
N GLY D 110 -41.68 37.79 -6.11
CA GLY D 110 -42.16 38.68 -7.13
C GLY D 110 -43.66 38.76 -7.13
N GLN D 111 -44.20 39.50 -8.09
CA GLN D 111 -45.65 39.60 -8.21
C GLN D 111 -46.22 38.39 -8.92
N GLY D 112 -45.50 37.88 -9.92
CA GLY D 112 -45.94 36.71 -10.64
C GLY D 112 -46.57 37.04 -11.97
N THR D 113 -46.07 36.44 -13.05
CA THR D 113 -46.60 36.66 -14.38
C THR D 113 -47.02 35.33 -14.97
N SER D 114 -48.14 35.34 -15.68
CA SER D 114 -48.69 34.11 -16.22
C SER D 114 -48.29 33.96 -17.67
N VAL D 115 -47.84 32.76 -18.03
CA VAL D 115 -47.41 32.46 -19.39
C VAL D 115 -48.30 31.34 -19.91
N THR D 116 -48.91 31.55 -21.07
CA THR D 116 -49.75 30.55 -21.72
C THR D 116 -49.07 30.09 -23.01
N VAL D 117 -48.89 28.80 -23.16
CA VAL D 117 -48.22 28.24 -24.32
C VAL D 117 -49.29 27.61 -25.19
N SER D 118 -49.72 28.31 -26.24
CA SER D 118 -50.75 27.81 -27.13
C SER D 118 -50.39 28.18 -28.56
N SER D 119 -51.25 27.80 -29.49
CA SER D 119 -51.02 28.05 -30.90
C SER D 119 -52.26 28.62 -31.58
N ASP E 1 0.13 31.01 20.87
CA ASP E 1 -1.18 31.61 20.63
C ASP E 1 -1.10 32.77 19.65
N ILE E 2 -2.14 33.60 19.64
CA ILE E 2 -2.20 34.78 18.80
C ILE E 2 -2.17 35.99 19.71
N VAL E 3 -1.13 36.80 19.57
CA VAL E 3 -0.98 38.00 20.39
C VAL E 3 -1.45 39.21 19.58
N LEU E 4 -2.08 40.15 20.27
CA LEU E 4 -2.73 41.29 19.65
C LEU E 4 -2.04 42.55 20.15
N THR E 5 -1.62 43.40 19.24
CA THR E 5 -0.78 44.54 19.57
C THR E 5 -1.53 45.83 19.27
N GLN E 6 -1.70 46.65 20.28
CA GLN E 6 -2.19 48.01 20.10
C GLN E 6 -1.03 48.92 20.46
N SER E 7 -0.18 49.18 19.47
CA SER E 7 0.98 50.02 19.67
C SER E 7 0.69 51.48 20.03
N PRO E 8 -0.43 52.14 19.61
CA PRO E 8 -0.72 53.45 20.22
C PRO E 8 -1.36 53.31 21.58
N SER E 9 -0.57 53.15 22.63
CA SER E 9 -1.08 52.89 23.98
C SER E 9 -1.78 54.07 24.64
N SER E 10 -1.77 55.25 24.02
CA SER E 10 -2.48 56.41 24.56
C SER E 10 -2.77 57.37 23.42
N PHE E 11 -3.62 58.35 23.70
CA PHE E 11 -3.91 59.42 22.75
C PHE E 11 -4.12 60.72 23.51
N SER E 12 -4.32 61.79 22.75
CA SER E 12 -4.64 63.09 23.31
C SER E 12 -5.40 63.86 22.23
N VAL E 13 -6.70 63.97 22.39
CA VAL E 13 -7.58 64.54 21.38
C VAL E 13 -8.44 65.63 22.03
N SER E 14 -9.33 66.21 21.22
CA SER E 14 -10.31 67.18 21.69
C SER E 14 -11.68 66.77 21.17
N LEU E 15 -12.71 67.51 21.56
CA LEU E 15 -14.06 67.16 21.17
C LEU E 15 -14.30 67.47 19.70
N GLY E 16 -15.18 66.69 19.08
CA GLY E 16 -15.47 66.82 17.68
C GLY E 16 -14.39 66.34 16.74
N ASP E 17 -13.36 65.69 17.27
CA ASP E 17 -12.20 65.30 16.49
C ASP E 17 -12.28 63.82 16.14
N ARG E 18 -11.64 63.45 15.04
CA ARG E 18 -11.62 62.07 14.57
C ARG E 18 -10.34 61.40 15.05
N VAL E 19 -10.49 60.28 15.76
CA VAL E 19 -9.36 59.52 16.27
C VAL E 19 -9.46 58.10 15.73
N THR E 20 -8.30 57.46 15.55
CA THR E 20 -8.20 56.16 14.91
C THR E 20 -7.31 55.25 15.73
N ILE E 21 -7.83 54.09 16.10
CA ILE E 21 -7.16 53.12 16.96
C ILE E 21 -6.85 51.88 16.12
N SER E 22 -5.60 51.45 16.15
CA SER E 22 -5.15 50.32 15.34
C SER E 22 -4.84 49.12 16.22
N CYS E 23 -5.13 47.93 15.69
CA CYS E 23 -4.89 46.67 16.36
C CYS E 23 -4.25 45.71 15.35
N LYS E 24 -3.13 45.12 15.73
CA LYS E 24 -2.35 44.26 14.85
C LYS E 24 -2.27 42.87 15.45
N ALA E 25 -2.51 41.84 14.62
CA ALA E 25 -2.50 40.46 15.09
C ALA E 25 -1.30 39.72 14.55
N SER E 26 -0.92 38.66 15.25
CA SER E 26 0.18 37.80 14.84
C SER E 26 -0.30 36.55 14.12
N GLY E 27 -1.36 36.69 13.35
CA GLY E 27 -1.94 35.57 12.62
C GLY E 27 -3.18 36.05 11.94
N TYR E 28 -3.66 35.25 11.01
CA TYR E 28 -4.87 35.61 10.28
C TYR E 28 -6.08 35.33 11.15
N ILE E 29 -6.89 36.35 11.38
CA ILE E 29 -8.01 36.29 12.30
C ILE E 29 -9.29 36.11 11.49
N LEU E 30 -9.26 36.62 10.25
CA LEU E 30 -10.36 36.52 9.28
C LEU E 30 -11.64 37.13 9.82
N ASN E 31 -11.52 38.40 10.21
CA ASN E 31 -12.60 39.27 10.68
C ASN E 31 -13.25 38.78 11.95
N ARG E 32 -12.56 37.98 12.74
CA ARG E 32 -13.04 37.54 14.05
C ARG E 32 -12.49 38.46 15.14
N LEU E 33 -12.81 39.73 15.02
CA LEU E 33 -12.24 40.76 15.86
C LEU E 33 -13.37 41.52 16.52
N ALA E 34 -13.23 41.82 17.80
CA ALA E 34 -14.22 42.55 18.55
C ALA E 34 -13.57 43.72 19.27
N TRP E 35 -14.35 44.75 19.54
CA TRP E 35 -13.87 45.94 20.25
C TRP E 35 -14.68 46.14 21.52
N TYR E 36 -14.00 46.54 22.60
CA TYR E 36 -14.63 46.70 23.89
C TYR E 36 -14.31 48.09 24.43
N GLN E 37 -15.24 48.66 25.17
CA GLN E 37 -15.08 49.96 25.80
C GLN E 37 -15.25 49.81 27.29
N GLN E 38 -14.25 50.21 28.06
CA GLN E 38 -14.31 50.09 29.51
C GLN E 38 -14.20 51.48 30.12
N LYS E 39 -15.32 51.97 30.64
CA LYS E 39 -15.32 53.15 31.48
C LYS E 39 -14.60 52.83 32.80
N PRO E 40 -14.02 53.83 33.48
CA PRO E 40 -13.34 53.55 34.75
C PRO E 40 -14.31 53.15 35.86
N GLY E 41 -14.18 51.90 36.32
CA GLY E 41 -15.03 51.36 37.36
C GLY E 41 -16.13 50.43 36.91
N ASN E 42 -16.10 49.99 35.66
CA ASN E 42 -17.15 49.16 35.10
C ASN E 42 -16.54 47.96 34.37
N ALA E 43 -17.40 47.01 34.06
CA ALA E 43 -17.03 45.90 33.20
C ALA E 43 -16.84 46.39 31.78
N PRO E 44 -16.07 45.68 30.96
CA PRO E 44 -16.00 46.04 29.54
C PRO E 44 -17.32 45.82 28.84
N ARG E 45 -17.54 46.58 27.79
CA ARG E 45 -18.80 46.55 27.07
C ARG E 45 -18.52 46.36 25.59
N LEU E 46 -19.26 45.46 24.97
CA LEU E 46 -19.04 45.15 23.55
C LEU E 46 -19.43 46.33 22.67
N LEU E 47 -18.55 46.67 21.73
CA LEU E 47 -18.73 47.80 20.83
C LEU E 47 -18.92 47.37 19.38
N ILE E 48 -18.05 46.49 18.89
CA ILE E 48 -18.09 46.02 17.50
C ILE E 48 -17.89 44.52 17.52
N SER E 49 -18.63 43.80 16.68
CA SER E 49 -18.47 42.36 16.53
C SER E 49 -18.19 42.04 15.08
N GLY E 50 -17.25 41.14 14.83
CA GLY E 50 -16.97 40.77 13.46
C GLY E 50 -16.24 41.83 12.67
N ALA E 51 -15.58 42.76 13.36
CA ALA E 51 -14.68 43.80 12.87
C ALA E 51 -15.35 44.88 12.05
N THR E 52 -16.62 44.73 11.69
CA THR E 52 -17.34 45.77 10.97
C THR E 52 -18.69 46.10 11.59
N SER E 53 -19.39 45.13 12.16
CA SER E 53 -20.74 45.35 12.66
C SER E 53 -20.73 46.16 13.94
N LEU E 54 -21.81 46.89 14.18
CA LEU E 54 -21.90 47.74 15.36
C LEU E 54 -23.12 47.33 16.17
N GLU E 55 -23.00 47.47 17.48
CA GLU E 55 -23.98 46.95 18.40
C GLU E 55 -25.11 47.93 18.61
N THR E 56 -26.32 47.40 18.81
CA THR E 56 -27.48 48.22 19.02
C THR E 56 -27.39 48.91 20.38
N GLY E 57 -27.24 50.22 20.37
CA GLY E 57 -27.05 50.98 21.59
C GLY E 57 -25.81 51.84 21.55
N PHE E 58 -25.31 52.07 20.34
CA PHE E 58 -24.14 52.89 20.11
C PHE E 58 -24.38 53.78 18.91
N PRO E 59 -23.83 54.99 18.90
CA PRO E 59 -24.04 55.90 17.78
C PRO E 59 -23.34 55.41 16.52
N SER E 60 -23.71 56.02 15.41
CA SER E 60 -23.05 55.72 14.14
C SER E 60 -21.87 56.65 13.89
N ARG E 61 -21.03 56.77 14.92
CA ARG E 61 -19.74 57.44 14.84
C ARG E 61 -18.59 56.46 14.92
N PHE E 62 -18.82 55.29 15.48
CA PHE E 62 -17.86 54.21 15.56
C PHE E 62 -17.95 53.37 14.30
N SER E 63 -16.80 52.88 13.83
CA SER E 63 -16.78 52.01 12.68
C SER E 63 -15.48 51.22 12.68
N GLY E 64 -15.57 49.96 12.26
CA GLY E 64 -14.38 49.15 12.13
C GLY E 64 -14.16 48.76 10.69
N THR E 65 -12.97 49.02 10.15
CA THR E 65 -12.62 48.68 8.78
C THR E 65 -11.28 47.96 8.81
N GLY E 66 -11.31 46.64 8.95
CA GLY E 66 -10.10 45.87 8.97
C GLY E 66 -10.18 44.69 8.03
N SER E 67 -9.01 44.17 7.66
CA SER E 67 -8.90 42.99 6.83
C SER E 67 -7.53 42.38 7.02
N GLY E 68 -7.48 41.05 7.03
CA GLY E 68 -6.22 40.35 7.13
C GLY E 68 -5.65 40.28 8.53
N LYS E 69 -4.61 41.06 8.78
CA LYS E 69 -4.05 41.21 10.12
C LYS E 69 -4.15 42.62 10.66
N ASP E 70 -4.47 43.60 9.81
CA ASP E 70 -4.56 45.00 10.21
C ASP E 70 -6.03 45.35 10.39
N TYR E 71 -6.41 45.67 11.63
CA TYR E 71 -7.77 46.02 11.96
C TYR E 71 -7.75 47.38 12.64
N THR E 72 -8.81 48.15 12.47
CA THR E 72 -8.79 49.50 13.02
C THR E 72 -10.17 49.93 13.49
N LEU E 73 -10.17 50.86 14.44
CA LEU E 73 -11.37 51.45 15.00
C LEU E 73 -11.32 52.96 14.79
N SER E 74 -12.41 53.52 14.27
CA SER E 74 -12.48 54.94 13.98
C SER E 74 -13.60 55.57 14.79
N ILE E 75 -13.27 56.57 15.59
CA ILE E 75 -14.25 57.36 16.33
C ILE E 75 -14.26 58.73 15.68
N SER E 76 -15.22 58.98 14.79
CA SER E 76 -15.32 60.27 14.12
C SER E 76 -16.22 61.19 14.93
N SER E 77 -15.71 62.39 15.24
CA SER E 77 -16.40 63.44 16.00
C SER E 77 -16.82 62.93 17.39
N LEU E 78 -15.81 62.71 18.22
CA LEU E 78 -16.03 62.10 19.52
C LEU E 78 -16.68 63.08 20.49
N GLN E 79 -17.55 62.53 21.35
CA GLN E 79 -18.23 63.31 22.37
C GLN E 79 -17.41 63.25 23.66
N THR E 80 -17.99 63.73 24.76
CA THR E 80 -17.34 63.61 26.06
C THR E 80 -17.50 62.20 26.62
N GLU E 81 -18.60 61.54 26.30
CA GLU E 81 -18.93 60.21 26.79
C GLU E 81 -18.20 59.09 26.07
N ASP E 82 -17.15 59.39 25.30
CA ASP E 82 -16.43 58.39 24.53
C ASP E 82 -15.01 58.18 25.03
N VAL E 83 -14.60 58.88 26.07
CA VAL E 83 -13.28 58.67 26.66
C VAL E 83 -13.31 57.39 27.48
N GLY E 84 -12.28 56.56 27.32
CA GLY E 84 -12.23 55.30 28.03
C GLY E 84 -11.03 54.49 27.59
N THR E 85 -11.09 53.18 27.74
CA THR E 85 -10.02 52.29 27.33
C THR E 85 -10.60 51.32 26.32
N TYR E 86 -9.92 51.14 25.19
CA TYR E 86 -10.43 50.36 24.07
C TYR E 86 -9.57 49.13 23.86
N TYR E 87 -10.21 47.97 23.91
CA TYR E 87 -9.55 46.69 23.78
C TYR E 87 -9.99 46.01 22.49
N CYS E 88 -9.12 45.19 21.94
CA CYS E 88 -9.44 44.36 20.79
C CYS E 88 -9.22 42.91 21.17
N GLN E 89 -10.22 42.08 20.92
CA GLN E 89 -10.19 40.65 21.21
C GLN E 89 -10.22 39.87 19.90
N GLN E 90 -9.44 38.81 19.80
CA GLN E 90 -9.67 37.82 18.76
C GLN E 90 -10.50 36.68 19.32
N TYR E 91 -11.36 36.12 18.50
CA TYR E 91 -12.09 34.92 18.84
C TYR E 91 -12.02 33.92 17.71
N TRP E 92 -10.86 33.85 17.05
CA TRP E 92 -10.58 32.84 16.06
C TRP E 92 -10.05 31.55 16.70
N SER E 93 -8.90 31.64 17.36
CA SER E 93 -8.31 30.49 18.02
C SER E 93 -8.84 30.37 19.45
N THR E 94 -8.50 29.27 20.11
CA THR E 94 -9.20 28.85 21.31
C THR E 94 -8.78 29.49 22.64
N PRO E 95 -7.48 29.89 22.88
CA PRO E 95 -7.23 30.81 24.00
C PRO E 95 -7.42 32.28 23.62
N TRP E 96 -8.64 32.79 23.84
CA TRP E 96 -9.02 34.15 23.42
C TRP E 96 -8.17 35.21 24.08
N THR E 97 -7.40 35.93 23.29
CA THR E 97 -6.47 36.94 23.79
C THR E 97 -7.01 38.33 23.53
N PHE E 98 -6.68 39.27 24.41
CA PHE E 98 -7.11 40.65 24.19
C PHE E 98 -5.89 41.48 23.80
N GLY E 99 -6.17 42.69 23.35
CA GLY E 99 -5.12 43.66 23.12
C GLY E 99 -4.72 44.35 24.39
N GLY E 100 -3.68 45.16 24.30
CA GLY E 100 -3.15 45.81 25.49
C GLY E 100 -4.00 46.95 26.01
N GLY E 101 -4.91 47.46 25.19
CA GLY E 101 -5.75 48.56 25.61
C GLY E 101 -5.13 49.90 25.27
N THR E 102 -5.95 50.88 24.91
CA THR E 102 -5.48 52.21 24.61
C THR E 102 -6.38 53.23 25.27
N LYS E 103 -5.79 54.16 25.99
CA LYS E 103 -6.51 55.04 26.89
C LYS E 103 -6.62 56.42 26.27
N LEU E 104 -7.81 56.78 25.82
CA LEU E 104 -8.04 58.09 25.25
C LEU E 104 -8.01 59.15 26.34
N GLU E 105 -7.57 60.35 25.96
CA GLU E 105 -7.49 61.48 26.86
C GLU E 105 -8.10 62.70 26.19
N ILE E 106 -8.29 63.77 26.96
CA ILE E 106 -8.85 65.02 26.45
C ILE E 106 -7.85 66.12 26.72
N ARG E 107 -7.40 66.79 25.66
CA ARG E 107 -6.48 67.92 25.80
C ARG E 107 -7.19 69.13 26.36
N VAL F 2 -28.09 36.68 31.15
CA VAL F 2 -28.77 37.93 30.86
C VAL F 2 -28.65 38.86 32.07
N GLN F 3 -28.53 38.27 33.26
CA GLN F 3 -28.29 39.03 34.48
C GLN F 3 -27.38 38.21 35.38
N LEU F 4 -26.12 38.63 35.50
CA LEU F 4 -25.09 37.84 36.17
C LEU F 4 -24.60 38.61 37.39
N GLN F 5 -24.10 37.88 38.39
CA GLN F 5 -23.74 38.48 39.68
C GLN F 5 -22.71 37.61 40.36
N GLU F 6 -21.50 38.13 40.55
CA GLU F 6 -20.47 37.37 41.24
C GLU F 6 -20.60 37.54 42.75
N SER F 7 -20.04 36.57 43.48
CA SER F 7 -20.00 36.62 44.93
C SER F 7 -18.91 35.68 45.39
N GLY F 8 -18.26 36.04 46.51
CA GLY F 8 -17.21 35.21 47.06
C GLY F 8 -16.33 35.94 48.05
N PRO F 9 -15.32 35.24 48.56
CA PRO F 9 -14.39 35.87 49.50
C PRO F 9 -13.48 36.87 48.80
N GLY F 10 -13.40 38.07 49.35
CA GLY F 10 -12.60 39.14 48.80
C GLY F 10 -11.15 39.15 49.22
N LEU F 11 -10.68 38.11 49.91
CA LEU F 11 -9.31 38.01 50.37
C LEU F 11 -9.01 36.54 50.60
N VAL F 12 -7.79 36.13 50.31
CA VAL F 12 -7.44 34.72 50.39
C VAL F 12 -5.95 34.59 50.70
N LYS F 13 -5.61 33.64 51.57
CA LYS F 13 -4.22 33.35 51.89
C LYS F 13 -3.52 32.73 50.69
N PRO F 14 -2.21 32.92 50.56
CA PRO F 14 -1.49 32.35 49.42
C PRO F 14 -1.41 30.84 49.47
N SER F 15 -1.48 30.24 48.28
CA SER F 15 -1.31 28.80 48.03
C SER F 15 -2.35 27.95 48.76
N GLN F 16 -3.61 28.38 48.74
CA GLN F 16 -4.68 27.51 49.23
C GLN F 16 -5.69 27.13 48.16
N SER F 17 -6.59 28.05 47.77
CA SER F 17 -7.64 27.89 46.76
C SER F 17 -8.46 29.16 46.68
N LEU F 18 -9.09 29.43 45.55
CA LEU F 18 -9.97 30.57 45.40
C LEU F 18 -11.29 30.11 44.82
N SER F 19 -12.40 30.53 45.44
CA SER F 19 -13.72 30.10 45.00
C SER F 19 -14.61 31.29 44.75
N LEU F 20 -15.29 31.29 43.60
CA LEU F 20 -16.26 32.32 43.25
C LEU F 20 -17.55 31.64 42.83
N THR F 21 -18.60 32.45 42.65
CA THR F 21 -19.92 31.93 42.30
C THR F 21 -20.65 33.00 41.50
N CYS F 22 -21.21 32.64 40.34
CA CYS F 22 -21.98 33.55 39.51
C CYS F 22 -23.38 32.97 39.36
N THR F 23 -24.38 33.64 39.93
CA THR F 23 -25.76 33.17 39.88
C THR F 23 -26.48 33.90 38.75
N VAL F 24 -27.00 33.14 37.80
CA VAL F 24 -27.61 33.71 36.59
C VAL F 24 -29.11 33.76 36.78
N THR F 25 -29.70 34.94 36.60
CA THR F 25 -31.14 35.11 36.62
C THR F 25 -31.61 35.61 35.25
N GLY F 26 -32.83 35.22 34.90
CA GLY F 26 -33.40 35.61 33.63
C GLY F 26 -33.11 34.68 32.48
N PHE F 27 -32.34 33.62 32.70
CA PHE F 27 -31.97 32.69 31.64
C PHE F 27 -31.52 31.41 32.31
N SER F 28 -31.65 30.29 31.61
CA SER F 28 -31.26 29.00 32.12
C SER F 28 -29.88 28.64 31.60
N ILE F 29 -28.96 28.28 32.51
CA ILE F 29 -27.58 28.08 32.08
C ILE F 29 -27.42 26.76 31.35
N THR F 30 -28.39 25.87 31.48
CA THR F 30 -28.36 24.62 30.73
C THR F 30 -29.08 24.72 29.41
N SER F 31 -29.50 25.93 29.01
CA SER F 31 -30.29 26.08 27.80
C SER F 31 -29.44 26.37 26.58
N ASP F 32 -28.72 27.50 26.55
CA ASP F 32 -28.09 27.83 25.28
C ASP F 32 -26.59 28.16 25.27
N TYR F 33 -26.09 29.05 26.13
CA TYR F 33 -24.82 29.70 25.81
C TYR F 33 -23.64 28.98 26.46
N ALA F 34 -22.47 29.62 26.44
CA ALA F 34 -21.31 29.22 27.20
C ALA F 34 -21.02 30.29 28.24
N TRP F 35 -20.48 29.87 29.39
CA TRP F 35 -20.47 30.68 30.60
C TRP F 35 -19.05 30.75 31.13
N ASN F 36 -18.43 31.93 31.10
CA ASN F 36 -16.99 32.02 31.27
C ASN F 36 -16.56 33.08 32.26
N TRP F 37 -15.27 33.02 32.59
CA TRP F 37 -14.61 33.82 33.61
C TRP F 37 -13.47 34.61 32.99
N ILE F 38 -13.42 35.91 33.29
CA ILE F 38 -12.41 36.83 32.77
C ILE F 38 -11.85 37.61 33.96
N ARG F 39 -10.53 37.77 34.03
CA ARG F 39 -9.94 38.58 35.08
C ARG F 39 -9.15 39.74 34.50
N GLN F 40 -9.11 40.84 35.25
CA GLN F 40 -8.44 42.07 34.83
C GLN F 40 -7.45 42.47 35.91
N PHE F 41 -6.18 42.47 35.57
CA PHE F 41 -5.12 42.71 36.53
C PHE F 41 -5.05 44.18 36.92
N PRO F 42 -4.40 44.50 38.04
CA PRO F 42 -4.05 45.90 38.28
C PRO F 42 -2.94 46.32 37.32
N GLY F 43 -3.09 47.51 36.75
CA GLY F 43 -2.33 47.76 35.53
C GLY F 43 -3.04 47.02 34.41
N LYS F 44 -4.22 47.53 34.06
CA LYS F 44 -5.33 46.80 33.47
C LYS F 44 -5.03 46.06 32.17
N LYS F 45 -5.03 44.74 32.24
CA LYS F 45 -4.96 43.87 31.08
C LYS F 45 -5.91 42.71 31.28
N LEU F 46 -6.87 42.56 30.37
CA LEU F 46 -7.85 41.51 30.46
C LEU F 46 -7.23 40.17 30.11
N GLU F 47 -7.79 39.09 30.66
CA GLU F 47 -7.21 37.77 30.49
C GLU F 47 -8.32 36.74 30.65
N TRP F 48 -8.53 35.94 29.61
CA TRP F 48 -9.58 34.95 29.60
C TRP F 48 -9.14 33.68 30.31
N MET F 49 -10.03 33.11 31.11
CA MET F 49 -9.69 31.96 31.94
C MET F 49 -10.30 30.66 31.47
N GLY F 50 -11.59 30.63 31.19
CA GLY F 50 -12.20 29.45 30.62
C GLY F 50 -13.70 29.47 30.77
N TYR F 51 -14.37 28.57 30.04
CA TYR F 51 -15.82 28.48 30.06
C TYR F 51 -16.31 27.10 30.44
N ILE F 52 -17.57 27.04 30.84
CA ILE F 52 -18.35 25.80 30.88
C ILE F 52 -19.50 25.95 29.89
N ASN F 53 -19.76 24.88 29.15
CA ASN F 53 -20.72 24.94 28.06
C ASN F 53 -22.14 24.81 28.63
N PHE F 54 -23.15 24.92 27.77
CA PHE F 54 -24.53 24.66 28.16
C PHE F 54 -24.75 23.19 28.45
N ASP F 55 -23.89 22.30 27.94
CA ASP F 55 -24.04 20.88 28.14
C ASP F 55 -22.96 20.30 29.04
N GLY F 56 -22.33 21.12 29.87
CA GLY F 56 -21.41 20.64 30.87
C GLY F 56 -19.97 20.53 30.44
N GLY F 57 -19.69 20.58 29.14
CA GLY F 57 -18.32 20.55 28.68
C GLY F 57 -17.58 21.82 29.04
N THR F 58 -16.26 21.71 29.13
CA THR F 58 -15.46 22.81 29.64
C THR F 58 -14.20 22.97 28.80
N THR F 59 -13.60 24.16 28.89
CA THR F 59 -12.38 24.47 28.15
C THR F 59 -11.68 25.59 28.89
N TYR F 60 -10.39 25.44 29.17
CA TYR F 60 -9.65 26.39 30.00
C TYR F 60 -8.47 26.98 29.24
N ASN F 61 -7.96 28.08 29.76
CA ASN F 61 -6.80 28.75 29.20
C ASN F 61 -5.55 27.94 29.52
N PRO F 62 -4.68 27.64 28.54
CA PRO F 62 -3.48 26.85 28.84
C PRO F 62 -2.47 27.49 29.77
N SER F 63 -2.52 28.81 29.99
CA SER F 63 -1.62 29.42 30.96
C SER F 63 -2.04 29.12 32.39
N LEU F 64 -3.28 28.69 32.60
CA LEU F 64 -3.77 28.25 33.89
C LEU F 64 -3.90 26.73 33.80
N ARG F 65 -2.79 26.04 33.96
CA ARG F 65 -2.72 24.61 33.73
C ARG F 65 -2.92 23.87 35.05
N GLY F 66 -3.93 23.01 35.10
CA GLY F 66 -4.24 22.26 36.29
C GLY F 66 -4.79 23.04 37.46
N ARG F 67 -4.75 24.37 37.43
CA ARG F 67 -5.10 25.21 38.56
C ARG F 67 -6.54 25.68 38.52
N ILE F 68 -7.20 25.59 37.38
CA ILE F 68 -8.56 26.09 37.23
C ILE F 68 -9.49 24.92 36.97
N SER F 69 -10.70 25.01 37.50
CA SER F 69 -11.77 24.07 37.20
C SER F 69 -13.08 24.82 37.35
N ILE F 70 -14.00 24.61 36.41
CA ILE F 70 -15.29 25.28 36.42
C ILE F 70 -16.37 24.22 36.49
N THR F 71 -17.21 24.31 37.50
CA THR F 71 -18.32 23.41 37.74
C THR F 71 -19.61 24.21 37.69
N ARG F 72 -20.73 23.50 37.66
CA ARG F 72 -22.03 24.17 37.66
C ARG F 72 -22.99 23.44 38.57
N ASP F 73 -24.10 24.10 38.85
CA ASP F 73 -25.17 23.58 39.72
C ASP F 73 -26.49 23.97 39.05
N THR F 74 -27.02 23.07 38.22
CA THR F 74 -28.16 23.39 37.38
C THR F 74 -29.47 23.50 38.13
N SER F 75 -29.48 23.23 39.44
CA SER F 75 -30.71 23.32 40.21
C SER F 75 -31.12 24.77 40.47
N LYS F 76 -30.15 25.70 40.47
CA LYS F 76 -30.46 27.09 40.78
C LYS F 76 -29.69 28.08 39.90
N ASN F 77 -29.16 27.63 38.77
CA ASN F 77 -28.41 28.43 37.78
C ASN F 77 -27.18 29.09 38.40
N GLN F 78 -26.22 28.26 38.78
CA GLN F 78 -24.95 28.75 39.29
C GLN F 78 -23.81 28.05 38.57
N PHE F 79 -22.72 28.78 38.35
CA PHE F 79 -21.48 28.18 37.90
C PHE F 79 -20.33 28.76 38.71
N PHE F 80 -19.32 27.93 38.94
CA PHE F 80 -18.33 28.18 39.98
C PHE F 80 -16.92 28.26 39.39
N LEU F 81 -16.10 29.12 39.96
CA LEU F 81 -14.68 29.21 39.64
C LEU F 81 -13.90 28.68 40.82
N GLN F 82 -12.98 27.76 40.57
CA GLN F 82 -12.19 27.14 41.62
C GLN F 82 -10.74 27.19 41.17
N LEU F 83 -10.02 28.21 41.63
CA LEU F 83 -8.63 28.48 41.24
C LEU F 83 -7.73 28.14 42.42
N ARG F 84 -6.91 27.11 42.27
CA ARG F 84 -6.22 26.53 43.40
C ARG F 84 -4.73 26.85 43.38
N SER F 85 -4.12 26.75 44.57
CA SER F 85 -2.70 27.03 44.85
C SER F 85 -2.32 28.44 44.39
N VAL F 86 -2.96 29.42 45.03
CA VAL F 86 -2.98 30.78 44.50
C VAL F 86 -1.70 31.51 44.89
N THR F 87 -1.13 32.22 43.92
CA THR F 87 0.06 33.04 44.05
C THR F 87 -0.41 34.42 44.50
N PRO F 88 0.45 35.25 45.10
CA PRO F 88 0.08 36.66 45.31
C PRO F 88 0.17 37.54 44.09
N GLU F 89 0.38 37.00 42.88
CA GLU F 89 0.45 37.83 41.69
C GLU F 89 -0.91 38.04 41.04
N ASP F 90 -1.83 37.10 41.19
CA ASP F 90 -3.14 37.19 40.55
C ASP F 90 -4.18 37.78 41.51
N THR F 91 -3.91 39.02 41.88
CA THR F 91 -4.86 39.81 42.65
C THR F 91 -5.67 40.72 41.72
N ALA F 92 -6.43 40.08 40.85
CA ALA F 92 -7.15 40.73 39.78
C ALA F 92 -8.60 40.99 40.17
N THR F 93 -9.38 41.47 39.21
CA THR F 93 -10.82 41.64 39.34
C THR F 93 -11.50 40.60 38.47
N TYR F 94 -12.29 39.73 39.07
CA TYR F 94 -12.85 38.57 38.38
C TYR F 94 -14.27 38.86 37.91
N TYR F 95 -14.53 38.54 36.64
CA TYR F 95 -15.82 38.77 36.00
C TYR F 95 -16.39 37.44 35.53
N CYS F 96 -17.72 37.33 35.52
CA CYS F 96 -18.41 36.24 34.84
C CYS F 96 -19.17 36.82 33.66
N ALA F 97 -19.08 36.16 32.51
CA ALA F 97 -19.61 36.71 31.27
C ALA F 97 -20.31 35.60 30.49
N THR F 98 -20.81 35.96 29.30
CA THR F 98 -21.69 35.10 28.52
C THR F 98 -21.31 35.19 27.06
N PHE F 99 -21.21 34.04 26.40
CA PHE F 99 -20.73 33.92 25.04
C PHE F 99 -21.83 33.38 24.16
N TYR F 100 -22.19 34.14 23.12
CA TYR F 100 -23.39 33.85 22.33
C TYR F 100 -23.21 32.60 21.49
N GLY F 101 -22.02 32.41 20.93
CA GLY F 101 -21.79 31.24 20.11
C GLY F 101 -22.01 31.49 18.64
N ALA F 102 -23.22 31.87 18.27
CA ALA F 102 -23.50 32.20 16.87
C ALA F 102 -23.00 33.59 16.52
N LYS F 103 -22.95 34.49 17.50
CA LYS F 103 -22.42 35.83 17.28
C LYS F 103 -20.93 35.89 17.56
N GLY F 104 -20.45 35.18 18.57
CA GLY F 104 -19.03 35.01 18.79
C GLY F 104 -18.43 35.89 19.85
N THR F 105 -19.18 36.81 20.43
CA THR F 105 -18.63 37.82 21.32
C THR F 105 -19.15 37.66 22.74
N LEU F 106 -18.39 38.20 23.69
CA LEU F 106 -18.77 38.19 25.10
C LEU F 106 -19.83 39.27 25.30
N ASP F 107 -21.10 38.86 25.29
CA ASP F 107 -22.19 39.82 25.22
C ASP F 107 -22.51 40.41 26.58
N TYR F 108 -22.88 39.58 27.54
CA TYR F 108 -23.28 40.04 28.85
C TYR F 108 -22.13 39.84 29.82
N TRP F 109 -22.06 40.71 30.83
CA TRP F 109 -20.95 40.73 31.76
C TRP F 109 -21.49 40.81 33.17
N GLY F 110 -20.65 40.42 34.12
CA GLY F 110 -20.98 40.54 35.52
C GLY F 110 -20.64 41.91 36.06
N GLN F 111 -20.83 42.08 37.35
CA GLN F 111 -20.48 43.34 37.97
C GLN F 111 -18.99 43.41 38.26
N GLY F 112 -18.40 42.30 38.66
CA GLY F 112 -16.98 42.23 38.92
C GLY F 112 -16.66 42.30 40.40
N THR F 113 -15.90 41.33 40.88
CA THR F 113 -15.50 41.29 42.28
C THR F 113 -13.98 41.25 42.36
N SER F 114 -13.44 41.95 43.34
CA SER F 114 -12.00 42.09 43.47
C SER F 114 -11.48 41.09 44.50
N VAL F 115 -10.42 40.39 44.15
CA VAL F 115 -9.80 39.40 45.03
C VAL F 115 -8.38 39.85 45.30
N THR F 116 -8.01 39.94 46.57
CA THR F 116 -6.67 40.30 46.99
C THR F 116 -6.01 39.10 47.65
N VAL F 117 -4.83 38.72 47.17
CA VAL F 117 -4.13 37.56 47.70
C VAL F 117 -2.97 38.08 48.53
N SER F 118 -3.13 38.12 49.85
CA SER F 118 -2.11 38.62 50.73
C SER F 118 -2.05 37.74 51.98
N SER F 119 -1.16 38.09 52.89
CA SER F 119 -0.97 37.32 54.11
C SER F 119 -0.91 38.22 55.35
#